data_1VYI
# 
_entry.id   1VYI 
# 
_audit_conform.dict_name       mmcif_pdbx.dic 
_audit_conform.dict_version    5.391 
_audit_conform.dict_location   http://mmcif.pdb.org/dictionaries/ascii/mmcif_pdbx.dic 
# 
loop_
_database_2.database_id 
_database_2.database_code 
_database_2.pdbx_database_accession 
_database_2.pdbx_DOI 
PDB   1VYI         pdb_00001vyi 10.2210/pdb1vyi/pdb 
PDBE  EBI-15023    ?            ?                   
WWPDB D_1290015023 ?            ?                   
# 
loop_
_pdbx_audit_revision_history.ordinal 
_pdbx_audit_revision_history.data_content_type 
_pdbx_audit_revision_history.major_revision 
_pdbx_audit_revision_history.minor_revision 
_pdbx_audit_revision_history.revision_date 
1 'Structure model' 1 0 2004-10-15 
2 'Structure model' 1 1 2011-05-08 
3 'Structure model' 1 2 2011-07-13 
4 'Structure model' 1 3 2019-04-24 
5 'Structure model' 1 4 2024-05-08 
# 
_pdbx_audit_revision_details.ordinal             1 
_pdbx_audit_revision_details.revision_ordinal    1 
_pdbx_audit_revision_details.data_content_type   'Structure model' 
_pdbx_audit_revision_details.provider            repository 
_pdbx_audit_revision_details.type                'Initial release' 
_pdbx_audit_revision_details.description         ? 
_pdbx_audit_revision_details.details             ? 
# 
loop_
_pdbx_audit_revision_group.ordinal 
_pdbx_audit_revision_group.revision_ordinal 
_pdbx_audit_revision_group.data_content_type 
_pdbx_audit_revision_group.group 
1  2 'Structure model' 'Version format compliance' 
2  3 'Structure model' 'Version format compliance' 
3  4 'Structure model' Advisory                    
4  4 'Structure model' 'Data collection'           
5  4 'Structure model' Other                       
6  4 'Structure model' 'Source and taxonomy'       
7  5 'Structure model' Advisory                    
8  5 'Structure model' 'Data collection'           
9  5 'Structure model' 'Database references'       
10 5 'Structure model' 'Derived calculations'      
11 5 'Structure model' Other                       
# 
loop_
_pdbx_audit_revision_category.ordinal 
_pdbx_audit_revision_category.revision_ordinal 
_pdbx_audit_revision_category.data_content_type 
_pdbx_audit_revision_category.category 
1  4 'Structure model' database_PDB_rev             
2  4 'Structure model' database_PDB_rev_record      
3  4 'Structure model' entity_src_gen               
4  4 'Structure model' pdbx_database_proc           
5  4 'Structure model' pdbx_database_status         
6  4 'Structure model' pdbx_unobs_or_zero_occ_atoms 
7  4 'Structure model' struct_biol                  
8  5 'Structure model' chem_comp_atom               
9  5 'Structure model' chem_comp_bond               
10 5 'Structure model' database_2                   
11 5 'Structure model' pdbx_database_status         
12 5 'Structure model' pdbx_unobs_or_zero_occ_atoms 
13 5 'Structure model' struct_site                  
# 
loop_
_pdbx_audit_revision_item.ordinal 
_pdbx_audit_revision_item.revision_ordinal 
_pdbx_audit_revision_item.data_content_type 
_pdbx_audit_revision_item.item 
1  4 'Structure model' '_entity_src_gen.gene_src_strain'                
2  4 'Structure model' '_entity_src_gen.pdbx_gene_src_ncbi_taxonomy_id' 
3  4 'Structure model' '_entity_src_gen.pdbx_gene_src_scientific_name'  
4  4 'Structure model' '_entity_src_gen.pdbx_host_org_cell_line'        
5  4 'Structure model' '_pdbx_database_status.recvd_author_approval'    
6  5 'Structure model' '_database_2.pdbx_DOI'                           
7  5 'Structure model' '_database_2.pdbx_database_accession'            
8  5 'Structure model' '_pdbx_database_status.status_code_sf'           
9  5 'Structure model' '_struct_site.pdbx_auth_asym_id'                 
10 5 'Structure model' '_struct_site.pdbx_auth_comp_id'                 
11 5 'Structure model' '_struct_site.pdbx_auth_seq_id'                  
# 
_database_PDB_caveat.id     1 
_database_PDB_caveat.text   'MODEL    0  SER A  296  C-ALPHA IS PLANAR' 
# 
_pdbx_database_status.status_code                     REL 
_pdbx_database_status.entry_id                        1VYI 
_pdbx_database_status.deposit_site                    PDBE 
_pdbx_database_status.process_site                    PDBE 
_pdbx_database_status.SG_entry                        . 
_pdbx_database_status.recvd_initial_deposition_date   2004-04-30 
_pdbx_database_status.pdb_format_compatible           Y 
_pdbx_database_status.status_code_sf                  REL 
_pdbx_database_status.status_code_mr                  ? 
_pdbx_database_status.status_code_cs                  ? 
_pdbx_database_status.methods_development_category    ? 
_pdbx_database_status.status_code_nmr_data            ? 
# 
loop_
_audit_author.name 
_audit_author.pdbx_ordinal 
'Mavrakis, M.'    1 
'McCarthy, A.A.'  2 
'Roche, S.'       3 
'Blondel, D.'     4 
'Ruigrok, R.W.H.' 5 
# 
_citation.id                        primary 
_citation.title                     'Structure and Function of the C-Terminal Domain of the Polymerase Cofactor of Rabies Virus' 
_citation.journal_abbrev            J.Mol.Biol. 
_citation.journal_volume            343 
_citation.page_first                819 
_citation.page_last                 ? 
_citation.year                      2004 
_citation.journal_id_ASTM           JMOBAK 
_citation.country                   UK 
_citation.journal_id_ISSN           0022-2836 
_citation.journal_id_CSD            0070 
_citation.book_publisher            ? 
_citation.pdbx_database_id_PubMed   15476803 
_citation.pdbx_database_id_DOI      10.1016/J.JMB.2004.08.071 
# 
loop_
_citation_author.citation_id 
_citation_author.name 
_citation_author.ordinal 
_citation_author.identifier_ORCID 
primary 'Mavrakis, M.'    1 ? 
primary 'Mccarthy, A.A.'  2 ? 
primary 'Roche, S.'       3 ? 
primary 'Blondel, D.'     4 ? 
primary 'Ruigrok, R.W.H.' 5 ? 
# 
loop_
_entity.id 
_entity.type 
_entity.src_method 
_entity.pdbx_description 
_entity.formula_weight 
_entity.pdbx_number_of_molecules 
_entity.pdbx_ec 
_entity.pdbx_mutation 
_entity.pdbx_fragment 
_entity.details 
1 polymer     man 'RNA POLYMERASE ALPHA SUBUNIT' 12712.466 1   2.7.7.48 ? 'C-TERMINAL DOMAIN, RESIDUES 186-297' ? 
2 non-polymer syn GLYCEROL                       92.094    5   ?        ? ?                                     ? 
3 water       nat water                          18.015    119 ?        ? ?                                     ? 
# 
_entity_name_com.entity_id   1 
_entity_name_com.name        'PHOSPHOPROTEIN, NONSTRUCTURAL PROTEIN, M1' 
# 
_entity_poly.entity_id                      1 
_entity_poly.type                           'polypeptide(L)' 
_entity_poly.nstd_linkage                   no 
_entity_poly.nstd_monomer                   no 
_entity_poly.pdbx_seq_one_letter_code       
;WSATNEEDDLSVEAEIAHQIAESFSKKYKFPSRSSGIFLYNFEQLKMNLDDIVKEAKNVPGVTRLAHDGSKIPLRCVLGW
VALANSKKFQLLVEADKLSKIMQDDLNRYTSC
;
_entity_poly.pdbx_seq_one_letter_code_can   
;WSATNEEDDLSVEAEIAHQIAESFSKKYKFPSRSSGIFLYNFEQLKMNLDDIVKEAKNVPGVTRLAHDGSKIPLRCVLGW
VALANSKKFQLLVEADKLSKIMQDDLNRYTSC
;
_entity_poly.pdbx_strand_id                 A 
_entity_poly.pdbx_target_identifier         ? 
# 
loop_
_pdbx_entity_nonpoly.entity_id 
_pdbx_entity_nonpoly.name 
_pdbx_entity_nonpoly.comp_id 
2 GLYCEROL GOL 
3 water    HOH 
# 
loop_
_entity_poly_seq.entity_id 
_entity_poly_seq.num 
_entity_poly_seq.mon_id 
_entity_poly_seq.hetero 
1 1   TRP n 
1 2   SER n 
1 3   ALA n 
1 4   THR n 
1 5   ASN n 
1 6   GLU n 
1 7   GLU n 
1 8   ASP n 
1 9   ASP n 
1 10  LEU n 
1 11  SER n 
1 12  VAL n 
1 13  GLU n 
1 14  ALA n 
1 15  GLU n 
1 16  ILE n 
1 17  ALA n 
1 18  HIS n 
1 19  GLN n 
1 20  ILE n 
1 21  ALA n 
1 22  GLU n 
1 23  SER n 
1 24  PHE n 
1 25  SER n 
1 26  LYS n 
1 27  LYS n 
1 28  TYR n 
1 29  LYS n 
1 30  PHE n 
1 31  PRO n 
1 32  SER n 
1 33  ARG n 
1 34  SER n 
1 35  SER n 
1 36  GLY n 
1 37  ILE n 
1 38  PHE n 
1 39  LEU n 
1 40  TYR n 
1 41  ASN n 
1 42  PHE n 
1 43  GLU n 
1 44  GLN n 
1 45  LEU n 
1 46  LYS n 
1 47  MET n 
1 48  ASN n 
1 49  LEU n 
1 50  ASP n 
1 51  ASP n 
1 52  ILE n 
1 53  VAL n 
1 54  LYS n 
1 55  GLU n 
1 56  ALA n 
1 57  LYS n 
1 58  ASN n 
1 59  VAL n 
1 60  PRO n 
1 61  GLY n 
1 62  VAL n 
1 63  THR n 
1 64  ARG n 
1 65  LEU n 
1 66  ALA n 
1 67  HIS n 
1 68  ASP n 
1 69  GLY n 
1 70  SER n 
1 71  LYS n 
1 72  ILE n 
1 73  PRO n 
1 74  LEU n 
1 75  ARG n 
1 76  CYS n 
1 77  VAL n 
1 78  LEU n 
1 79  GLY n 
1 80  TRP n 
1 81  VAL n 
1 82  ALA n 
1 83  LEU n 
1 84  ALA n 
1 85  ASN n 
1 86  SER n 
1 87  LYS n 
1 88  LYS n 
1 89  PHE n 
1 90  GLN n 
1 91  LEU n 
1 92  LEU n 
1 93  VAL n 
1 94  GLU n 
1 95  ALA n 
1 96  ASP n 
1 97  LYS n 
1 98  LEU n 
1 99  SER n 
1 100 LYS n 
1 101 ILE n 
1 102 MET n 
1 103 GLN n 
1 104 ASP n 
1 105 ASP n 
1 106 LEU n 
1 107 ASN n 
1 108 ARG n 
1 109 TYR n 
1 110 THR n 
1 111 SER n 
1 112 CYS n 
# 
_entity_src_gen.entity_id                          1 
_entity_src_gen.pdbx_src_id                        1 
_entity_src_gen.pdbx_alt_source_flag               sample 
_entity_src_gen.pdbx_seq_type                      ? 
_entity_src_gen.pdbx_beg_seq_num                   ? 
_entity_src_gen.pdbx_end_seq_num                   ? 
_entity_src_gen.gene_src_common_name               ? 
_entity_src_gen.gene_src_genus                     ? 
_entity_src_gen.pdbx_gene_src_gene                 ? 
_entity_src_gen.gene_src_species                   ? 
_entity_src_gen.gene_src_strain                    ? 
_entity_src_gen.gene_src_tissue                    ? 
_entity_src_gen.gene_src_tissue_fraction           ? 
_entity_src_gen.gene_src_details                   ? 
_entity_src_gen.pdbx_gene_src_fragment             ? 
_entity_src_gen.pdbx_gene_src_scientific_name      ' Rabies virus CVS-11' 
_entity_src_gen.pdbx_gene_src_ncbi_taxonomy_id     11294 
_entity_src_gen.pdbx_gene_src_variant              ? 
_entity_src_gen.pdbx_gene_src_cell_line            ? 
_entity_src_gen.pdbx_gene_src_atcc                 ? 
_entity_src_gen.pdbx_gene_src_organ                ? 
_entity_src_gen.pdbx_gene_src_organelle            ? 
_entity_src_gen.pdbx_gene_src_cell                 ? 
_entity_src_gen.pdbx_gene_src_cellular_location    ? 
_entity_src_gen.host_org_common_name               ? 
_entity_src_gen.pdbx_host_org_scientific_name      'SPODOPTERA FRUGIPERDA' 
_entity_src_gen.pdbx_host_org_ncbi_taxonomy_id     7108 
_entity_src_gen.host_org_genus                     ? 
_entity_src_gen.pdbx_host_org_gene                 ? 
_entity_src_gen.pdbx_host_org_organ                ? 
_entity_src_gen.host_org_species                   ? 
_entity_src_gen.pdbx_host_org_tissue               ? 
_entity_src_gen.pdbx_host_org_tissue_fraction      ? 
_entity_src_gen.pdbx_host_org_strain               ? 
_entity_src_gen.pdbx_host_org_variant              ? 
_entity_src_gen.pdbx_host_org_cell_line            Sf21 
_entity_src_gen.pdbx_host_org_atcc                 ? 
_entity_src_gen.pdbx_host_org_culture_collection   ? 
_entity_src_gen.pdbx_host_org_cell                 ? 
_entity_src_gen.pdbx_host_org_organelle            ? 
_entity_src_gen.pdbx_host_org_cellular_location    ? 
_entity_src_gen.pdbx_host_org_vector_type          BACULOVIRUS 
_entity_src_gen.pdbx_host_org_vector               ? 
_entity_src_gen.host_org_details                   ? 
_entity_src_gen.expression_system_id               ? 
_entity_src_gen.plasmid_name                       ACNPVM1 
_entity_src_gen.plasmid_details                    ? 
_entity_src_gen.pdbx_description                   ? 
# 
loop_
_chem_comp.id 
_chem_comp.type 
_chem_comp.mon_nstd_flag 
_chem_comp.name 
_chem_comp.pdbx_synonyms 
_chem_comp.formula 
_chem_comp.formula_weight 
ALA 'L-peptide linking' y ALANINE         ?                               'C3 H7 N O2'     89.093  
ARG 'L-peptide linking' y ARGININE        ?                               'C6 H15 N4 O2 1' 175.209 
ASN 'L-peptide linking' y ASPARAGINE      ?                               'C4 H8 N2 O3'    132.118 
ASP 'L-peptide linking' y 'ASPARTIC ACID' ?                               'C4 H7 N O4'     133.103 
CYS 'L-peptide linking' y CYSTEINE        ?                               'C3 H7 N O2 S'   121.158 
GLN 'L-peptide linking' y GLUTAMINE       ?                               'C5 H10 N2 O3'   146.144 
GLU 'L-peptide linking' y 'GLUTAMIC ACID' ?                               'C5 H9 N O4'     147.129 
GLY 'peptide linking'   y GLYCINE         ?                               'C2 H5 N O2'     75.067  
GOL non-polymer         . GLYCEROL        'GLYCERIN; PROPANE-1,2,3-TRIOL' 'C3 H8 O3'       92.094  
HIS 'L-peptide linking' y HISTIDINE       ?                               'C6 H10 N3 O2 1' 156.162 
HOH non-polymer         . WATER           ?                               'H2 O'           18.015  
ILE 'L-peptide linking' y ISOLEUCINE      ?                               'C6 H13 N O2'    131.173 
LEU 'L-peptide linking' y LEUCINE         ?                               'C6 H13 N O2'    131.173 
LYS 'L-peptide linking' y LYSINE          ?                               'C6 H15 N2 O2 1' 147.195 
MET 'L-peptide linking' y METHIONINE      ?                               'C5 H11 N O2 S'  149.211 
PHE 'L-peptide linking' y PHENYLALANINE   ?                               'C9 H11 N O2'    165.189 
PRO 'L-peptide linking' y PROLINE         ?                               'C5 H9 N O2'     115.130 
SER 'L-peptide linking' y SERINE          ?                               'C3 H7 N O3'     105.093 
THR 'L-peptide linking' y THREONINE       ?                               'C4 H9 N O3'     119.119 
TRP 'L-peptide linking' y TRYPTOPHAN      ?                               'C11 H12 N2 O2'  204.225 
TYR 'L-peptide linking' y TYROSINE        ?                               'C9 H11 N O3'    181.189 
VAL 'L-peptide linking' y VALINE          ?                               'C5 H11 N O2'    117.146 
# 
loop_
_pdbx_poly_seq_scheme.asym_id 
_pdbx_poly_seq_scheme.entity_id 
_pdbx_poly_seq_scheme.seq_id 
_pdbx_poly_seq_scheme.mon_id 
_pdbx_poly_seq_scheme.ndb_seq_num 
_pdbx_poly_seq_scheme.pdb_seq_num 
_pdbx_poly_seq_scheme.auth_seq_num 
_pdbx_poly_seq_scheme.pdb_mon_id 
_pdbx_poly_seq_scheme.auth_mon_id 
_pdbx_poly_seq_scheme.pdb_strand_id 
_pdbx_poly_seq_scheme.pdb_ins_code 
_pdbx_poly_seq_scheme.hetero 
A 1 1   TRP 1   186 186 TRP TRP A . n 
A 1 2   SER 2   187 187 SER SER A . n 
A 1 3   ALA 3   188 188 ALA ALA A . n 
A 1 4   THR 4   189 189 THR THR A . n 
A 1 5   ASN 5   190 190 ASN ASN A . n 
A 1 6   GLU 6   191 191 GLU GLU A . n 
A 1 7   GLU 7   192 192 GLU GLU A . n 
A 1 8   ASP 8   193 193 ASP ASP A . n 
A 1 9   ASP 9   194 194 ASP ASP A . n 
A 1 10  LEU 10  195 195 LEU LEU A . n 
A 1 11  SER 11  196 196 SER SER A . n 
A 1 12  VAL 12  197 197 VAL VAL A . n 
A 1 13  GLU 13  198 198 GLU GLU A . n 
A 1 14  ALA 14  199 199 ALA ALA A . n 
A 1 15  GLU 15  200 200 GLU GLU A . n 
A 1 16  ILE 16  201 201 ILE ILE A . n 
A 1 17  ALA 17  202 202 ALA ALA A . n 
A 1 18  HIS 18  203 203 HIS HIS A . n 
A 1 19  GLN 19  204 204 GLN GLN A . n 
A 1 20  ILE 20  205 205 ILE ILE A . n 
A 1 21  ALA 21  206 206 ALA ALA A . n 
A 1 22  GLU 22  207 207 GLU GLU A . n 
A 1 23  SER 23  208 208 SER SER A . n 
A 1 24  PHE 24  209 209 PHE PHE A . n 
A 1 25  SER 25  210 210 SER SER A . n 
A 1 26  LYS 26  211 211 LYS LYS A . n 
A 1 27  LYS 27  212 212 LYS LYS A . n 
A 1 28  TYR 28  213 213 TYR TYR A . n 
A 1 29  LYS 29  214 214 LYS LYS A . n 
A 1 30  PHE 30  215 215 PHE PHE A . n 
A 1 31  PRO 31  216 216 PRO PRO A . n 
A 1 32  SER 32  217 217 SER SER A . n 
A 1 33  ARG 33  218 218 ARG ARG A . n 
A 1 34  SER 34  219 219 SER SER A . n 
A 1 35  SER 35  220 220 SER SER A . n 
A 1 36  GLY 36  221 221 GLY GLY A . n 
A 1 37  ILE 37  222 222 ILE ILE A . n 
A 1 38  PHE 38  223 223 PHE PHE A . n 
A 1 39  LEU 39  224 224 LEU LEU A . n 
A 1 40  TYR 40  225 225 TYR TYR A . n 
A 1 41  ASN 41  226 226 ASN ASN A . n 
A 1 42  PHE 42  227 227 PHE PHE A . n 
A 1 43  GLU 43  228 228 GLU GLU A . n 
A 1 44  GLN 44  229 229 GLN GLN A . n 
A 1 45  LEU 45  230 230 LEU LEU A . n 
A 1 46  LYS 46  231 231 LYS LYS A . n 
A 1 47  MET 47  232 232 MET MET A . n 
A 1 48  ASN 48  233 233 ASN ASN A . n 
A 1 49  LEU 49  234 234 LEU LEU A . n 
A 1 50  ASP 50  235 235 ASP ASP A . n 
A 1 51  ASP 51  236 236 ASP ASP A . n 
A 1 52  ILE 52  237 237 ILE ILE A . n 
A 1 53  VAL 53  238 238 VAL VAL A . n 
A 1 54  LYS 54  239 239 LYS LYS A . n 
A 1 55  GLU 55  240 240 GLU GLU A . n 
A 1 56  ALA 56  241 241 ALA ALA A . n 
A 1 57  LYS 57  242 242 LYS LYS A . n 
A 1 58  ASN 58  243 243 ASN ASN A . n 
A 1 59  VAL 59  244 244 VAL VAL A . n 
A 1 60  PRO 60  245 245 PRO PRO A . n 
A 1 61  GLY 61  246 246 GLY GLY A . n 
A 1 62  VAL 62  247 247 VAL VAL A . n 
A 1 63  THR 63  248 248 THR THR A . n 
A 1 64  ARG 64  249 249 ARG ARG A . n 
A 1 65  LEU 65  250 250 LEU LEU A . n 
A 1 66  ALA 66  251 251 ALA ALA A . n 
A 1 67  HIS 67  252 252 HIS HIS A . n 
A 1 68  ASP 68  253 253 ASP ASP A . n 
A 1 69  GLY 69  254 254 GLY GLY A . n 
A 1 70  SER 70  255 255 SER SER A . n 
A 1 71  LYS 71  256 256 LYS LYS A . n 
A 1 72  ILE 72  257 257 ILE ILE A . n 
A 1 73  PRO 73  258 258 PRO PRO A . n 
A 1 74  LEU 74  259 259 LEU LEU A . n 
A 1 75  ARG 75  260 260 ARG ARG A . n 
A 1 76  CYS 76  261 261 CYS CYS A . n 
A 1 77  VAL 77  262 262 VAL VAL A . n 
A 1 78  LEU 78  263 263 LEU LEU A . n 
A 1 79  GLY 79  264 264 GLY GLY A . n 
A 1 80  TRP 80  265 265 TRP TRP A . n 
A 1 81  VAL 81  266 266 VAL VAL A . n 
A 1 82  ALA 82  267 267 ALA ALA A . n 
A 1 83  LEU 83  268 268 LEU LEU A . n 
A 1 84  ALA 84  269 269 ALA ALA A . n 
A 1 85  ASN 85  270 270 ASN ASN A . n 
A 1 86  SER 86  271 271 SER SER A . n 
A 1 87  LYS 87  272 272 LYS LYS A . n 
A 1 88  LYS 88  273 273 LYS LYS A . n 
A 1 89  PHE 89  274 274 PHE PHE A . n 
A 1 90  GLN 90  275 275 GLN GLN A . n 
A 1 91  LEU 91  276 276 LEU LEU A . n 
A 1 92  LEU 92  277 277 LEU LEU A . n 
A 1 93  VAL 93  278 278 VAL VAL A . n 
A 1 94  GLU 94  279 279 GLU GLU A . n 
A 1 95  ALA 95  280 280 ALA ALA A . n 
A 1 96  ASP 96  281 281 ASP ASP A . n 
A 1 97  LYS 97  282 282 LYS LYS A . n 
A 1 98  LEU 98  283 283 LEU LEU A . n 
A 1 99  SER 99  284 284 SER SER A . n 
A 1 100 LYS 100 285 285 LYS LYS A . n 
A 1 101 ILE 101 286 286 ILE ILE A . n 
A 1 102 MET 102 287 287 MET MET A . n 
A 1 103 GLN 103 288 288 GLN GLN A . n 
A 1 104 ASP 104 289 289 ASP ASP A . n 
A 1 105 ASP 105 290 290 ASP ASP A . n 
A 1 106 LEU 106 291 291 LEU LEU A . n 
A 1 107 ASN 107 292 292 ASN ASN A . n 
A 1 108 ARG 108 293 293 ARG ARG A . n 
A 1 109 TYR 109 294 294 TYR TYR A . n 
A 1 110 THR 110 295 295 THR THR A . n 
A 1 111 SER 111 296 296 SER SER A . n 
A 1 112 CYS 112 297 ?   ?   ?   A . n 
# 
loop_
_pdbx_nonpoly_scheme.asym_id 
_pdbx_nonpoly_scheme.entity_id 
_pdbx_nonpoly_scheme.mon_id 
_pdbx_nonpoly_scheme.ndb_seq_num 
_pdbx_nonpoly_scheme.pdb_seq_num 
_pdbx_nonpoly_scheme.auth_seq_num 
_pdbx_nonpoly_scheme.pdb_mon_id 
_pdbx_nonpoly_scheme.auth_mon_id 
_pdbx_nonpoly_scheme.pdb_strand_id 
_pdbx_nonpoly_scheme.pdb_ins_code 
B 2 GOL 1   1297 1297 GOL GOL A . 
C 2 GOL 1   1298 1298 GOL GOL A . 
D 2 GOL 1   1300 1300 GOL GOL A . 
E 2 GOL 1   1301 1301 GOL GOL A . 
F 2 GOL 1   1302 1302 GOL GOL A . 
G 3 HOH 1   2001 2001 HOH HOH A . 
G 3 HOH 2   2002 2002 HOH HOH A . 
G 3 HOH 3   2003 2003 HOH HOH A . 
G 3 HOH 4   2004 2004 HOH HOH A . 
G 3 HOH 5   2005 2005 HOH HOH A . 
G 3 HOH 6   2006 2006 HOH HOH A . 
G 3 HOH 7   2007 2007 HOH HOH A . 
G 3 HOH 8   2008 2008 HOH HOH A . 
G 3 HOH 9   2009 2009 HOH HOH A . 
G 3 HOH 10  2010 2010 HOH HOH A . 
G 3 HOH 11  2011 2011 HOH HOH A . 
G 3 HOH 12  2012 2012 HOH HOH A . 
G 3 HOH 13  2013 2013 HOH HOH A . 
G 3 HOH 14  2014 2014 HOH HOH A . 
G 3 HOH 15  2015 2015 HOH HOH A . 
G 3 HOH 16  2016 2016 HOH HOH A . 
G 3 HOH 17  2017 2017 HOH HOH A . 
G 3 HOH 18  2018 2018 HOH HOH A . 
G 3 HOH 19  2019 2019 HOH HOH A . 
G 3 HOH 20  2020 2020 HOH HOH A . 
G 3 HOH 21  2021 2021 HOH HOH A . 
G 3 HOH 22  2022 2022 HOH HOH A . 
G 3 HOH 23  2023 2023 HOH HOH A . 
G 3 HOH 24  2024 2024 HOH HOH A . 
G 3 HOH 25  2025 2025 HOH HOH A . 
G 3 HOH 26  2026 2026 HOH HOH A . 
G 3 HOH 27  2027 2027 HOH HOH A . 
G 3 HOH 28  2028 2028 HOH HOH A . 
G 3 HOH 29  2029 2029 HOH HOH A . 
G 3 HOH 30  2030 2030 HOH HOH A . 
G 3 HOH 31  2031 2031 HOH HOH A . 
G 3 HOH 32  2032 2032 HOH HOH A . 
G 3 HOH 33  2033 2033 HOH HOH A . 
G 3 HOH 34  2034 2034 HOH HOH A . 
G 3 HOH 35  2035 2035 HOH HOH A . 
G 3 HOH 36  2036 2036 HOH HOH A . 
G 3 HOH 37  2037 2037 HOH HOH A . 
G 3 HOH 38  2038 2038 HOH HOH A . 
G 3 HOH 39  2039 2039 HOH HOH A . 
G 3 HOH 40  2040 2040 HOH HOH A . 
G 3 HOH 41  2041 2041 HOH HOH A . 
G 3 HOH 42  2042 2042 HOH HOH A . 
G 3 HOH 43  2043 2043 HOH HOH A . 
G 3 HOH 44  2044 2044 HOH HOH A . 
G 3 HOH 45  2045 2045 HOH HOH A . 
G 3 HOH 46  2046 2046 HOH HOH A . 
G 3 HOH 47  2047 2047 HOH HOH A . 
G 3 HOH 48  2048 2048 HOH HOH A . 
G 3 HOH 49  2049 2049 HOH HOH A . 
G 3 HOH 50  2050 2050 HOH HOH A . 
G 3 HOH 51  2051 2051 HOH HOH A . 
G 3 HOH 52  2052 2052 HOH HOH A . 
G 3 HOH 53  2053 2053 HOH HOH A . 
G 3 HOH 54  2054 2054 HOH HOH A . 
G 3 HOH 55  2055 2055 HOH HOH A . 
G 3 HOH 56  2056 2056 HOH HOH A . 
G 3 HOH 57  2057 2057 HOH HOH A . 
G 3 HOH 58  2058 2058 HOH HOH A . 
G 3 HOH 59  2059 2059 HOH HOH A . 
G 3 HOH 60  2060 2060 HOH HOH A . 
G 3 HOH 61  2061 2061 HOH HOH A . 
G 3 HOH 62  2062 2062 HOH HOH A . 
G 3 HOH 63  2063 2063 HOH HOH A . 
G 3 HOH 64  2064 2064 HOH HOH A . 
G 3 HOH 65  2065 2065 HOH HOH A . 
G 3 HOH 66  2066 2066 HOH HOH A . 
G 3 HOH 67  2067 2067 HOH HOH A . 
G 3 HOH 68  2068 2068 HOH HOH A . 
G 3 HOH 69  2069 2069 HOH HOH A . 
G 3 HOH 70  2070 2070 HOH HOH A . 
G 3 HOH 71  2071 2071 HOH HOH A . 
G 3 HOH 72  2072 2072 HOH HOH A . 
G 3 HOH 73  2073 2073 HOH HOH A . 
G 3 HOH 74  2074 2074 HOH HOH A . 
G 3 HOH 75  2075 2075 HOH HOH A . 
G 3 HOH 76  2076 2076 HOH HOH A . 
G 3 HOH 77  2077 2077 HOH HOH A . 
G 3 HOH 78  2078 2078 HOH HOH A . 
G 3 HOH 79  2079 2079 HOH HOH A . 
G 3 HOH 80  2080 2080 HOH HOH A . 
G 3 HOH 81  2081 2081 HOH HOH A . 
G 3 HOH 82  2082 2082 HOH HOH A . 
G 3 HOH 83  2083 2083 HOH HOH A . 
G 3 HOH 84  2084 2084 HOH HOH A . 
G 3 HOH 85  2085 2085 HOH HOH A . 
G 3 HOH 86  2086 2086 HOH HOH A . 
G 3 HOH 87  2087 2087 HOH HOH A . 
G 3 HOH 88  2088 2088 HOH HOH A . 
G 3 HOH 89  2089 2089 HOH HOH A . 
G 3 HOH 90  2090 2090 HOH HOH A . 
G 3 HOH 91  2091 2091 HOH HOH A . 
G 3 HOH 92  2092 2092 HOH HOH A . 
G 3 HOH 93  2093 2093 HOH HOH A . 
G 3 HOH 94  2094 2094 HOH HOH A . 
G 3 HOH 95  2095 2095 HOH HOH A . 
G 3 HOH 96  2096 2096 HOH HOH A . 
G 3 HOH 97  2097 2097 HOH HOH A . 
G 3 HOH 98  2098 2098 HOH HOH A . 
G 3 HOH 99  2099 2099 HOH HOH A . 
G 3 HOH 100 2100 2100 HOH HOH A . 
G 3 HOH 101 2101 2101 HOH HOH A . 
G 3 HOH 102 2102 2102 HOH HOH A . 
G 3 HOH 103 2103 2103 HOH HOH A . 
G 3 HOH 104 2104 2104 HOH HOH A . 
G 3 HOH 105 2105 2105 HOH HOH A . 
G 3 HOH 106 2106 2106 HOH HOH A . 
G 3 HOH 107 2107 2107 HOH HOH A . 
G 3 HOH 108 2108 2108 HOH HOH A . 
G 3 HOH 109 2109 2109 HOH HOH A . 
G 3 HOH 110 2110 2110 HOH HOH A . 
G 3 HOH 111 2111 2111 HOH HOH A . 
G 3 HOH 112 2112 2112 HOH HOH A . 
G 3 HOH 113 2113 2113 HOH HOH A . 
G 3 HOH 114 2114 2114 HOH HOH A . 
G 3 HOH 115 2115 2115 HOH HOH A . 
G 3 HOH 116 2116 2116 HOH HOH A . 
G 3 HOH 117 2117 2117 HOH HOH A . 
G 3 HOH 118 2118 2118 HOH HOH A . 
G 3 HOH 119 2119 2119 HOH HOH A . 
# 
loop_
_pdbx_unobs_or_zero_occ_atoms.id 
_pdbx_unobs_or_zero_occ_atoms.PDB_model_num 
_pdbx_unobs_or_zero_occ_atoms.polymer_flag 
_pdbx_unobs_or_zero_occ_atoms.occupancy_flag 
_pdbx_unobs_or_zero_occ_atoms.auth_asym_id 
_pdbx_unobs_or_zero_occ_atoms.auth_comp_id 
_pdbx_unobs_or_zero_occ_atoms.auth_seq_id 
_pdbx_unobs_or_zero_occ_atoms.PDB_ins_code 
_pdbx_unobs_or_zero_occ_atoms.auth_atom_id 
_pdbx_unobs_or_zero_occ_atoms.label_alt_id 
_pdbx_unobs_or_zero_occ_atoms.label_asym_id 
_pdbx_unobs_or_zero_occ_atoms.label_comp_id 
_pdbx_unobs_or_zero_occ_atoms.label_seq_id 
_pdbx_unobs_or_zero_occ_atoms.label_atom_id 
1 1 Y 0 A GLU 191 ? CD  ? A GLU 6  CD  
2 1 Y 0 A GLU 191 ? OE1 ? A GLU 6  OE1 
3 1 Y 0 A GLU 191 ? OE2 ? A GLU 6  OE2 
4 1 Y 0 A ARG 249 ? NE  ? A ARG 64 NE  
5 1 Y 0 A ARG 249 ? CZ  ? A ARG 64 CZ  
6 1 Y 0 A ARG 249 ? NH1 ? A ARG 64 NH1 
7 1 Y 0 A ARG 249 ? NH2 ? A ARG 64 NH2 
# 
loop_
_software.name 
_software.classification 
_software.version 
_software.citation_id 
_software.pdbx_ordinal 
XDS           'data reduction' . ? 1 
XSCALE        'data scaling'   . ? 2 
SOLVE/RESOLVE phasing          . ? 3 
AMoRE         phasing          . ? 4 
REFMAC        refinement       . ? 5 
# 
_cell.entry_id           1VYI 
_cell.length_a           44.300 
_cell.length_b           44.400 
_cell.length_c           106.210 
_cell.angle_alpha        90.00 
_cell.angle_beta         90.00 
_cell.angle_gamma        120.00 
_cell.Z_PDB              6 
_cell.pdbx_unique_axis   ? 
# 
_symmetry.entry_id                         1VYI 
_symmetry.space_group_name_H-M             'P 31 2 1' 
_symmetry.pdbx_full_space_group_name_H-M   ? 
_symmetry.cell_setting                     ? 
_symmetry.Int_Tables_number                152 
# 
_exptl.entry_id          1VYI 
_exptl.method            'X-RAY DIFFRACTION' 
_exptl.crystals_number   1 
# 
_exptl_crystal.id                    1 
_exptl_crystal.density_meas          ? 
_exptl_crystal.density_Matthews      2.4 
_exptl_crystal.density_percent_sol   47.7 
_exptl_crystal.description           ? 
# 
_exptl_crystal_grow.crystal_id      1 
_exptl_crystal_grow.method          ? 
_exptl_crystal_grow.temp            ? 
_exptl_crystal_grow.temp_details    ? 
_exptl_crystal_grow.pH              5.50 
_exptl_crystal_grow.pdbx_pH_range   ? 
_exptl_crystal_grow.pdbx_details    '0.2M (NH4)2SO4 0.1M BIS-TRIS, PH=5.5, 25% (W/V) PEG3350, pH 5.50' 
# 
_diffrn.id                     1 
_diffrn.ambient_temp           100.0 
_diffrn.ambient_temp_details   ? 
_diffrn.crystal_id             1 
# 
_diffrn_detector.diffrn_id              1 
_diffrn_detector.detector               CCD 
_diffrn_detector.type                   'ADSC CCD' 
_diffrn_detector.pdbx_collection_date   2003-09-11 
_diffrn_detector.details                ? 
# 
_diffrn_radiation.diffrn_id                        1 
_diffrn_radiation.wavelength_id                    1 
_diffrn_radiation.pdbx_monochromatic_or_laue_m_l   M 
_diffrn_radiation.monochromator                    ? 
_diffrn_radiation.pdbx_diffrn_protocol             'SINGLE WAVELENGTH' 
_diffrn_radiation.pdbx_scattering_type             x-ray 
# 
_diffrn_radiation_wavelength.id           1 
_diffrn_radiation_wavelength.wavelength   0.9393 
_diffrn_radiation_wavelength.wt           1.0 
# 
_diffrn_source.diffrn_id                   1 
_diffrn_source.source                      SYNCHROTRON 
_diffrn_source.type                        'ESRF BEAMLINE ID14-4' 
_diffrn_source.pdbx_synchrotron_site       ESRF 
_diffrn_source.pdbx_synchrotron_beamline   ID14-4 
_diffrn_source.pdbx_wavelength             0.9393 
_diffrn_source.pdbx_wavelength_list        ? 
# 
_reflns.pdbx_diffrn_id               1 
_reflns.pdbx_ordinal                 1 
_reflns.entry_id                     1VYI 
_reflns.observed_criterion_sigma_I   ? 
_reflns.observed_criterion_sigma_F   ? 
_reflns.d_resolution_low             30.000 
_reflns.d_resolution_high            1.500 
_reflns.number_obs                   19783 
_reflns.number_all                   ? 
_reflns.percent_possible_obs         98.5 
_reflns.pdbx_Rmerge_I_obs            0.06300 
_reflns.pdbx_Rsym_value              ? 
_reflns.pdbx_netI_over_sigmaI        16.8000 
_reflns.B_iso_Wilson_estimate        ? 
_reflns.pdbx_redundancy              6.000 
# 
_reflns_shell.pdbx_diffrn_id         1 
_reflns_shell.pdbx_ordinal           1 
_reflns_shell.d_res_high             1.50 
_reflns_shell.d_res_low              1.60 
_reflns_shell.percent_possible_all   93.6 
_reflns_shell.Rmerge_I_obs           0.21000 
_reflns_shell.pdbx_Rsym_value        ? 
_reflns_shell.meanI_over_sigI_obs    7.100 
_reflns_shell.pdbx_redundancy        5.50 
# 
_refine.pdbx_refine_id                           'X-RAY DIFFRACTION' 
_refine.entry_id                                 1VYI 
_refine.pdbx_diffrn_id                           1 
_refine.pdbx_TLS_residual_ADP_flag               ? 
_refine.ls_number_reflns_obs                     18941 
_refine.ls_number_reflns_all                     ? 
_refine.pdbx_ls_sigma_I                          ? 
_refine.pdbx_ls_sigma_F                          ? 
_refine.pdbx_data_cutoff_high_absF               ? 
_refine.pdbx_data_cutoff_low_absF                ? 
_refine.pdbx_data_cutoff_high_rms_absF           ? 
_refine.ls_d_res_low                             30.0 
_refine.ls_d_res_high                            1.5 
_refine.ls_percent_reflns_obs                    99.7 
_refine.ls_R_factor_obs                          0.174 
_refine.ls_R_factor_all                          ? 
_refine.ls_R_factor_R_work                       0.173 
_refine.ls_R_factor_R_free                       0.195 
_refine.ls_R_factor_R_free_error                 ? 
_refine.ls_R_factor_R_free_error_details         ? 
_refine.ls_percent_reflns_R_free                 5.1 
_refine.ls_number_reflns_R_free                  1017 
_refine.ls_number_parameters                     ? 
_refine.ls_number_restraints                     ? 
_refine.occupancy_min                            ? 
_refine.occupancy_max                            ? 
_refine.correlation_coeff_Fo_to_Fc               ? 
_refine.correlation_coeff_Fo_to_Fc_free          ? 
_refine.B_iso_mean                               19.892 
_refine.aniso_B[1][1]                            0.41 
_refine.aniso_B[2][2]                            0.41 
_refine.aniso_B[3][3]                            -0.61 
_refine.aniso_B[1][2]                            0.20 
_refine.aniso_B[1][3]                            0.00 
_refine.aniso_B[2][3]                            0.00 
_refine.solvent_model_details                    ? 
_refine.solvent_model_param_ksol                 ? 
_refine.solvent_model_param_bsol                 ? 
_refine.pdbx_solvent_vdw_probe_radii             ? 
_refine.pdbx_solvent_ion_probe_radii             ? 
_refine.pdbx_solvent_shrinkage_radii             ? 
_refine.pdbx_ls_cross_valid_method               THROUGHOUT 
_refine.details                                  ? 
_refine.pdbx_starting_model                      ? 
_refine.pdbx_method_to_determine_struct          MAD 
_refine.pdbx_isotropic_thermal_model             ? 
_refine.pdbx_stereochemistry_target_values       ? 
_refine.pdbx_stereochem_target_val_spec_case     ? 
_refine.pdbx_R_Free_selection_details            RANDOM 
_refine.pdbx_overall_ESU_R                       0.071 
_refine.pdbx_overall_ESU_R_Free                  0.070 
_refine.overall_SU_ML                            0.040 
_refine.pdbx_overall_phase_error                 ? 
_refine.overall_SU_B                             1.045 
_refine.overall_SU_R_Cruickshank_DPI             ? 
_refine.pdbx_overall_SU_R_free_Cruickshank_DPI   ? 
_refine.pdbx_overall_SU_R_Blow_DPI               ? 
_refine.pdbx_overall_SU_R_free_Blow_DPI          ? 
# 
_refine_hist.pdbx_refine_id                   'X-RAY DIFFRACTION' 
_refine_hist.cycle_id                         LAST 
_refine_hist.pdbx_number_atoms_protein        886 
_refine_hist.pdbx_number_atoms_nucleic_acid   0 
_refine_hist.pdbx_number_atoms_ligand         30 
_refine_hist.number_atoms_solvent             119 
_refine_hist.number_atoms_total               1035 
_refine_hist.d_res_high                       1.5 
_refine_hist.d_res_low                        30.0 
# 
_struct.entry_id                  1VYI 
_struct.title                     
'Structure of the c-terminal domain of the polymerase cofactor of rabies virus: insights in function and evolution.' 
_struct.pdbx_model_details        ? 
_struct.pdbx_CASP_flag            ? 
_struct.pdbx_model_type_details   ? 
# 
_struct_keywords.entry_id        1VYI 
_struct_keywords.pdbx_keywords   TRANSFERASE 
_struct_keywords.text            
'TRANSFERASE, RABIES VIRUS, REPLICATION, TRANSCRIPTION, POLYMERASE, RNA-DIRECTED RNA POLYMERASE, PHOSPHORYLATION' 
# 
loop_
_struct_asym.id 
_struct_asym.pdbx_blank_PDB_chainid_flag 
_struct_asym.pdbx_modified 
_struct_asym.entity_id 
_struct_asym.details 
A N N 1 ? 
B N N 2 ? 
C N N 2 ? 
D N N 2 ? 
E N N 2 ? 
F N N 2 ? 
G N N 3 ? 
# 
_struct_ref.id                         1 
_struct_ref.db_name                    UNP 
_struct_ref.db_code                    RRPP_RABVC 
_struct_ref.entity_id                  1 
_struct_ref.pdbx_seq_one_letter_code   ? 
_struct_ref.pdbx_align_begin           ? 
_struct_ref.pdbx_db_accession          P22363 
_struct_ref.pdbx_db_isoform            ? 
# 
_struct_ref_seq.align_id                      1 
_struct_ref_seq.ref_id                        1 
_struct_ref_seq.pdbx_PDB_id_code              1VYI 
_struct_ref_seq.pdbx_strand_id                A 
_struct_ref_seq.seq_align_beg                 1 
_struct_ref_seq.pdbx_seq_align_beg_ins_code   ? 
_struct_ref_seq.seq_align_end                 112 
_struct_ref_seq.pdbx_seq_align_end_ins_code   ? 
_struct_ref_seq.pdbx_db_accession             P22363 
_struct_ref_seq.db_align_beg                  186 
_struct_ref_seq.pdbx_db_align_beg_ins_code    ? 
_struct_ref_seq.db_align_end                  297 
_struct_ref_seq.pdbx_db_align_end_ins_code    ? 
_struct_ref_seq.pdbx_auth_seq_align_beg       186 
_struct_ref_seq.pdbx_auth_seq_align_end       297 
# 
_pdbx_struct_assembly.id                   1 
_pdbx_struct_assembly.details              author_and_software_defined_assembly 
_pdbx_struct_assembly.method_details       PISA 
_pdbx_struct_assembly.oligomeric_details   monomeric 
_pdbx_struct_assembly.oligomeric_count     1 
# 
_pdbx_struct_assembly_gen.assembly_id       1 
_pdbx_struct_assembly_gen.oper_expression   1 
_pdbx_struct_assembly_gen.asym_id_list      A,B,C,D,E,F,G 
# 
_pdbx_struct_oper_list.id                   1 
_pdbx_struct_oper_list.type                 'identity operation' 
_pdbx_struct_oper_list.name                 1_555 
_pdbx_struct_oper_list.symmetry_operation   x,y,z 
_pdbx_struct_oper_list.matrix[1][1]         1.0000000000 
_pdbx_struct_oper_list.matrix[1][2]         0.0000000000 
_pdbx_struct_oper_list.matrix[1][3]         0.0000000000 
_pdbx_struct_oper_list.vector[1]            0.0000000000 
_pdbx_struct_oper_list.matrix[2][1]         0.0000000000 
_pdbx_struct_oper_list.matrix[2][2]         1.0000000000 
_pdbx_struct_oper_list.matrix[2][3]         0.0000000000 
_pdbx_struct_oper_list.vector[2]            0.0000000000 
_pdbx_struct_oper_list.matrix[3][1]         0.0000000000 
_pdbx_struct_oper_list.matrix[3][2]         0.0000000000 
_pdbx_struct_oper_list.matrix[3][3]         1.0000000000 
_pdbx_struct_oper_list.vector[3]            0.0000000000 
# 
loop_
_struct_conf.conf_type_id 
_struct_conf.id 
_struct_conf.pdbx_PDB_helix_id 
_struct_conf.beg_label_comp_id 
_struct_conf.beg_label_asym_id 
_struct_conf.beg_label_seq_id 
_struct_conf.pdbx_beg_PDB_ins_code 
_struct_conf.end_label_comp_id 
_struct_conf.end_label_asym_id 
_struct_conf.end_label_seq_id 
_struct_conf.pdbx_end_PDB_ins_code 
_struct_conf.beg_auth_comp_id 
_struct_conf.beg_auth_asym_id 
_struct_conf.beg_auth_seq_id 
_struct_conf.end_auth_comp_id 
_struct_conf.end_auth_asym_id 
_struct_conf.end_auth_seq_id 
_struct_conf.pdbx_PDB_helix_class 
_struct_conf.details 
_struct_conf.pdbx_PDB_helix_length 
HELX_P HELX_P1 1 THR A 4  ? SER A 23  ? THR A 189 SER A 208 1 ? 20 
HELX_P HELX_P2 2 ASN A 41 ? LYS A 46  ? ASN A 226 LYS A 231 5 ? 6  
HELX_P HELX_P3 3 ASN A 48 ? LYS A 57  ? ASN A 233 LYS A 242 1 ? 10 
HELX_P HELX_P4 4 GLY A 61 ? ASP A 68  ? GLY A 246 ASP A 253 1 ? 8  
HELX_P HELX_P5 5 PRO A 73 ? SER A 86  ? PRO A 258 SER A 271 1 ? 14 
HELX_P HELX_P6 6 SER A 86 ? VAL A 93  ? SER A 271 VAL A 278 1 ? 8  
HELX_P HELX_P7 7 GLU A 94 ? ARG A 108 ? GLU A 279 ARG A 293 1 ? 15 
# 
_struct_conf_type.id          HELX_P 
_struct_conf_type.criteria    ? 
_struct_conf_type.reference   ? 
# 
_struct_sheet.id               AA 
_struct_sheet.type             ? 
_struct_sheet.number_strands   2 
_struct_sheet.details          ? 
# 
_struct_sheet_order.sheet_id     AA 
_struct_sheet_order.range_id_1   1 
_struct_sheet_order.range_id_2   2 
_struct_sheet_order.offset       ? 
_struct_sheet_order.sense        anti-parallel 
# 
loop_
_struct_sheet_range.sheet_id 
_struct_sheet_range.id 
_struct_sheet_range.beg_label_comp_id 
_struct_sheet_range.beg_label_asym_id 
_struct_sheet_range.beg_label_seq_id 
_struct_sheet_range.pdbx_beg_PDB_ins_code 
_struct_sheet_range.end_label_comp_id 
_struct_sheet_range.end_label_asym_id 
_struct_sheet_range.end_label_seq_id 
_struct_sheet_range.pdbx_end_PDB_ins_code 
_struct_sheet_range.beg_auth_comp_id 
_struct_sheet_range.beg_auth_asym_id 
_struct_sheet_range.beg_auth_seq_id 
_struct_sheet_range.end_auth_comp_id 
_struct_sheet_range.end_auth_asym_id 
_struct_sheet_range.end_auth_seq_id 
AA 1 TYR A 28 ? PRO A 31 ? TYR A 213 PRO A 216 
AA 2 ILE A 37 ? TYR A 40 ? ILE A 222 TYR A 225 
# 
_pdbx_struct_sheet_hbond.sheet_id                AA 
_pdbx_struct_sheet_hbond.range_id_1              1 
_pdbx_struct_sheet_hbond.range_id_2              2 
_pdbx_struct_sheet_hbond.range_1_label_atom_id   N 
_pdbx_struct_sheet_hbond.range_1_label_comp_id   PHE 
_pdbx_struct_sheet_hbond.range_1_label_asym_id   A 
_pdbx_struct_sheet_hbond.range_1_label_seq_id    30 
_pdbx_struct_sheet_hbond.range_1_PDB_ins_code    ? 
_pdbx_struct_sheet_hbond.range_1_auth_atom_id    N 
_pdbx_struct_sheet_hbond.range_1_auth_comp_id    PHE 
_pdbx_struct_sheet_hbond.range_1_auth_asym_id    A 
_pdbx_struct_sheet_hbond.range_1_auth_seq_id     215 
_pdbx_struct_sheet_hbond.range_2_label_atom_id   O 
_pdbx_struct_sheet_hbond.range_2_label_comp_id   PHE 
_pdbx_struct_sheet_hbond.range_2_label_asym_id   A 
_pdbx_struct_sheet_hbond.range_2_label_seq_id    38 
_pdbx_struct_sheet_hbond.range_2_PDB_ins_code    ? 
_pdbx_struct_sheet_hbond.range_2_auth_atom_id    O 
_pdbx_struct_sheet_hbond.range_2_auth_comp_id    PHE 
_pdbx_struct_sheet_hbond.range_2_auth_asym_id    A 
_pdbx_struct_sheet_hbond.range_2_auth_seq_id     223 
# 
loop_
_struct_site.id 
_struct_site.pdbx_evidence_code 
_struct_site.pdbx_auth_asym_id 
_struct_site.pdbx_auth_comp_id 
_struct_site.pdbx_auth_seq_id 
_struct_site.pdbx_auth_ins_code 
_struct_site.pdbx_num_residues 
_struct_site.details 
AC1 Software A GOL 1297 ? 8 'BINDING SITE FOR RESIDUE GOL A 1297' 
AC2 Software A GOL 1298 ? 8 'BINDING SITE FOR RESIDUE GOL A 1298' 
AC3 Software A GOL 1300 ? 8 'BINDING SITE FOR RESIDUE GOL A 1300' 
AC4 Software A GOL 1301 ? 5 'BINDING SITE FOR RESIDUE GOL A 1301' 
AC5 Software A GOL 1302 ? 4 'BINDING SITE FOR RESIDUE GOL A 1302' 
# 
loop_
_struct_site_gen.id 
_struct_site_gen.site_id 
_struct_site_gen.pdbx_num_res 
_struct_site_gen.label_comp_id 
_struct_site_gen.label_asym_id 
_struct_site_gen.label_seq_id 
_struct_site_gen.pdbx_auth_ins_code 
_struct_site_gen.auth_comp_id 
_struct_site_gen.auth_asym_id 
_struct_site_gen.auth_seq_id 
_struct_site_gen.label_atom_id 
_struct_site_gen.label_alt_id 
_struct_site_gen.symmetry 
_struct_site_gen.details 
1  AC1 8 SER A 32 ? SER A 217  . ? 1_555 ? 
2  AC1 8 ARG A 33 ? ARG A 218  . ? 1_555 ? 
3  AC1 8 SER A 34 ? SER A 219  . ? 1_555 ? 
4  AC1 8 GLN A 44 ? GLN A 229  . ? 5_674 ? 
5  AC1 8 LYS A 88 ? LYS A 273  . ? 5_674 ? 
6  AC1 8 LEU A 92 ? LEU A 277  . ? 1_555 ? 
7  AC1 8 HOH G .  ? HOH A 2114 . ? 1_555 ? 
8  AC1 8 HOH G .  ? HOH A 2115 . ? 1_555 ? 
9  AC2 8 GLN A 44 ? GLN A 229  . ? 1_555 ? 
10 AC2 8 ASN A 85 ? ASN A 270  . ? 1_555 ? 
11 AC2 8 SER A 86 ? SER A 271  . ? 1_555 ? 
12 AC2 8 LYS A 87 ? LYS A 272  . ? 1_555 ? 
13 AC2 8 LYS A 88 ? LYS A 273  . ? 1_555 ? 
14 AC2 8 GOL D .  ? GOL A 1300 . ? 3_574 ? 
15 AC2 8 HOH G .  ? HOH A 2052 . ? 1_555 ? 
16 AC2 8 HOH G .  ? HOH A 2117 . ? 3_574 ? 
17 AC3 8 SER A 11 ? SER A 196  . ? 1_555 ? 
18 AC3 8 ARG A 33 ? ARG A 218  . ? 4_565 ? 
19 AC3 8 LYS A 46 ? LYS A 231  . ? 2_775 ? 
20 AC3 8 LEU A 91 ? LEU A 276  . ? 4_565 ? 
21 AC3 8 GOL C .  ? GOL A 1298 . ? 2_775 ? 
22 AC3 8 HOH G .  ? HOH A 2016 . ? 1_555 ? 
23 AC3 8 HOH G .  ? HOH A 2116 . ? 2_775 ? 
24 AC3 8 HOH G .  ? HOH A 2117 . ? 1_555 ? 
25 AC4 5 ASP A 9  ? ASP A 194  . ? 4_455 ? 
26 AC4 5 GLU A 13 ? GLU A 198  . ? 4_455 ? 
27 AC4 5 LYS A 54 ? LYS A 239  . ? 4_455 ? 
28 AC4 5 ASP A 96 ? ASP A 281  . ? 1_555 ? 
29 AC4 5 HOH G .  ? HOH A 2055 . ? 4_455 ? 
30 AC5 4 GLY A 61 ? GLY A 246  . ? 1_555 ? 
31 AC5 4 THR A 63 ? THR A 248  . ? 1_555 ? 
32 AC5 4 ARG A 64 ? ARG A 249  . ? 1_555 ? 
33 AC5 4 HOH G .  ? HOH A 2118 . ? 1_555 ? 
# 
loop_
_pdbx_validate_close_contact.id 
_pdbx_validate_close_contact.PDB_model_num 
_pdbx_validate_close_contact.auth_atom_id_1 
_pdbx_validate_close_contact.auth_asym_id_1 
_pdbx_validate_close_contact.auth_comp_id_1 
_pdbx_validate_close_contact.auth_seq_id_1 
_pdbx_validate_close_contact.PDB_ins_code_1 
_pdbx_validate_close_contact.label_alt_id_1 
_pdbx_validate_close_contact.auth_atom_id_2 
_pdbx_validate_close_contact.auth_asym_id_2 
_pdbx_validate_close_contact.auth_comp_id_2 
_pdbx_validate_close_contact.auth_seq_id_2 
_pdbx_validate_close_contact.PDB_ins_code_2 
_pdbx_validate_close_contact.label_alt_id_2 
_pdbx_validate_close_contact.dist 
1 1 OE1 A GLU 191  ? ? O A HOH 2009 ? ? 1.16 
2 1 CD  A GLU 191  ? ? O A HOH 2009 ? ? 1.47 
3 1 OE2 A GLU 191  ? ? O A HOH 2009 ? ? 1.87 
4 1 O3  A GOL 1297 ? ? O A HOH 2114 ? ? 2.01 
5 1 NE2 A HIS 203  ? ? O A HOH 2020 ? ? 2.16 
# 
_pdbx_validate_symm_contact.id                1 
_pdbx_validate_symm_contact.PDB_model_num     1 
_pdbx_validate_symm_contact.auth_atom_id_1    O3 
_pdbx_validate_symm_contact.auth_asym_id_1    A 
_pdbx_validate_symm_contact.auth_comp_id_1    GOL 
_pdbx_validate_symm_contact.auth_seq_id_1     1300 
_pdbx_validate_symm_contact.PDB_ins_code_1    ? 
_pdbx_validate_symm_contact.label_alt_id_1    ? 
_pdbx_validate_symm_contact.site_symmetry_1   1_555 
_pdbx_validate_symm_contact.auth_atom_id_2    NZ 
_pdbx_validate_symm_contact.auth_asym_id_2    A 
_pdbx_validate_symm_contact.auth_comp_id_2    LYS 
_pdbx_validate_symm_contact.auth_seq_id_2     231 
_pdbx_validate_symm_contact.PDB_ins_code_2    ? 
_pdbx_validate_symm_contact.label_alt_id_2    ? 
_pdbx_validate_symm_contact.site_symmetry_2   2_775 
_pdbx_validate_symm_contact.dist              2.07 
# 
loop_
_pdbx_validate_rmsd_bond.id 
_pdbx_validate_rmsd_bond.PDB_model_num 
_pdbx_validate_rmsd_bond.auth_atom_id_1 
_pdbx_validate_rmsd_bond.auth_asym_id_1 
_pdbx_validate_rmsd_bond.auth_comp_id_1 
_pdbx_validate_rmsd_bond.auth_seq_id_1 
_pdbx_validate_rmsd_bond.PDB_ins_code_1 
_pdbx_validate_rmsd_bond.label_alt_id_1 
_pdbx_validate_rmsd_bond.auth_atom_id_2 
_pdbx_validate_rmsd_bond.auth_asym_id_2 
_pdbx_validate_rmsd_bond.auth_comp_id_2 
_pdbx_validate_rmsd_bond.auth_seq_id_2 
_pdbx_validate_rmsd_bond.PDB_ins_code_2 
_pdbx_validate_rmsd_bond.label_alt_id_2 
_pdbx_validate_rmsd_bond.bond_value 
_pdbx_validate_rmsd_bond.bond_target_value 
_pdbx_validate_rmsd_bond.bond_deviation 
_pdbx_validate_rmsd_bond.bond_standard_deviation 
_pdbx_validate_rmsd_bond.linker_flag 
1 1 CG A GLU 191 ? ? CD A GLU 191 ? ? 1.828 1.515 0.313  0.015 N 
2 1 CD A ARG 249 ? ? NE A ARG 249 ? ? 1.268 1.460 -0.192 0.017 N 
# 
_pdbx_validate_torsion.id              1 
_pdbx_validate_torsion.PDB_model_num   1 
_pdbx_validate_torsion.auth_comp_id    THR 
_pdbx_validate_torsion.auth_asym_id    A 
_pdbx_validate_torsion.auth_seq_id     295 
_pdbx_validate_torsion.PDB_ins_code    ? 
_pdbx_validate_torsion.label_alt_id    ? 
_pdbx_validate_torsion.phi             -99.36 
_pdbx_validate_torsion.psi             30.23 
# 
_pdbx_validate_chiral.id              1 
_pdbx_validate_chiral.PDB_model_num   1 
_pdbx_validate_chiral.auth_atom_id    CA 
_pdbx_validate_chiral.label_alt_id    ? 
_pdbx_validate_chiral.auth_asym_id    A 
_pdbx_validate_chiral.auth_comp_id    SER 
_pdbx_validate_chiral.auth_seq_id     296 
_pdbx_validate_chiral.PDB_ins_code    ? 
_pdbx_validate_chiral.details         PLANAR 
_pdbx_validate_chiral.omega           . 
# 
_pdbx_entry_details.entry_id                 1VYI 
_pdbx_entry_details.compound_details         
;THIS PROTEIN IS PROBABLY A COMPONENT OF THE ACTIVE
  POLYMERASE AND MAY FUNCTION IN TEMPLATE BINDING.
 CATALYTIC ACTIVITY: N NUCLEOSIDE TRIPHOSPHATE = N DIPHOSPHATE +
 {RNA}(N).
;
_pdbx_entry_details.source_details           ? 
_pdbx_entry_details.nonpolymer_details       ? 
_pdbx_entry_details.sequence_details         ? 
_pdbx_entry_details.has_ligand_of_interest   ? 
# 
_pdbx_unobs_or_zero_occ_residues.id               1 
_pdbx_unobs_or_zero_occ_residues.PDB_model_num    1 
_pdbx_unobs_or_zero_occ_residues.polymer_flag     Y 
_pdbx_unobs_or_zero_occ_residues.occupancy_flag   1 
_pdbx_unobs_or_zero_occ_residues.auth_asym_id     A 
_pdbx_unobs_or_zero_occ_residues.auth_comp_id     CYS 
_pdbx_unobs_or_zero_occ_residues.auth_seq_id      297 
_pdbx_unobs_or_zero_occ_residues.PDB_ins_code     ? 
_pdbx_unobs_or_zero_occ_residues.label_asym_id    A 
_pdbx_unobs_or_zero_occ_residues.label_comp_id    CYS 
_pdbx_unobs_or_zero_occ_residues.label_seq_id     112 
# 
loop_
_chem_comp_atom.comp_id 
_chem_comp_atom.atom_id 
_chem_comp_atom.type_symbol 
_chem_comp_atom.pdbx_aromatic_flag 
_chem_comp_atom.pdbx_stereo_config 
_chem_comp_atom.pdbx_ordinal 
ALA N    N N N 1   
ALA CA   C N S 2   
ALA C    C N N 3   
ALA O    O N N 4   
ALA CB   C N N 5   
ALA OXT  O N N 6   
ALA H    H N N 7   
ALA H2   H N N 8   
ALA HA   H N N 9   
ALA HB1  H N N 10  
ALA HB2  H N N 11  
ALA HB3  H N N 12  
ALA HXT  H N N 13  
ARG N    N N N 14  
ARG CA   C N S 15  
ARG C    C N N 16  
ARG O    O N N 17  
ARG CB   C N N 18  
ARG CG   C N N 19  
ARG CD   C N N 20  
ARG NE   N N N 21  
ARG CZ   C N N 22  
ARG NH1  N N N 23  
ARG NH2  N N N 24  
ARG OXT  O N N 25  
ARG H    H N N 26  
ARG H2   H N N 27  
ARG HA   H N N 28  
ARG HB2  H N N 29  
ARG HB3  H N N 30  
ARG HG2  H N N 31  
ARG HG3  H N N 32  
ARG HD2  H N N 33  
ARG HD3  H N N 34  
ARG HE   H N N 35  
ARG HH11 H N N 36  
ARG HH12 H N N 37  
ARG HH21 H N N 38  
ARG HH22 H N N 39  
ARG HXT  H N N 40  
ASN N    N N N 41  
ASN CA   C N S 42  
ASN C    C N N 43  
ASN O    O N N 44  
ASN CB   C N N 45  
ASN CG   C N N 46  
ASN OD1  O N N 47  
ASN ND2  N N N 48  
ASN OXT  O N N 49  
ASN H    H N N 50  
ASN H2   H N N 51  
ASN HA   H N N 52  
ASN HB2  H N N 53  
ASN HB3  H N N 54  
ASN HD21 H N N 55  
ASN HD22 H N N 56  
ASN HXT  H N N 57  
ASP N    N N N 58  
ASP CA   C N S 59  
ASP C    C N N 60  
ASP O    O N N 61  
ASP CB   C N N 62  
ASP CG   C N N 63  
ASP OD1  O N N 64  
ASP OD2  O N N 65  
ASP OXT  O N N 66  
ASP H    H N N 67  
ASP H2   H N N 68  
ASP HA   H N N 69  
ASP HB2  H N N 70  
ASP HB3  H N N 71  
ASP HD2  H N N 72  
ASP HXT  H N N 73  
CYS N    N N N 74  
CYS CA   C N R 75  
CYS C    C N N 76  
CYS O    O N N 77  
CYS CB   C N N 78  
CYS SG   S N N 79  
CYS OXT  O N N 80  
CYS H    H N N 81  
CYS H2   H N N 82  
CYS HA   H N N 83  
CYS HB2  H N N 84  
CYS HB3  H N N 85  
CYS HG   H N N 86  
CYS HXT  H N N 87  
GLN N    N N N 88  
GLN CA   C N S 89  
GLN C    C N N 90  
GLN O    O N N 91  
GLN CB   C N N 92  
GLN CG   C N N 93  
GLN CD   C N N 94  
GLN OE1  O N N 95  
GLN NE2  N N N 96  
GLN OXT  O N N 97  
GLN H    H N N 98  
GLN H2   H N N 99  
GLN HA   H N N 100 
GLN HB2  H N N 101 
GLN HB3  H N N 102 
GLN HG2  H N N 103 
GLN HG3  H N N 104 
GLN HE21 H N N 105 
GLN HE22 H N N 106 
GLN HXT  H N N 107 
GLU N    N N N 108 
GLU CA   C N S 109 
GLU C    C N N 110 
GLU O    O N N 111 
GLU CB   C N N 112 
GLU CG   C N N 113 
GLU CD   C N N 114 
GLU OE1  O N N 115 
GLU OE2  O N N 116 
GLU OXT  O N N 117 
GLU H    H N N 118 
GLU H2   H N N 119 
GLU HA   H N N 120 
GLU HB2  H N N 121 
GLU HB3  H N N 122 
GLU HG2  H N N 123 
GLU HG3  H N N 124 
GLU HE2  H N N 125 
GLU HXT  H N N 126 
GLY N    N N N 127 
GLY CA   C N N 128 
GLY C    C N N 129 
GLY O    O N N 130 
GLY OXT  O N N 131 
GLY H    H N N 132 
GLY H2   H N N 133 
GLY HA2  H N N 134 
GLY HA3  H N N 135 
GLY HXT  H N N 136 
GOL C1   C N N 137 
GOL O1   O N N 138 
GOL C2   C N N 139 
GOL O2   O N N 140 
GOL C3   C N N 141 
GOL O3   O N N 142 
GOL H11  H N N 143 
GOL H12  H N N 144 
GOL HO1  H N N 145 
GOL H2   H N N 146 
GOL HO2  H N N 147 
GOL H31  H N N 148 
GOL H32  H N N 149 
GOL HO3  H N N 150 
HIS N    N N N 151 
HIS CA   C N S 152 
HIS C    C N N 153 
HIS O    O N N 154 
HIS CB   C N N 155 
HIS CG   C Y N 156 
HIS ND1  N Y N 157 
HIS CD2  C Y N 158 
HIS CE1  C Y N 159 
HIS NE2  N Y N 160 
HIS OXT  O N N 161 
HIS H    H N N 162 
HIS H2   H N N 163 
HIS HA   H N N 164 
HIS HB2  H N N 165 
HIS HB3  H N N 166 
HIS HD1  H N N 167 
HIS HD2  H N N 168 
HIS HE1  H N N 169 
HIS HE2  H N N 170 
HIS HXT  H N N 171 
HOH O    O N N 172 
HOH H1   H N N 173 
HOH H2   H N N 174 
ILE N    N N N 175 
ILE CA   C N S 176 
ILE C    C N N 177 
ILE O    O N N 178 
ILE CB   C N S 179 
ILE CG1  C N N 180 
ILE CG2  C N N 181 
ILE CD1  C N N 182 
ILE OXT  O N N 183 
ILE H    H N N 184 
ILE H2   H N N 185 
ILE HA   H N N 186 
ILE HB   H N N 187 
ILE HG12 H N N 188 
ILE HG13 H N N 189 
ILE HG21 H N N 190 
ILE HG22 H N N 191 
ILE HG23 H N N 192 
ILE HD11 H N N 193 
ILE HD12 H N N 194 
ILE HD13 H N N 195 
ILE HXT  H N N 196 
LEU N    N N N 197 
LEU CA   C N S 198 
LEU C    C N N 199 
LEU O    O N N 200 
LEU CB   C N N 201 
LEU CG   C N N 202 
LEU CD1  C N N 203 
LEU CD2  C N N 204 
LEU OXT  O N N 205 
LEU H    H N N 206 
LEU H2   H N N 207 
LEU HA   H N N 208 
LEU HB2  H N N 209 
LEU HB3  H N N 210 
LEU HG   H N N 211 
LEU HD11 H N N 212 
LEU HD12 H N N 213 
LEU HD13 H N N 214 
LEU HD21 H N N 215 
LEU HD22 H N N 216 
LEU HD23 H N N 217 
LEU HXT  H N N 218 
LYS N    N N N 219 
LYS CA   C N S 220 
LYS C    C N N 221 
LYS O    O N N 222 
LYS CB   C N N 223 
LYS CG   C N N 224 
LYS CD   C N N 225 
LYS CE   C N N 226 
LYS NZ   N N N 227 
LYS OXT  O N N 228 
LYS H    H N N 229 
LYS H2   H N N 230 
LYS HA   H N N 231 
LYS HB2  H N N 232 
LYS HB3  H N N 233 
LYS HG2  H N N 234 
LYS HG3  H N N 235 
LYS HD2  H N N 236 
LYS HD3  H N N 237 
LYS HE2  H N N 238 
LYS HE3  H N N 239 
LYS HZ1  H N N 240 
LYS HZ2  H N N 241 
LYS HZ3  H N N 242 
LYS HXT  H N N 243 
MET N    N N N 244 
MET CA   C N S 245 
MET C    C N N 246 
MET O    O N N 247 
MET CB   C N N 248 
MET CG   C N N 249 
MET SD   S N N 250 
MET CE   C N N 251 
MET OXT  O N N 252 
MET H    H N N 253 
MET H2   H N N 254 
MET HA   H N N 255 
MET HB2  H N N 256 
MET HB3  H N N 257 
MET HG2  H N N 258 
MET HG3  H N N 259 
MET HE1  H N N 260 
MET HE2  H N N 261 
MET HE3  H N N 262 
MET HXT  H N N 263 
PHE N    N N N 264 
PHE CA   C N S 265 
PHE C    C N N 266 
PHE O    O N N 267 
PHE CB   C N N 268 
PHE CG   C Y N 269 
PHE CD1  C Y N 270 
PHE CD2  C Y N 271 
PHE CE1  C Y N 272 
PHE CE2  C Y N 273 
PHE CZ   C Y N 274 
PHE OXT  O N N 275 
PHE H    H N N 276 
PHE H2   H N N 277 
PHE HA   H N N 278 
PHE HB2  H N N 279 
PHE HB3  H N N 280 
PHE HD1  H N N 281 
PHE HD2  H N N 282 
PHE HE1  H N N 283 
PHE HE2  H N N 284 
PHE HZ   H N N 285 
PHE HXT  H N N 286 
PRO N    N N N 287 
PRO CA   C N S 288 
PRO C    C N N 289 
PRO O    O N N 290 
PRO CB   C N N 291 
PRO CG   C N N 292 
PRO CD   C N N 293 
PRO OXT  O N N 294 
PRO H    H N N 295 
PRO HA   H N N 296 
PRO HB2  H N N 297 
PRO HB3  H N N 298 
PRO HG2  H N N 299 
PRO HG3  H N N 300 
PRO HD2  H N N 301 
PRO HD3  H N N 302 
PRO HXT  H N N 303 
SER N    N N N 304 
SER CA   C N S 305 
SER C    C N N 306 
SER O    O N N 307 
SER CB   C N N 308 
SER OG   O N N 309 
SER OXT  O N N 310 
SER H    H N N 311 
SER H2   H N N 312 
SER HA   H N N 313 
SER HB2  H N N 314 
SER HB3  H N N 315 
SER HG   H N N 316 
SER HXT  H N N 317 
THR N    N N N 318 
THR CA   C N S 319 
THR C    C N N 320 
THR O    O N N 321 
THR CB   C N R 322 
THR OG1  O N N 323 
THR CG2  C N N 324 
THR OXT  O N N 325 
THR H    H N N 326 
THR H2   H N N 327 
THR HA   H N N 328 
THR HB   H N N 329 
THR HG1  H N N 330 
THR HG21 H N N 331 
THR HG22 H N N 332 
THR HG23 H N N 333 
THR HXT  H N N 334 
TRP N    N N N 335 
TRP CA   C N S 336 
TRP C    C N N 337 
TRP O    O N N 338 
TRP CB   C N N 339 
TRP CG   C Y N 340 
TRP CD1  C Y N 341 
TRP CD2  C Y N 342 
TRP NE1  N Y N 343 
TRP CE2  C Y N 344 
TRP CE3  C Y N 345 
TRP CZ2  C Y N 346 
TRP CZ3  C Y N 347 
TRP CH2  C Y N 348 
TRP OXT  O N N 349 
TRP H    H N N 350 
TRP H2   H N N 351 
TRP HA   H N N 352 
TRP HB2  H N N 353 
TRP HB3  H N N 354 
TRP HD1  H N N 355 
TRP HE1  H N N 356 
TRP HE3  H N N 357 
TRP HZ2  H N N 358 
TRP HZ3  H N N 359 
TRP HH2  H N N 360 
TRP HXT  H N N 361 
TYR N    N N N 362 
TYR CA   C N S 363 
TYR C    C N N 364 
TYR O    O N N 365 
TYR CB   C N N 366 
TYR CG   C Y N 367 
TYR CD1  C Y N 368 
TYR CD2  C Y N 369 
TYR CE1  C Y N 370 
TYR CE2  C Y N 371 
TYR CZ   C Y N 372 
TYR OH   O N N 373 
TYR OXT  O N N 374 
TYR H    H N N 375 
TYR H2   H N N 376 
TYR HA   H N N 377 
TYR HB2  H N N 378 
TYR HB3  H N N 379 
TYR HD1  H N N 380 
TYR HD2  H N N 381 
TYR HE1  H N N 382 
TYR HE2  H N N 383 
TYR HH   H N N 384 
TYR HXT  H N N 385 
VAL N    N N N 386 
VAL CA   C N S 387 
VAL C    C N N 388 
VAL O    O N N 389 
VAL CB   C N N 390 
VAL CG1  C N N 391 
VAL CG2  C N N 392 
VAL OXT  O N N 393 
VAL H    H N N 394 
VAL H2   H N N 395 
VAL HA   H N N 396 
VAL HB   H N N 397 
VAL HG11 H N N 398 
VAL HG12 H N N 399 
VAL HG13 H N N 400 
VAL HG21 H N N 401 
VAL HG22 H N N 402 
VAL HG23 H N N 403 
VAL HXT  H N N 404 
# 
loop_
_chem_comp_bond.comp_id 
_chem_comp_bond.atom_id_1 
_chem_comp_bond.atom_id_2 
_chem_comp_bond.value_order 
_chem_comp_bond.pdbx_aromatic_flag 
_chem_comp_bond.pdbx_stereo_config 
_chem_comp_bond.pdbx_ordinal 
ALA N   CA   sing N N 1   
ALA N   H    sing N N 2   
ALA N   H2   sing N N 3   
ALA CA  C    sing N N 4   
ALA CA  CB   sing N N 5   
ALA CA  HA   sing N N 6   
ALA C   O    doub N N 7   
ALA C   OXT  sing N N 8   
ALA CB  HB1  sing N N 9   
ALA CB  HB2  sing N N 10  
ALA CB  HB3  sing N N 11  
ALA OXT HXT  sing N N 12  
ARG N   CA   sing N N 13  
ARG N   H    sing N N 14  
ARG N   H2   sing N N 15  
ARG CA  C    sing N N 16  
ARG CA  CB   sing N N 17  
ARG CA  HA   sing N N 18  
ARG C   O    doub N N 19  
ARG C   OXT  sing N N 20  
ARG CB  CG   sing N N 21  
ARG CB  HB2  sing N N 22  
ARG CB  HB3  sing N N 23  
ARG CG  CD   sing N N 24  
ARG CG  HG2  sing N N 25  
ARG CG  HG3  sing N N 26  
ARG CD  NE   sing N N 27  
ARG CD  HD2  sing N N 28  
ARG CD  HD3  sing N N 29  
ARG NE  CZ   sing N N 30  
ARG NE  HE   sing N N 31  
ARG CZ  NH1  sing N N 32  
ARG CZ  NH2  doub N N 33  
ARG NH1 HH11 sing N N 34  
ARG NH1 HH12 sing N N 35  
ARG NH2 HH21 sing N N 36  
ARG NH2 HH22 sing N N 37  
ARG OXT HXT  sing N N 38  
ASN N   CA   sing N N 39  
ASN N   H    sing N N 40  
ASN N   H2   sing N N 41  
ASN CA  C    sing N N 42  
ASN CA  CB   sing N N 43  
ASN CA  HA   sing N N 44  
ASN C   O    doub N N 45  
ASN C   OXT  sing N N 46  
ASN CB  CG   sing N N 47  
ASN CB  HB2  sing N N 48  
ASN CB  HB3  sing N N 49  
ASN CG  OD1  doub N N 50  
ASN CG  ND2  sing N N 51  
ASN ND2 HD21 sing N N 52  
ASN ND2 HD22 sing N N 53  
ASN OXT HXT  sing N N 54  
ASP N   CA   sing N N 55  
ASP N   H    sing N N 56  
ASP N   H2   sing N N 57  
ASP CA  C    sing N N 58  
ASP CA  CB   sing N N 59  
ASP CA  HA   sing N N 60  
ASP C   O    doub N N 61  
ASP C   OXT  sing N N 62  
ASP CB  CG   sing N N 63  
ASP CB  HB2  sing N N 64  
ASP CB  HB3  sing N N 65  
ASP CG  OD1  doub N N 66  
ASP CG  OD2  sing N N 67  
ASP OD2 HD2  sing N N 68  
ASP OXT HXT  sing N N 69  
CYS N   CA   sing N N 70  
CYS N   H    sing N N 71  
CYS N   H2   sing N N 72  
CYS CA  C    sing N N 73  
CYS CA  CB   sing N N 74  
CYS CA  HA   sing N N 75  
CYS C   O    doub N N 76  
CYS C   OXT  sing N N 77  
CYS CB  SG   sing N N 78  
CYS CB  HB2  sing N N 79  
CYS CB  HB3  sing N N 80  
CYS SG  HG   sing N N 81  
CYS OXT HXT  sing N N 82  
GLN N   CA   sing N N 83  
GLN N   H    sing N N 84  
GLN N   H2   sing N N 85  
GLN CA  C    sing N N 86  
GLN CA  CB   sing N N 87  
GLN CA  HA   sing N N 88  
GLN C   O    doub N N 89  
GLN C   OXT  sing N N 90  
GLN CB  CG   sing N N 91  
GLN CB  HB2  sing N N 92  
GLN CB  HB3  sing N N 93  
GLN CG  CD   sing N N 94  
GLN CG  HG2  sing N N 95  
GLN CG  HG3  sing N N 96  
GLN CD  OE1  doub N N 97  
GLN CD  NE2  sing N N 98  
GLN NE2 HE21 sing N N 99  
GLN NE2 HE22 sing N N 100 
GLN OXT HXT  sing N N 101 
GLU N   CA   sing N N 102 
GLU N   H    sing N N 103 
GLU N   H2   sing N N 104 
GLU CA  C    sing N N 105 
GLU CA  CB   sing N N 106 
GLU CA  HA   sing N N 107 
GLU C   O    doub N N 108 
GLU C   OXT  sing N N 109 
GLU CB  CG   sing N N 110 
GLU CB  HB2  sing N N 111 
GLU CB  HB3  sing N N 112 
GLU CG  CD   sing N N 113 
GLU CG  HG2  sing N N 114 
GLU CG  HG3  sing N N 115 
GLU CD  OE1  doub N N 116 
GLU CD  OE2  sing N N 117 
GLU OE2 HE2  sing N N 118 
GLU OXT HXT  sing N N 119 
GLY N   CA   sing N N 120 
GLY N   H    sing N N 121 
GLY N   H2   sing N N 122 
GLY CA  C    sing N N 123 
GLY CA  HA2  sing N N 124 
GLY CA  HA3  sing N N 125 
GLY C   O    doub N N 126 
GLY C   OXT  sing N N 127 
GLY OXT HXT  sing N N 128 
GOL C1  O1   sing N N 129 
GOL C1  C2   sing N N 130 
GOL C1  H11  sing N N 131 
GOL C1  H12  sing N N 132 
GOL O1  HO1  sing N N 133 
GOL C2  O2   sing N N 134 
GOL C2  C3   sing N N 135 
GOL C2  H2   sing N N 136 
GOL O2  HO2  sing N N 137 
GOL C3  O3   sing N N 138 
GOL C3  H31  sing N N 139 
GOL C3  H32  sing N N 140 
GOL O3  HO3  sing N N 141 
HIS N   CA   sing N N 142 
HIS N   H    sing N N 143 
HIS N   H2   sing N N 144 
HIS CA  C    sing N N 145 
HIS CA  CB   sing N N 146 
HIS CA  HA   sing N N 147 
HIS C   O    doub N N 148 
HIS C   OXT  sing N N 149 
HIS CB  CG   sing N N 150 
HIS CB  HB2  sing N N 151 
HIS CB  HB3  sing N N 152 
HIS CG  ND1  sing Y N 153 
HIS CG  CD2  doub Y N 154 
HIS ND1 CE1  doub Y N 155 
HIS ND1 HD1  sing N N 156 
HIS CD2 NE2  sing Y N 157 
HIS CD2 HD2  sing N N 158 
HIS CE1 NE2  sing Y N 159 
HIS CE1 HE1  sing N N 160 
HIS NE2 HE2  sing N N 161 
HIS OXT HXT  sing N N 162 
HOH O   H1   sing N N 163 
HOH O   H2   sing N N 164 
ILE N   CA   sing N N 165 
ILE N   H    sing N N 166 
ILE N   H2   sing N N 167 
ILE CA  C    sing N N 168 
ILE CA  CB   sing N N 169 
ILE CA  HA   sing N N 170 
ILE C   O    doub N N 171 
ILE C   OXT  sing N N 172 
ILE CB  CG1  sing N N 173 
ILE CB  CG2  sing N N 174 
ILE CB  HB   sing N N 175 
ILE CG1 CD1  sing N N 176 
ILE CG1 HG12 sing N N 177 
ILE CG1 HG13 sing N N 178 
ILE CG2 HG21 sing N N 179 
ILE CG2 HG22 sing N N 180 
ILE CG2 HG23 sing N N 181 
ILE CD1 HD11 sing N N 182 
ILE CD1 HD12 sing N N 183 
ILE CD1 HD13 sing N N 184 
ILE OXT HXT  sing N N 185 
LEU N   CA   sing N N 186 
LEU N   H    sing N N 187 
LEU N   H2   sing N N 188 
LEU CA  C    sing N N 189 
LEU CA  CB   sing N N 190 
LEU CA  HA   sing N N 191 
LEU C   O    doub N N 192 
LEU C   OXT  sing N N 193 
LEU CB  CG   sing N N 194 
LEU CB  HB2  sing N N 195 
LEU CB  HB3  sing N N 196 
LEU CG  CD1  sing N N 197 
LEU CG  CD2  sing N N 198 
LEU CG  HG   sing N N 199 
LEU CD1 HD11 sing N N 200 
LEU CD1 HD12 sing N N 201 
LEU CD1 HD13 sing N N 202 
LEU CD2 HD21 sing N N 203 
LEU CD2 HD22 sing N N 204 
LEU CD2 HD23 sing N N 205 
LEU OXT HXT  sing N N 206 
LYS N   CA   sing N N 207 
LYS N   H    sing N N 208 
LYS N   H2   sing N N 209 
LYS CA  C    sing N N 210 
LYS CA  CB   sing N N 211 
LYS CA  HA   sing N N 212 
LYS C   O    doub N N 213 
LYS C   OXT  sing N N 214 
LYS CB  CG   sing N N 215 
LYS CB  HB2  sing N N 216 
LYS CB  HB3  sing N N 217 
LYS CG  CD   sing N N 218 
LYS CG  HG2  sing N N 219 
LYS CG  HG3  sing N N 220 
LYS CD  CE   sing N N 221 
LYS CD  HD2  sing N N 222 
LYS CD  HD3  sing N N 223 
LYS CE  NZ   sing N N 224 
LYS CE  HE2  sing N N 225 
LYS CE  HE3  sing N N 226 
LYS NZ  HZ1  sing N N 227 
LYS NZ  HZ2  sing N N 228 
LYS NZ  HZ3  sing N N 229 
LYS OXT HXT  sing N N 230 
MET N   CA   sing N N 231 
MET N   H    sing N N 232 
MET N   H2   sing N N 233 
MET CA  C    sing N N 234 
MET CA  CB   sing N N 235 
MET CA  HA   sing N N 236 
MET C   O    doub N N 237 
MET C   OXT  sing N N 238 
MET CB  CG   sing N N 239 
MET CB  HB2  sing N N 240 
MET CB  HB3  sing N N 241 
MET CG  SD   sing N N 242 
MET CG  HG2  sing N N 243 
MET CG  HG3  sing N N 244 
MET SD  CE   sing N N 245 
MET CE  HE1  sing N N 246 
MET CE  HE2  sing N N 247 
MET CE  HE3  sing N N 248 
MET OXT HXT  sing N N 249 
PHE N   CA   sing N N 250 
PHE N   H    sing N N 251 
PHE N   H2   sing N N 252 
PHE CA  C    sing N N 253 
PHE CA  CB   sing N N 254 
PHE CA  HA   sing N N 255 
PHE C   O    doub N N 256 
PHE C   OXT  sing N N 257 
PHE CB  CG   sing N N 258 
PHE CB  HB2  sing N N 259 
PHE CB  HB3  sing N N 260 
PHE CG  CD1  doub Y N 261 
PHE CG  CD2  sing Y N 262 
PHE CD1 CE1  sing Y N 263 
PHE CD1 HD1  sing N N 264 
PHE CD2 CE2  doub Y N 265 
PHE CD2 HD2  sing N N 266 
PHE CE1 CZ   doub Y N 267 
PHE CE1 HE1  sing N N 268 
PHE CE2 CZ   sing Y N 269 
PHE CE2 HE2  sing N N 270 
PHE CZ  HZ   sing N N 271 
PHE OXT HXT  sing N N 272 
PRO N   CA   sing N N 273 
PRO N   CD   sing N N 274 
PRO N   H    sing N N 275 
PRO CA  C    sing N N 276 
PRO CA  CB   sing N N 277 
PRO CA  HA   sing N N 278 
PRO C   O    doub N N 279 
PRO C   OXT  sing N N 280 
PRO CB  CG   sing N N 281 
PRO CB  HB2  sing N N 282 
PRO CB  HB3  sing N N 283 
PRO CG  CD   sing N N 284 
PRO CG  HG2  sing N N 285 
PRO CG  HG3  sing N N 286 
PRO CD  HD2  sing N N 287 
PRO CD  HD3  sing N N 288 
PRO OXT HXT  sing N N 289 
SER N   CA   sing N N 290 
SER N   H    sing N N 291 
SER N   H2   sing N N 292 
SER CA  C    sing N N 293 
SER CA  CB   sing N N 294 
SER CA  HA   sing N N 295 
SER C   O    doub N N 296 
SER C   OXT  sing N N 297 
SER CB  OG   sing N N 298 
SER CB  HB2  sing N N 299 
SER CB  HB3  sing N N 300 
SER OG  HG   sing N N 301 
SER OXT HXT  sing N N 302 
THR N   CA   sing N N 303 
THR N   H    sing N N 304 
THR N   H2   sing N N 305 
THR CA  C    sing N N 306 
THR CA  CB   sing N N 307 
THR CA  HA   sing N N 308 
THR C   O    doub N N 309 
THR C   OXT  sing N N 310 
THR CB  OG1  sing N N 311 
THR CB  CG2  sing N N 312 
THR CB  HB   sing N N 313 
THR OG1 HG1  sing N N 314 
THR CG2 HG21 sing N N 315 
THR CG2 HG22 sing N N 316 
THR CG2 HG23 sing N N 317 
THR OXT HXT  sing N N 318 
TRP N   CA   sing N N 319 
TRP N   H    sing N N 320 
TRP N   H2   sing N N 321 
TRP CA  C    sing N N 322 
TRP CA  CB   sing N N 323 
TRP CA  HA   sing N N 324 
TRP C   O    doub N N 325 
TRP C   OXT  sing N N 326 
TRP CB  CG   sing N N 327 
TRP CB  HB2  sing N N 328 
TRP CB  HB3  sing N N 329 
TRP CG  CD1  doub Y N 330 
TRP CG  CD2  sing Y N 331 
TRP CD1 NE1  sing Y N 332 
TRP CD1 HD1  sing N N 333 
TRP CD2 CE2  doub Y N 334 
TRP CD2 CE3  sing Y N 335 
TRP NE1 CE2  sing Y N 336 
TRP NE1 HE1  sing N N 337 
TRP CE2 CZ2  sing Y N 338 
TRP CE3 CZ3  doub Y N 339 
TRP CE3 HE3  sing N N 340 
TRP CZ2 CH2  doub Y N 341 
TRP CZ2 HZ2  sing N N 342 
TRP CZ3 CH2  sing Y N 343 
TRP CZ3 HZ3  sing N N 344 
TRP CH2 HH2  sing N N 345 
TRP OXT HXT  sing N N 346 
TYR N   CA   sing N N 347 
TYR N   H    sing N N 348 
TYR N   H2   sing N N 349 
TYR CA  C    sing N N 350 
TYR CA  CB   sing N N 351 
TYR CA  HA   sing N N 352 
TYR C   O    doub N N 353 
TYR C   OXT  sing N N 354 
TYR CB  CG   sing N N 355 
TYR CB  HB2  sing N N 356 
TYR CB  HB3  sing N N 357 
TYR CG  CD1  doub Y N 358 
TYR CG  CD2  sing Y N 359 
TYR CD1 CE1  sing Y N 360 
TYR CD1 HD1  sing N N 361 
TYR CD2 CE2  doub Y N 362 
TYR CD2 HD2  sing N N 363 
TYR CE1 CZ   doub Y N 364 
TYR CE1 HE1  sing N N 365 
TYR CE2 CZ   sing Y N 366 
TYR CE2 HE2  sing N N 367 
TYR CZ  OH   sing N N 368 
TYR OH  HH   sing N N 369 
TYR OXT HXT  sing N N 370 
VAL N   CA   sing N N 371 
VAL N   H    sing N N 372 
VAL N   H2   sing N N 373 
VAL CA  C    sing N N 374 
VAL CA  CB   sing N N 375 
VAL CA  HA   sing N N 376 
VAL C   O    doub N N 377 
VAL C   OXT  sing N N 378 
VAL CB  CG1  sing N N 379 
VAL CB  CG2  sing N N 380 
VAL CB  HB   sing N N 381 
VAL CG1 HG11 sing N N 382 
VAL CG1 HG12 sing N N 383 
VAL CG1 HG13 sing N N 384 
VAL CG2 HG21 sing N N 385 
VAL CG2 HG22 sing N N 386 
VAL CG2 HG23 sing N N 387 
VAL OXT HXT  sing N N 388 
# 
_atom_sites.entry_id                    1VYI 
_atom_sites.fract_transf_matrix[1][1]   0.00468497 
_atom_sites.fract_transf_matrix[1][2]   0.00831165 
_atom_sites.fract_transf_matrix[1][3]   0.02425628 
_atom_sites.fract_transf_matrix[2][1]   -0.01250607 
_atom_sites.fract_transf_matrix[2][2]   -0.01079206 
_atom_sites.fract_transf_matrix[2][3]   0.02008716 
_atom_sites.fract_transf_matrix[3][1]   0.00687586 
_atom_sites.fract_transf_matrix[3][2]   -0.00637430 
_atom_sites.fract_transf_matrix[3][3]   0.00085618 
_atom_sites.fract_transf_vector[1]      0.641040 
_atom_sites.fract_transf_vector[2]      1.038549 
_atom_sites.fract_transf_vector[3]      0.016125 
# 
loop_
_atom_type.symbol 
C 
N 
O 
S 
# 
loop_
_atom_site.group_PDB 
_atom_site.id 
_atom_site.type_symbol 
_atom_site.label_atom_id 
_atom_site.label_alt_id 
_atom_site.label_comp_id 
_atom_site.label_asym_id 
_atom_site.label_entity_id 
_atom_site.label_seq_id 
_atom_site.pdbx_PDB_ins_code 
_atom_site.Cartn_x 
_atom_site.Cartn_y 
_atom_site.Cartn_z 
_atom_site.occupancy 
_atom_site.B_iso_or_equiv 
_atom_site.pdbx_formal_charge 
_atom_site.auth_seq_id 
_atom_site.auth_comp_id 
_atom_site.auth_asym_id 
_atom_site.auth_atom_id 
_atom_site.pdbx_PDB_model_num 
ATOM   1    N N   . TRP A 1 1   ? 11.561  -29.354 8.330   1.00   19.86 ? 186  TRP A N   1 
ATOM   2    C CA  . TRP A 1 1   ? 11.449  -28.897 6.917   1.00   18.72 ? 186  TRP A CA  1 
ATOM   3    C C   . TRP A 1 1   ? 11.588  -27.394 6.861   1.00   19.75 ? 186  TRP A C   1 
ATOM   4    O O   . TRP A 1 1   ? 11.075  -26.700 7.707   1.00   19.66 ? 186  TRP A O   1 
ATOM   5    C CB  . TRP A 1 1   ? 10.110  -29.273 6.322   1.00   19.43 ? 186  TRP A CB  1 
ATOM   6    C CG  . TRP A 1 1   ? 9.825   -30.729 6.341   1.00   18.08 ? 186  TRP A CG  1 
ATOM   7    C CD1 . TRP A 1 1   ? 9.114   -31.398 7.275   1.00   22.45 ? 186  TRP A CD1 1 
ATOM   8    C CD2 . TRP A 1 1   ? 10.196  -31.678 5.341   1.00   19.49 ? 186  TRP A CD2 1 
ATOM   9    N NE1 . TRP A 1 1   ? 9.046   -32.730 6.943   1.00   20.94 ? 186  TRP A NE1 1 
ATOM   10   C CE2 . TRP A 1 1   ? 9.702   -32.927 5.757   1.00   20.43 ? 186  TRP A CE2 1 
ATOM   11   C CE3 . TRP A 1 1   ? 10.934  -31.603 4.149   1.00   19.78 ? 186  TRP A CE3 1 
ATOM   12   C CZ2 . TRP A 1 1   ? 9.885   -34.083 5.014   1.00   19.57 ? 186  TRP A CZ2 1 
ATOM   13   C CZ3 . TRP A 1 1   ? 11.103  -32.762 3.403   1.00   20.83 ? 186  TRP A CZ3 1 
ATOM   14   C CH2 . TRP A 1 1   ? 10.605  -33.985 3.862   1.00   20.75 ? 186  TRP A CH2 1 
ATOM   15   N N   . SER A 1 2   ? 12.257  -26.898 5.830   1.00   19.91 ? 187  SER A N   1 
ATOM   16   C CA  . SER A 1 2   ? 12.367  -25.470 5.605   1.00   21.42 ? 187  SER A CA  1 
ATOM   17   C C   . SER A 1 2   ? 10.970  -24.900 5.497   1.00   21.93 ? 187  SER A C   1 
ATOM   18   O O   . SER A 1 2   ? 10.026  -25.584 5.145   1.00   23.09 ? 187  SER A O   1 
ATOM   19   C CB  . SER A 1 2   ? 13.130  -25.205 4.304   1.00   20.92 ? 187  SER A CB  1 
ATOM   20   O OG  . SER A 1 2   ? 14.426  -25.766 4.313   1.00   25.22 ? 187  SER A OG  1 
ATOM   21   N N   . ALA A 1 3   ? 10.841  -23.606 5.761   1.00   23.62 ? 188  ALA A N   1 
ATOM   22   C CA  . ALA A 1 3   ? 9.596   -22.938 5.523   1.00   24.13 ? 188  ALA A CA  1 
ATOM   23   C C   . ALA A 1 3   ? 9.116   -23.147 4.091   1.00   24.03 ? 188  ALA A C   1 
ATOM   24   O O   . ALA A 1 3   ? 9.891   -22.932 3.147   1.00   23.86 ? 188  ALA A O   1 
ATOM   25   C CB  . ALA A 1 3   ? 9.794   -21.446 5.791   1.00   24.76 ? 188  ALA A CB  1 
ATOM   26   N N   . THR A 1 4   ? 7.857   -23.549 3.923   1.00   24.37 ? 189  THR A N   1 
ATOM   27   C CA  . THR A 1 4   ? 7.254   -23.713 2.598   1.00   24.40 ? 189  THR A CA  1 
ATOM   28   C C   . THR A 1 4   ? 6.885   -22.354 2.022   1.00   24.44 ? 189  THR A C   1 
ATOM   29   O O   . THR A 1 4   ? 6.828   -21.356 2.737   1.00   23.17 ? 189  THR A O   1 
ATOM   30   C CB  . THR A 1 4   ? 5.985   -24.581 2.618   1.00   24.95 ? 189  THR A CB  1 
ATOM   31   O OG1 . THR A 1 4   ? 4.949   -23.948 3.390   1.00   26.64 ? 189  THR A OG1 1 
ATOM   32   C CG2 . THR A 1 4   ? 6.200   -25.919 3.323   1.00   26.30 ? 189  THR A CG2 1 
ATOM   33   N N   . ASN A 1 5   ? 6.615   -22.304 0.728   1.00   23.59 ? 190  ASN A N   1 
ATOM   34   C CA  . ASN A 1 5   ? 6.114   -21.057 0.135   1.00   24.29 ? 190  ASN A CA  1 
ATOM   35   C C   . ASN A 1 5   ? 4.814   -20.607 0.804   1.00   24.20 ? 190  ASN A C   1 
ATOM   36   O O   . ASN A 1 5   ? 4.622   -19.401 1.053   1.00   24.32 ? 190  ASN A O   1 
ATOM   37   C CB  . ASN A 1 5   ? 5.931   -21.223 -1.389  1.00   25.34 ? 190  ASN A CB  1 
ATOM   38   C CG  . ASN A 1 5   ? 7.228   -21.036 -2.154  1.00   28.29 ? 190  ASN A CG  1 
ATOM   39   O OD1 . ASN A 1 5   ? 8.315   -21.045 -1.589  1.00   31.43 ? 190  ASN A OD1 1 
ATOM   40   N ND2 . ASN A 1 5   ? 7.109   -20.876 -3.472  1.00   33.97 ? 190  ASN A ND2 1 
ATOM   41   N N   . GLU A 1 6   ? 3.953   -21.559 1.144   1.00   23.91 ? 191  GLU A N   1 
ATOM   42   C CA  . GLU A 1 6   ? 2.661   -21.248 1.765   1.00   24.64 ? 191  GLU A CA  1 
ATOM   43   C C   . GLU A 1 6   ? 2.896   -20.658 3.143   1.00   24.22 ? 191  GLU A C   1 
ATOM   44   O O   . GLU A 1 6   ? 2.275   -19.656 3.505   1.00   23.52 ? 191  GLU A O   1 
ATOM   45   C CB  . GLU A 1 6   ? 1.768   -22.485 1.857   1.00   25.41 ? 191  GLU A CB  1 
ATOM   46   C CG  . GLU A 1 6   ? 1.150   -22.929 0.545   1.00   28.60 ? 191  GLU A CG  1 
ATOM   47   C CD  . GLU A 1 6   ? 2.428   -24.132 0.034   0.0000 39.11 ? 191  GLU A CD  1 
ATOM   48   O OE1 . GLU A 1 6   ? 3.391   -24.396 0.785   0.0000 43.49 ? 191  GLU A OE1 1 
ATOM   49   O OE2 . GLU A 1 6   ? 2.249   -24.688 -1.070  0.0000 45.26 ? 191  GLU A OE2 1 
ATOM   50   N N   . GLU A 1 7   ? 3.813   -21.253 3.900   1.00   23.94 ? 192  GLU A N   1 
ATOM   51   C CA  . GLU A 1 7   ? 4.170   -20.749 5.230   1.00   23.35 ? 192  GLU A CA  1 
ATOM   52   C C   . GLU A 1 7   ? 4.790   -19.351 5.155   1.00   22.91 ? 192  GLU A C   1 
ATOM   53   O O   . GLU A 1 7   ? 4.461   -18.484 5.962   1.00   22.25 ? 192  GLU A O   1 
ATOM   54   C CB  . GLU A 1 7   ? 5.117   -21.727 5.956   1.00   24.11 ? 192  GLU A CB  1 
ATOM   55   C CG  . GLU A 1 7   ? 4.454   -23.009 6.452   1.00   27.18 ? 192  GLU A CG  1 
ATOM   56   C CD  . GLU A 1 7   ? 5.457   -24.024 7.001   1.00   29.18 ? 192  GLU A CD  1 
ATOM   57   O OE1 . GLU A 1 7   ? 6.561   -24.142 6.448   1.00   30.62 ? 192  GLU A OE1 1 
ATOM   58   O OE2 . GLU A 1 7   ? 5.151   -24.691 8.033   1.00   30.18 ? 192  GLU A OE2 1 
ATOM   59   N N   . ASP A 1 8   ? 5.638   -19.095 4.167   1.00   21.73 ? 193  ASP A N   1 
ATOM   60   C CA  . ASP A 1 8   ? 6.244   -17.777 4.014   1.00   22.32 ? 193  ASP A CA  1 
ATOM   61   C C   . ASP A 1 8   ? 5.182   -16.739 3.645   1.00   21.33 ? 193  ASP A C   1 
ATOM   62   O O   . ASP A 1 8   ? 5.280   -15.604 4.109   1.00   21.17 ? 193  ASP A O   1 
ATOM   63   C CB  . ASP A 1 8   ? 7.380   -17.750 2.977   1.00   23.60 ? 193  ASP A CB  1 
ATOM   64   C CG  . ASP A 1 8   ? 8.705   -18.208 3.524   1.00   27.09 ? 193  ASP A CG  1 
ATOM   65   O OD1 . ASP A 1 8   ? 8.859   -18.357 4.752   1.00   30.76 ? 193  ASP A OD1 1 
ATOM   66   O OD2 . ASP A 1 8   ? 9.672   -18.458 2.754   1.00   33.18 ? 193  ASP A OD2 1 
ATOM   67   N N   . ASP A 1 9   ? 4.191   -17.139 2.853   1.00   20.51 ? 194  ASP A N   1 
ATOM   68   C CA  . ASP A 1 9   ? 3.121   -16.255 2.447   1.00   20.21 ? 194  ASP A CA  1 
ATOM   69   C C   . ASP A 1 9   ? 2.297   -15.877 3.678   1.00   19.38 ? 194  ASP A C   1 
ATOM   70   O O   . ASP A 1 9   ? 1.913   -14.709 3.836   1.00   19.15 ? 194  ASP A O   1 
ATOM   71   C CB  . ASP A 1 9   ? 2.241   -16.917 1.380   1.00   20.68 ? 194  ASP A CB  1 
ATOM   72   C CG  . ASP A 1 9   ? 1.170   -15.995 0.852   1.00   23.25 ? 194  ASP A CG  1 
ATOM   73   O OD1 . ASP A 1 9   ? 1.517   -14.870 0.410   1.00   23.78 ? 194  ASP A OD1 1 
ATOM   74   O OD2 . ASP A 1 9   ? -0.033  -16.285 0.918   1.00   28.25 ? 194  ASP A OD2 1 
ATOM   75   N N   . LEU A 1 10  ? 2.023   -16.829 4.561   1.00   19.11 ? 195  LEU A N   1 
ATOM   76   C CA  . LEU A 1 10  ? 1.283   -16.516 5.777   1.00   19.28 ? 195  LEU A CA  1 
ATOM   77   C C   . LEU A 1 10  ? 2.060   -15.538 6.644   1.00   19.13 ? 195  LEU A C   1 
ATOM   78   O O   . LEU A 1 10  ? 1.492   -14.628 7.260   1.00   17.81 ? 195  LEU A O   1 
ATOM   79   C CB  . LEU A 1 10  ? 0.980   -17.804 6.564   1.00   20.65 ? 195  LEU A CB  1 
ATOM   80   C CG  . LEU A 1 10  ? -0.028  -18.739 5.901   1.00   22.59 ? 195  LEU A CG  1 
ATOM   81   C CD1 . LEU A 1 10  ? -0.394  -19.895 6.851   1.00   24.85 ? 195  LEU A CD1 1 
ATOM   82   C CD2 . LEU A 1 10  ? -1.295  -18.051 5.407   1.00   23.98 ? 195  LEU A CD2 1 
ATOM   83   N N   . SER A 1 11  ? 3.368   -15.696 6.726   1.00   18.74 ? 196  SER A N   1 
ATOM   84   C CA  . SER A 1 11  ? 4.198   -14.801 7.531   1.00   18.78 ? 196  SER A CA  1 
ATOM   85   C C   . SER A 1 11  ? 4.171   -13.379 6.962   1.00   18.84 ? 196  SER A C   1 
ATOM   86   O O   . SER A 1 11  ? 4.055   -12.396 7.701   1.00   19.57 ? 196  SER A O   1 
ATOM   87   C CB  A SER A 1 11  ? 5.643   -15.272 7.596   0.70   19.75 ? 196  SER A CB  1 
ATOM   88   C CB  B SER A 1 11  ? 5.634   -15.326 7.587   0.30   19.02 ? 196  SER A CB  1 
ATOM   89   O OG  A SER A 1 11  ? 5.718   -16.551 8.174   0.70   22.45 ? 196  SER A OG  1 
ATOM   90   O OG  B SER A 1 11  ? 6.479   -14.470 8.331   0.30   17.94 ? 196  SER A OG  1 
ATOM   91   N N   . VAL A 1 12  ? 4.285   -13.272 5.637   1.00   19.32 ? 197  VAL A N   1 
ATOM   92   C CA  . VAL A 1 12  ? 4.259   -11.988 4.961   1.00   19.02 ? 197  VAL A CA  1 
ATOM   93   C C   . VAL A 1 12  ? 2.896   -11.325 5.168   1.00   17.33 ? 197  VAL A C   1 
ATOM   94   O O   . VAL A 1 12  ? 2.828   -10.137 5.476   1.00   18.70 ? 197  VAL A O   1 
ATOM   95   C CB  . VAL A 1 12  ? 4.536   -12.161 3.429   1.00   19.74 ? 197  VAL A CB  1 
ATOM   96   C CG1 . VAL A 1 12  ? 4.083   -10.969 2.647   1.00   20.97 ? 197  VAL A CG1 1 
ATOM   97   C CG2 . VAL A 1 12  ? 6.011   -12.433 3.199   1.00   20.80 ? 197  VAL A CG2 1 
ATOM   98   N N   . GLU A 1 13  ? 1.822   -12.083 5.014   1.00   17.33 ? 198  GLU A N   1 
ATOM   99   C CA  . GLU A 1 13  ? 0.492   -11.508 5.170   1.00   16.89 ? 198  GLU A CA  1 
ATOM   100  C C   . GLU A 1 13  ? 0.301   -10.989 6.598   1.00   17.19 ? 198  GLU A C   1 
ATOM   101  O O   . GLU A 1 13  ? -0.258  -9.941  6.777   1.00   16.86 ? 198  GLU A O   1 
ATOM   102  C CB  . GLU A 1 13  ? -0.588  -12.490 4.797   1.00   17.32 ? 198  GLU A CB  1 
ATOM   103  C CG  . GLU A 1 13  ? -0.680  -12.751 3.276   1.00   17.65 ? 198  GLU A CG  1 
ATOM   104  C CD  . GLU A 1 13  ? -2.074  -13.135 2.831   1.00   20.39 ? 198  GLU A CD  1 
ATOM   105  O OE1 . GLU A 1 13  ? -2.952  -13.426 3.653   1.00   19.58 ? 198  GLU A OE1 1 
ATOM   106  O OE2 . GLU A 1 13  ? -2.335  -13.122 1.595   1.00   24.03 ? 198  GLU A OE2 1 
ATOM   107  N N   . ALA A 1 14  ? 0.776   -11.700 7.613   1.00   17.08 ? 199  ALA A N   1 
ATOM   108  C CA  . ALA A 1 14  ? 0.572   -11.257 8.977   1.00   16.22 ? 199  ALA A CA  1 
ATOM   109  C C   . ALA A 1 14  ? 1.380   -9.998  9.279   1.00   15.69 ? 199  ALA A C   1 
ATOM   110  O O   . ALA A 1 14  ? 0.930   -9.110  10.015  1.00   16.24 ? 199  ALA A O   1 
ATOM   111  C CB  . ALA A 1 14  ? 0.876   -12.353 9.974   1.00   16.56 ? 199  ALA A CB  1 
ATOM   112  N N   . GLU A 1 15  ? 2.577   -9.889  8.698   1.00   16.67 ? 200  GLU A N   1 
ATOM   113  C CA  . GLU A 1 15  ? 3.387   -8.682  8.824   1.00   16.25 ? 200  GLU A CA  1 
ATOM   114  C C   . GLU A 1 15  ? 2.730   -7.481  8.133   1.00   16.54 ? 200  GLU A C   1 
ATOM   115  O O   . GLU A 1 15  ? 2.634   -6.405  8.712   1.00   16.87 ? 200  GLU A O   1 
ATOM   116  C CB  . GLU A 1 15  ? 4.798   -8.929  8.258   1.00   17.75 ? 200  GLU A CB  1 
ATOM   117  C CG  . GLU A 1 15  ? 5.711   -7.727  8.325   1.00   19.20 ? 200  GLU A CG  1 
ATOM   118  C CD  . GLU A 1 15  ? 6.112   -7.348  9.747   1.00   20.82 ? 200  GLU A CD  1 
ATOM   119  O OE1 . GLU A 1 15  ? 6.514   -8.280  10.512  1.00   21.88 ? 200  GLU A OE1 1 
ATOM   120  O OE2 . GLU A 1 15  ? 5.997   -6.167  10.129  1.00   21.17 ? 200  GLU A OE2 1 
ATOM   121  N N   . ILE A 1 16  ? 2.268   -7.673  6.905   1.00   16.24 ? 201  ILE A N   1 
ATOM   122  C CA  . ILE A 1 16  ? 1.592   -6.583  6.205   1.00   16.43 ? 201  ILE A CA  1 
ATOM   123  C C   . ILE A 1 16  ? 0.325   -6.200  6.948   1.00   16.08 ? 201  ILE A C   1 
ATOM   124  O O   . ILE A 1 16  ? 0.057   -5.015  7.139   1.00   15.32 ? 201  ILE A O   1 
ATOM   125  C CB  . ILE A 1 16  ? 1.277   -6.973  4.738   1.00   15.48 ? 201  ILE A CB  1 
ATOM   126  C CG1 . ILE A 1 16  ? 2.537   -7.149  3.926   1.00   16.56 ? 201  ILE A CG1 1 
ATOM   127  C CG2 . ILE A 1 16  ? 0.428   -5.926  4.058   1.00   16.00 ? 201  ILE A CG2 1 
ATOM   128  C CD1 . ILE A 1 16  ? 2.333   -7.818  2.554   1.00   18.20 ? 201  ILE A CD1 1 
ATOM   129  N N   . ALA A 1 17  ? -0.471  -7.177  7.370   1.00   15.32 ? 202  ALA A N   1 
ATOM   130  C CA  . ALA A 1 17  ? -1.691  -6.901  8.100   1.00   15.14 ? 202  ALA A CA  1 
ATOM   131  C C   . ALA A 1 17  ? -1.392  -6.075  9.374   1.00   15.19 ? 202  ALA A C   1 
ATOM   132  O O   . ALA A 1 17  ? -2.123  -5.126  9.722   1.00   15.66 ? 202  ALA A O   1 
ATOM   133  C CB  . ALA A 1 17  ? -2.428  -8.199  8.474   1.00   15.27 ? 202  ALA A CB  1 
ATOM   134  N N   . HIS A 1 18  ? -0.348  -6.465  10.097  1.00   15.19 ? 203  HIS A N   1 
ATOM   135  C CA  . HIS A 1 18  ? 0.053   -5.732  11.285  1.00   15.26 ? 203  HIS A CA  1 
ATOM   136  C C   . HIS A 1 18  ? 0.372   -4.269  10.959  1.00   15.41 ? 203  HIS A C   1 
ATOM   137  O O   . HIS A 1 18  ? -0.094  -3.369  11.614  1.00   16.46 ? 203  HIS A O   1 
ATOM   138  C CB  . HIS A 1 18  ? 1.288   -6.385  11.932  1.00   15.31 ? 203  HIS A CB  1 
ATOM   139  C CG  . HIS A 1 18  ? 2.103   -5.442  12.744  1.00   14.88 ? 203  HIS A CG  1 
ATOM   140  N ND1 . HIS A 1 18  ? 1.604   -4.754  13.833  1.00   15.47 ? 203  HIS A ND1 1 
ATOM   141  C CD2 . HIS A 1 18  ? 3.394   -5.048  12.613  1.00   17.50 ? 203  HIS A CD2 1 
ATOM   142  C CE1 . HIS A 1 18  ? 2.553   -3.975  14.325  1.00   17.29 ? 203  HIS A CE1 1 
ATOM   143  N NE2 . HIS A 1 18  ? 3.644   -4.138  13.607  1.00   19.55 ? 203  HIS A NE2 1 
ATOM   144  N N   . GLN A 1 19  ? 1.200   -4.046  9.940   1.00   16.08 ? 204  GLN A N   1 
ATOM   145  C CA  . GLN A 1 19  ? 1.645   -2.674  9.609   1.00   15.47 ? 204  GLN A CA  1 
ATOM   146  C C   . GLN A 1 19  ? 0.486   -1.827  9.100   1.00   16.00 ? 204  GLN A C   1 
ATOM   147  O O   . GLN A 1 19  ? 0.387   -0.642  9.424   1.00   16.55 ? 204  GLN A O   1 
ATOM   148  C CB  . GLN A 1 19  ? 2.773   -2.702  8.596   1.00   16.06 ? 204  GLN A CB  1 
ATOM   149  C CG  . GLN A 1 19  ? 4.089   -3.236  9.177   1.00   17.48 ? 204  GLN A CG  1 
ATOM   150  C CD  . GLN A 1 19  ? 5.296   -2.987  8.308   1.00   18.75 ? 204  GLN A CD  1 
ATOM   151  O OE1 . GLN A 1 19  ? 5.441   -1.890  7.752   1.00   19.78 ? 204  GLN A OE1 1 
ATOM   152  N NE2 . GLN A 1 19  ? 6.189   -3.994  8.201   1.00   19.73 ? 204  GLN A NE2 1 
ATOM   153  N N   . ILE A 1 20  ? -0.392  -2.430  8.305   1.00   15.75 ? 205  ILE A N   1 
ATOM   154  C CA  . ILE A 1 20  ? -1.542  -1.702  7.786   1.00   16.38 ? 205  ILE A CA  1 
ATOM   155  C C   . ILE A 1 20  ? -2.520  -1.378  8.925   1.00   15.98 ? 205  ILE A C   1 
ATOM   156  O O   . ILE A 1 20  ? -2.975  -0.254  9.056   1.00   16.06 ? 205  ILE A O   1 
ATOM   157  C CB  . ILE A 1 20  ? -2.183  -2.456  6.619   1.00   16.50 ? 205  ILE A CB  1 
ATOM   158  C CG1 . ILE A 1 20  ? -1.233  -2.387  5.420   1.00   16.80 ? 205  ILE A CG1 1 
ATOM   159  C CG2 . ILE A 1 20  ? -3.540  -1.872  6.279   1.00   17.75 ? 205  ILE A CG2 1 
ATOM   160  C CD1 . ILE A 1 20  ? -1.766  -3.061  4.173   1.00   17.94 ? 205  ILE A CD1 1 
ATOM   161  N N   . ALA A 1 21  ? -2.817  -2.348  9.783   1.00   16.40 ? 206  ALA A N   1 
ATOM   162  C CA  . ALA A 1 21  ? -3.700  -2.090  10.922  1.00   15.98 ? 206  ALA A CA  1 
ATOM   163  C C   . ALA A 1 21  ? -3.145  -0.983  11.841  1.00   16.57 ? 206  ALA A C   1 
ATOM   164  O O   . ALA A 1 21  ? -3.862  -0.086  12.263  1.00   16.93 ? 206  ALA A O   1 
ATOM   165  C CB  . ALA A 1 21  ? -3.939  -3.374  11.696  1.00   16.11 ? 206  ALA A CB  1 
ATOM   166  N N   . GLU A 1 22  ? -1.845  -1.013  12.082  1.00   16.48 ? 207  GLU A N   1 
ATOM   167  C CA  . GLU A 1 22  ? -1.193  -0.065  12.970  1.00   17.52 ? 207  GLU A CA  1 
ATOM   168  C C   . GLU A 1 22  ? -1.350  1.371   12.489  1.00   17.13 ? 207  GLU A C   1 
ATOM   169  O O   . GLU A 1 22  ? -1.477  2.283   13.291  1.00   20.16 ? 207  GLU A O   1 
ATOM   170  C CB  . GLU A 1 22  ? 0.274   -0.434  13.090  1.00   18.54 ? 207  GLU A CB  1 
ATOM   171  C CG  . GLU A 1 22  ? 1.158   0.506   13.876  1.00   21.08 ? 207  GLU A CG  1 
ATOM   172  C CD  . GLU A 1 22  ? 2.572   -0.019  13.888  1.00   25.69 ? 207  GLU A CD  1 
ATOM   173  O OE1 . GLU A 1 22  ? 3.197   -0.090  12.802  1.00   25.98 ? 207  GLU A OE1 1 
ATOM   174  O OE2 . GLU A 1 22  ? 3.075   -0.386  14.978  1.00   28.50 ? 207  GLU A OE2 1 
ATOM   175  N N   . SER A 1 23  ? -1.388  1.551   11.171  1.00   16.55 ? 208  SER A N   1 
ATOM   176  C CA  . SER A 1 23  ? -1.508  2.866   10.545  1.00   17.17 ? 208  SER A CA  1 
ATOM   177  C C   . SER A 1 23  ? -2.810  3.065   9.765   1.00   17.63 ? 208  SER A C   1 
ATOM   178  O O   . SER A 1 23  ? -2.879  3.909   8.877   1.00   17.72 ? 208  SER A O   1 
ATOM   179  C CB  . SER A 1 23  ? -0.292  3.114   9.638   1.00   17.00 ? 208  SER A CB  1 
ATOM   180  O OG  . SER A 1 23  ? 0.920   3.229   10.372  1.00   18.82 ? 208  SER A OG  1 
ATOM   181  N N   . PHE A 1 24  ? -3.852  2.322   10.117  1.00   17.20 ? 209  PHE A N   1 
ATOM   182  C CA  . PHE A 1 24  ? -5.063  2.247   9.313   1.00   16.78 ? 209  PHE A CA  1 
ATOM   183  C C   . PHE A 1 24  ? -5.782  3.584   9.146   1.00   17.08 ? 209  PHE A C   1 
ATOM   184  O O   . PHE A 1 24  ? -6.452  3.786   8.144   1.00   17.43 ? 209  PHE A O   1 
ATOM   185  C CB  . PHE A 1 24  ? -6.042  1.215   9.894   1.00   17.27 ? 209  PHE A CB  1 
ATOM   186  C CG  . PHE A 1 24  ? -6.892  0.533   8.857   1.00   17.36 ? 209  PHE A CG  1 
ATOM   187  C CD1 . PHE A 1 24  ? -6.339  -0.399  8.005   1.00   17.21 ? 209  PHE A CD1 1 
ATOM   188  C CD2 . PHE A 1 24  ? -8.229  0.799   8.752   1.00   18.68 ? 209  PHE A CD2 1 
ATOM   189  C CE1 . PHE A 1 24  ? -7.116  -1.035  7.062   1.00   17.50 ? 209  PHE A CE1 1 
ATOM   190  C CE2 . PHE A 1 24  ? -9.000  0.159   7.806   1.00   18.28 ? 209  PHE A CE2 1 
ATOM   191  C CZ  . PHE A 1 24  ? -8.440  -0.759  6.974   1.00   17.15 ? 209  PHE A CZ  1 
ATOM   192  N N   . SER A 1 25  ? -5.673  4.460   10.148  1.00   18.55 ? 210  SER A N   1 
ATOM   193  C CA  . SER A 1 25  ? -6.376  5.741   10.138  1.00   18.95 ? 210  SER A CA  1 
ATOM   194  C C   . SER A 1 25  ? -5.490  6.926   9.841   1.00   19.39 ? 210  SER A C   1 
ATOM   195  O O   . SER A 1 25  ? -5.995  8.037   9.711   1.00   19.66 ? 210  SER A O   1 
ATOM   196  C CB  . SER A 1 25  ? -7.135  5.938   11.456  1.00   19.91 ? 210  SER A CB  1 
ATOM   197  O OG  . SER A 1 25  ? -8.220  5.026   11.454  1.00   24.16 ? 210  SER A OG  1 
ATOM   198  N N   . LYS A 1 26  ? -4.189  6.692   9.715   1.00   18.51 ? 211  LYS A N   1 
ATOM   199  C CA  . LYS A 1 26  ? -3.216  7.745   9.395   1.00   19.33 ? 211  LYS A CA  1 
ATOM   200  C C   . LYS A 1 26  ? -3.536  8.390   8.046   1.00   20.27 ? 211  LYS A C   1 
ATOM   201  O O   . LYS A 1 26  ? -3.703  7.714   7.025   1.00   18.82 ? 211  LYS A O   1 
ATOM   202  C CB  . LYS A 1 26  ? -1.802  7.198   9.380   1.00   19.79 ? 211  LYS A CB  1 
ATOM   203  C CG  . LYS A 1 26  ? -0.751  8.248   9.037   1.00   20.76 ? 211  LYS A CG  1 
ATOM   204  C CD  . LYS A 1 26  ? 0.620   7.780   9.480   1.00   23.35 ? 211  LYS A CD  1 
ATOM   205  C CE  . LYS A 1 26  ? 1.738   8.765   9.136   1.00   26.57 ? 211  LYS A CE  1 
ATOM   206  N NZ  . LYS A 1 26  ? 1.582   10.046  9.898   1.00   31.07 ? 211  LYS A NZ  1 
ATOM   207  N N   . LYS A 1 27  ? -3.637  9.716   8.040   1.00   20.42 ? 212  LYS A N   1 
ATOM   208  C CA  . LYS A 1 27  ? -3.968  10.462  6.832   1.00   20.55 ? 212  LYS A CA  1 
ATOM   209  C C   . LYS A 1 27  ? -2.679  10.702  6.047   1.00   20.05 ? 212  LYS A C   1 
ATOM   210  O O   . LYS A 1 27  ? -1.696  11.255  6.558   1.00   22.46 ? 212  LYS A O   1 
ATOM   211  C CB  . LYS A 1 27  ? -4.700  11.763  7.172   1.00   22.11 ? 212  LYS A CB  1 
ATOM   212  C CG  . LYS A 1 27  ? -6.124  11.466  7.604   1.00   25.52 ? 212  LYS A CG  1 
ATOM   213  C CD  . LYS A 1 27  ? -6.870  12.664  8.088   1.00   31.95 ? 212  LYS A CD  1 
ATOM   214  C CE  . LYS A 1 27  ? -8.334  12.305  8.324   1.00   35.29 ? 212  LYS A CE  1 
ATOM   215  N NZ  . LYS A 1 27  ? -9.065  13.453  8.927   1.00   37.93 ? 212  LYS A NZ  1 
ATOM   216  N N   . TYR A 1 28  ? -2.713  10.252  4.795   1.00   18.54 ? 213  TYR A N   1 
ATOM   217  C CA  . TYR A 1 28  ? -1.637  10.456  3.845   1.00   18.28 ? 213  TYR A CA  1 
ATOM   218  C C   . TYR A 1 28  ? -2.079  11.409  2.750   1.00   17.99 ? 213  TYR A C   1 
ATOM   219  O O   . TYR A 1 28  ? -3.267  11.535  2.458   1.00   18.15 ? 213  TYR A O   1 
ATOM   220  C CB  . TYR A 1 28  ? -1.249  9.123   3.234   1.00   18.25 ? 213  TYR A CB  1 
ATOM   221  C CG  . TYR A 1 28  ? -0.640  8.145   4.206   1.00   17.03 ? 213  TYR A CG  1 
ATOM   222  C CD1 . TYR A 1 28  ? 0.685   8.267   4.573   1.00   18.73 ? 213  TYR A CD1 1 
ATOM   223  C CD2 . TYR A 1 28  ? -1.372  7.091   4.738   1.00   19.37 ? 213  TYR A CD2 1 
ATOM   224  C CE1 . TYR A 1 28  ? 1.273   7.381   5.472   1.00   19.48 ? 213  TYR A CE1 1 
ATOM   225  C CE2 . TYR A 1 28  ? -0.812  6.207   5.657   1.00   18.66 ? 213  TYR A CE2 1 
ATOM   226  C CZ  . TYR A 1 28  ? 0.515   6.345   6.017   1.00   19.43 ? 213  TYR A CZ  1 
ATOM   227  O OH  . TYR A 1 28  ? 1.027   5.399   6.910   1.00   19.53 ? 213  TYR A OH  1 
ATOM   228  N N   . LYS A 1 29  ? -1.085  12.080  2.165   1.00   19.08 ? 214  LYS A N   1 
ATOM   229  C CA  . LYS A 1 29  ? -1.292  13.098  1.169   1.00   19.49 ? 214  LYS A CA  1 
ATOM   230  C C   . LYS A 1 29  ? -1.177  12.536  -0.238  1.00   18.89 ? 214  LYS A C   1 
ATOM   231  O O   . LYS A 1 29  ? -0.197  11.882  -0.575  1.00   20.05 ? 214  LYS A O   1 
ATOM   232  C CB  . LYS A 1 29  ? -0.260  14.204  1.341   1.00   21.40 ? 214  LYS A CB  1 
ATOM   233  C CG  . LYS A 1 29  ? -0.441  14.961  2.660   1.00   24.52 ? 214  LYS A CG  1 
ATOM   234  C CD  . LYS A 1 29  ? 0.564   16.091  2.803   1.00   28.53 ? 214  LYS A CD  1 
ATOM   235  C CE  . LYS A 1 29  ? 0.214   16.948  4.027   1.00   32.01 ? 214  LYS A CE  1 
ATOM   236  N NZ  . LYS A 1 29  ? 1.037   18.194  4.105   1.00   35.59 ? 214  LYS A NZ  1 
ATOM   237  N N   . PHE A 1 30  ? -2.148  12.886  -1.056  1.00   17.31 ? 215  PHE A N   1 
ATOM   238  C CA  . PHE A 1 30  ? -2.210  12.410  -2.450  1.00   17.00 ? 215  PHE A CA  1 
ATOM   239  C C   . PHE A 1 30  ? -2.456  13.593  -3.386  1.00   17.92 ? 215  PHE A C   1 
ATOM   240  O O   . PHE A 1 30  ? -3.061  14.581  -2.962  1.00   18.16 ? 215  PHE A O   1 
ATOM   241  C CB  . PHE A 1 30  ? -3.301  11.347  -2.609  1.00   17.25 ? 215  PHE A CB  1 
ATOM   242  C CG  . PHE A 1 30  ? -2.996  10.089  -1.861  1.00   16.48 ? 215  PHE A CG  1 
ATOM   243  C CD1 . PHE A 1 30  ? -2.097  9.168   -2.404  1.00   17.18 ? 215  PHE A CD1 1 
ATOM   244  C CD2 . PHE A 1 30  ? -3.525  9.845   -0.601  1.00   16.55 ? 215  PHE A CD2 1 
ATOM   245  C CE1 . PHE A 1 30  ? -1.781  8.022   -1.714  1.00   17.39 ? 215  PHE A CE1 1 
ATOM   246  C CE2 . PHE A 1 30  ? -3.187  8.723   0.088   1.00   16.48 ? 215  PHE A CE2 1 
ATOM   247  C CZ  . PHE A 1 30  ? -2.326  7.803   -0.470  1.00   16.40 ? 215  PHE A CZ  1 
ATOM   248  N N   . PRO A 1 31  ? -2.019  13.512  -4.645  1.00   18.25 ? 216  PRO A N   1 
ATOM   249  C CA  . PRO A 1 31  ? -2.158  14.662  -5.548  1.00   17.49 ? 216  PRO A CA  1 
ATOM   250  C C   . PRO A 1 31  ? -3.549  14.784  -6.119  1.00   18.07 ? 216  PRO A C   1 
ATOM   251  O O   . PRO A 1 31  ? -4.122  13.861  -6.679  1.00   18.92 ? 216  PRO A O   1 
ATOM   252  C CB  . PRO A 1 31  ? -1.151  14.352  -6.653  1.00   17.53 ? 216  PRO A CB  1 
ATOM   253  C CG  . PRO A 1 31  ? -1.123  12.855  -6.720  1.00   18.32 ? 216  PRO A CG  1 
ATOM   254  C CD  . PRO A 1 31  ? -1.248  12.420  -5.259  1.00   17.64 ? 216  PRO A CD  1 
ATOM   255  N N   . SER A 1 32  ? -4.093  15.986  -5.967  1.00   19.48 ? 217  SER A N   1 
ATOM   256  C CA  . SER A 1 32  ? -5.348  16.378  -6.573  1.00   20.61 ? 217  SER A CA  1 
ATOM   257  C C   . SER A 1 32  ? -5.129  16.797  -8.037  1.00   21.60 ? 217  SER A C   1 
ATOM   258  O O   . SER A 1 32  ? -4.014  16.877  -8.531  1.00   22.71 ? 217  SER A O   1 
ATOM   259  C CB  A SER A 1 32  ? -5.963  17.535  -5.782  0.70   21.03 ? 217  SER A CB  1 
ATOM   260  C CB  B SER A 1 32  ? -5.947  17.555  -5.792  0.30   20.80 ? 217  SER A CB  1 
ATOM   261  O OG  A SER A 1 32  ? -5.360  18.768  -6.155  0.70   21.74 ? 217  SER A OG  1 
ATOM   262  O OG  B SER A 1 32  ? -6.345  17.176  -4.490  0.30   21.13 ? 217  SER A OG  1 
ATOM   263  N N   . ARG A 1 33  ? -6.233  17.012  -8.723  1.00   24.22 ? 218  ARG A N   1 
ATOM   264  C CA  . ARG A 1 33  ? -6.219  17.482  -10.124 1.00   25.85 ? 218  ARG A CA  1 
ATOM   265  C C   . ARG A 1 33  ? -5.952  18.987  -10.330 1.00   29.04 ? 218  ARG A C   1 
ATOM   266  O O   . ARG A 1 33  ? -5.881  19.446  -11.474 1.00   29.84 ? 218  ARG A O   1 
ATOM   267  C CB  . ARG A 1 33  ? -7.526  17.076  -10.788 1.00   25.46 ? 218  ARG A CB  1 
ATOM   268  C CG  . ARG A 1 33  ? -7.641  15.553  -10.889 1.00   23.66 ? 218  ARG A CG  1 
ATOM   269  C CD  . ARG A 1 33  ? -8.726  15.071  -11.780 1.00   22.76 ? 218  ARG A CD  1 
ATOM   270  N NE  . ARG A 1 33  ? -8.980  13.630  -11.618 1.00   21.17 ? 218  ARG A NE  1 
ATOM   271  C CZ  . ARG A 1 33  ? -9.978  12.989  -12.214 1.00   20.57 ? 218  ARG A CZ  1 
ATOM   272  N NH1 . ARG A 1 33  ? -10.791 13.603  -13.048 1.00   22.45 ? 218  ARG A NH1 1 
ATOM   273  N NH2 . ARG A 1 33  ? -10.179 11.707  -11.988 1.00   21.39 ? 218  ARG A NH2 1 
ATOM   274  N N   . SER A 1 34  ? -5.802  19.738  -9.242  1.00   31.87 ? 219  SER A N   1 
ATOM   275  C CA  . SER A 1 34  ? -5.553  21.181  -9.316  1.00   33.75 ? 219  SER A CA  1 
ATOM   276  C C   . SER A 1 34  ? -4.310  21.641  -8.534  1.00   34.34 ? 219  SER A C   1 
ATOM   277  O O   . SER A 1 34  ? -4.350  22.665  -7.850  1.00   34.97 ? 219  SER A O   1 
ATOM   278  C CB  . SER A 1 34  ? -6.783  21.923  -8.814  1.00   34.30 ? 219  SER A CB  1 
ATOM   279  O OG  . SER A 1 34  ? -6.958  21.696  -7.436  1.00   37.20 ? 219  SER A OG  1 
ATOM   280  N N   . SER A 1 35  ? -3.207  20.911  -8.641  1.00   34.38 ? 220  SER A N   1 
ATOM   281  C CA  . SER A 1 35  ? -1.933  21.339  -8.039  1.00   34.55 ? 220  SER A CA  1 
ATOM   282  C C   . SER A 1 35  ? -1.980  21.368  -6.518  1.00   32.97 ? 220  SER A C   1 
ATOM   283  O O   . SER A 1 35  ? -1.097  21.963  -5.872  1.00   34.40 ? 220  SER A O   1 
ATOM   284  C CB  . SER A 1 35  ? -1.504  22.724  -8.557  1.00   34.97 ? 220  SER A CB  1 
ATOM   285  O OG  . SER A 1 35  ? -1.997  22.945  -9.866  1.00   37.55 ? 220  SER A OG  1 
ATOM   286  N N   . GLY A 1 36  ? -2.992  20.702  -5.966  1.00   29.99 ? 221  GLY A N   1 
ATOM   287  C CA  . GLY A 1 36  ? -3.198  20.615  -4.534  1.00   27.60 ? 221  GLY A CA  1 
ATOM   288  C C   . GLY A 1 36  ? -3.104  19.184  -4.052  1.00   25.51 ? 221  GLY A C   1 
ATOM   289  O O   . GLY A 1 36  ? -2.603  18.305  -4.737  1.00   24.53 ? 221  GLY A O   1 
ATOM   290  N N   . ILE A 1 37  ? -3.572  18.964  -2.837  1.00   24.11 ? 222  ILE A N   1 
ATOM   291  C CA  . ILE A 1 37  ? -3.545  17.625  -2.254  1.00   23.27 ? 222  ILE A CA  1 
ATOM   292  C C   . ILE A 1 37  ? -4.871  17.318  -1.610  1.00   22.26 ? 222  ILE A C   1 
ATOM   293  O O   . ILE A 1 37  ? -5.627  18.205  -1.249  1.00   23.01 ? 222  ILE A O   1 
ATOM   294  C CB  . ILE A 1 37  ? -2.399  17.464  -1.210  1.00   24.37 ? 222  ILE A CB  1 
ATOM   295  C CG1 . ILE A 1 37  ? -2.655  18.338  0.027   1.00   27.49 ? 222  ILE A CG1 1 
ATOM   296  C CG2 . ILE A 1 37  ? -0.998  17.694  -1.859  1.00   25.80 ? 222  ILE A CG2 1 
ATOM   297  C CD1 . ILE A 1 37  ? -3.134  17.552  1.257   1.00   30.72 ? 222  ILE A CD1 1 
ATOM   298  N N   . PHE A 1 38  ? -5.163  16.030  -1.496  1.00   19.86 ? 223  PHE A N   1 
ATOM   299  C CA  . PHE A 1 38  ? -6.243  15.533  -0.651  1.00   18.96 ? 223  PHE A CA  1 
ATOM   300  C C   . PHE A 1 38  ? -5.692  14.478  0.289   1.00   18.47 ? 223  PHE A C   1 
ATOM   301  O O   . PHE A 1 38  ? -4.665  13.867  0.033   1.00   18.07 ? 223  PHE A O   1 
ATOM   302  C CB  . PHE A 1 38  ? -7.419  14.997  -1.477  1.00   18.90 ? 223  PHE A CB  1 
ATOM   303  C CG  . PHE A 1 38  ? -7.118  13.741  -2.258  1.00   18.06 ? 223  PHE A CG  1 
ATOM   304  C CD1 . PHE A 1 38  ? -6.469  13.818  -3.484  1.00   17.40 ? 223  PHE A CD1 1 
ATOM   305  C CD2 . PHE A 1 38  ? -7.512  12.495  -1.783  1.00   17.82 ? 223  PHE A CD2 1 
ATOM   306  C CE1 . PHE A 1 38  ? -6.215  12.670  -4.209  1.00   17.60 ? 223  PHE A CE1 1 
ATOM   307  C CE2 . PHE A 1 38  ? -7.246  11.330  -2.515  1.00   17.09 ? 223  PHE A CE2 1 
ATOM   308  C CZ  . PHE A 1 38  ? -6.601  11.418  -3.709  1.00   17.34 ? 223  PHE A CZ  1 
ATOM   309  N N   . LEU A 1 39  ? -6.402  14.287  1.394   1.00   18.67 ? 224  LEU A N   1 
ATOM   310  C CA  . LEU A 1 39  ? -6.013  13.326  2.417   1.00   18.40 ? 224  LEU A CA  1 
ATOM   311  C C   . LEU A 1 39  ? -6.838  12.057  2.272   1.00   18.05 ? 224  LEU A C   1 
ATOM   312  O O   . LEU A 1 39  ? -8.018  12.102  1.951   1.00   18.94 ? 224  LEU A O   1 
ATOM   313  C CB  . LEU A 1 39  ? -6.238  13.915  3.824   1.00   19.55 ? 224  LEU A CB  1 
ATOM   314  C CG  . LEU A 1 39  ? -5.489  15.200  4.123   1.00   20.83 ? 224  LEU A CG  1 
ATOM   315  C CD1 . LEU A 1 39  ? -5.849  15.686  5.526   1.00   22.16 ? 224  LEU A CD1 1 
ATOM   316  C CD2 . LEU A 1 39  ? -3.993  14.991  3.924   1.00   20.57 ? 224  LEU A CD2 1 
ATOM   317  N N   . TYR A 1 40  ? -6.192  10.929  2.542   1.00   17.94 ? 225  TYR A N   1 
ATOM   318  C CA  . TYR A 1 40  ? -6.847  9.636   2.457   1.00   16.97 ? 225  TYR A CA  1 
ATOM   319  C C   . TYR A 1 40  ? -6.172  8.680   3.403   1.00   16.98 ? 225  TYR A C   1 
ATOM   320  O O   . TYR A 1 40  ? -4.998  8.837   3.708   1.00   17.75 ? 225  TYR A O   1 
ATOM   321  C CB  . TYR A 1 40  ? -6.755  9.124   1.010   1.00   17.27 ? 225  TYR A CB  1 
ATOM   322  C CG  . TYR A 1 40  ? -7.801  8.180   0.541   1.00   17.30 ? 225  TYR A CG  1 
ATOM   323  C CD1 . TYR A 1 40  ? -9.039  8.596   0.083   1.00   20.75 ? 225  TYR A CD1 1 
ATOM   324  C CD2 . TYR A 1 40  ? -7.501  6.809   0.519   1.00   19.32 ? 225  TYR A CD2 1 
ATOM   325  C CE1 . TYR A 1 40  ? -9.990  7.618   -0.392  1.00   19.27 ? 225  TYR A CE1 1 
ATOM   326  C CE2 . TYR A 1 40  ? -8.367  5.913   0.078   1.00   20.48 ? 225  TYR A CE2 1 
ATOM   327  C CZ  . TYR A 1 40  ? -9.590  6.287   -0.399  1.00   19.77 ? 225  TYR A CZ  1 
ATOM   328  O OH  . TYR A 1 40  ? -10.409 5.243   -0.790  1.00   24.94 ? 225  TYR A OH  1 
ATOM   329  N N   . ASN A 1 41  ? -6.945  7.730   3.919   1.00   17.07 ? 226  ASN A N   1 
ATOM   330  C CA  . ASN A 1 41  ? -6.421  6.671   4.794   1.00   16.38 ? 226  ASN A CA  1 
ATOM   331  C C   . ASN A 1 41  ? -6.990  5.319   4.395   1.00   15.57 ? 226  ASN A C   1 
ATOM   332  O O   . ASN A 1 41  ? -7.907  5.238   3.582   1.00   16.17 ? 226  ASN A O   1 
ATOM   333  C CB  . ASN A 1 41  ? -6.659  7.004   6.290   1.00   16.92 ? 226  ASN A CB  1 
ATOM   334  C CG  . ASN A 1 41  ? -8.123  7.256   6.648   1.00   18.14 ? 226  ASN A CG  1 
ATOM   335  O OD1 . ASN A 1 41  ? -9.052  6.943   5.906   1.00   19.56 ? 226  ASN A OD1 1 
ATOM   336  N ND2 . ASN A 1 41  ? -8.325  7.860   7.847   1.00   18.72 ? 226  ASN A ND2 1 
ATOM   337  N N   . PHE A 1 42  ? -6.428  4.262   4.967   1.00   15.45 ? 227  PHE A N   1 
ATOM   338  C CA  . PHE A 1 42  ? -6.931  2.927   4.670   1.00   16.03 ? 227  PHE A CA  1 
ATOM   339  C C   . PHE A 1 42  ? -8.385  2.767   5.106   1.00   17.03 ? 227  PHE A C   1 
ATOM   340  O O   . PHE A 1 42  ? -9.153  2.021   4.506   1.00   17.14 ? 227  PHE A O   1 
ATOM   341  C CB  . PHE A 1 42  ? -6.104  1.813   5.347   1.00   15.41 ? 227  PHE A CB  1 
ATOM   342  C CG  . PHE A 1 42  ? -4.751  1.540   4.696   1.00   14.89 ? 227  PHE A CG  1 
ATOM   343  C CD1 . PHE A 1 42  ? -4.658  0.693   3.617   1.00   15.74 ? 227  PHE A CD1 1 
ATOM   344  C CD2 . PHE A 1 42  ? -3.589  2.153   5.150   1.00   15.73 ? 227  PHE A CD2 1 
ATOM   345  C CE1 . PHE A 1 42  ? -3.407  0.463   3.004   1.00   15.01 ? 227  PHE A CE1 1 
ATOM   346  C CE2 . PHE A 1 42  ? -2.380  1.930   4.568   1.00   17.43 ? 227  PHE A CE2 1 
ATOM   347  C CZ  . PHE A 1 42  ? -2.281  1.050   3.495   1.00   15.92 ? 227  PHE A CZ  1 
ATOM   348  N N   . GLU A 1 43  ? -8.769  3.479   6.169   1.00   18.86 ? 228  GLU A N   1 
ATOM   349  C CA  . GLU A 1 43  ? -10.165 3.449   6.609   1.00   20.68 ? 228  GLU A CA  1 
ATOM   350  C C   . GLU A 1 43  ? -11.182 3.844   5.514   1.00   21.08 ? 228  GLU A C   1 
ATOM   351  O O   . GLU A 1 43  ? -12.310 3.365   5.503   1.00   21.98 ? 228  GLU A O   1 
ATOM   352  C CB  . GLU A 1 43  ? -10.333 4.342   7.848   1.00   22.36 ? 228  GLU A CB  1 
ATOM   353  C CG  . GLU A 1 43  ? -11.670 4.157   8.560   1.00   26.59 ? 228  GLU A CG  1 
ATOM   354  C CD  . GLU A 1 43  ? -11.944 2.726   9.045   1.00   31.44 ? 228  GLU A CD  1 
ATOM   355  O OE1 . GLU A 1 43  ? -11.053 2.083   9.635   1.00   35.70 ? 228  GLU A OE1 1 
ATOM   356  O OE2 . GLU A 1 43  ? -13.090 2.248   8.884   1.00   35.54 ? 228  GLU A OE2 1 
ATOM   357  N N   . GLN A 1 44  ? -10.793 4.701   4.572   1.00   19.98 ? 229  GLN A N   1 
ATOM   358  C CA  . GLN A 1 44  ? -11.670 5.109   3.471   1.00   21.72 ? 229  GLN A CA  1 
ATOM   359  C C   . GLN A 1 44  ? -11.993 4.006   2.483   1.00   21.63 ? 229  GLN A C   1 
ATOM   360  O O   . GLN A 1 44  ? -12.918 4.147   1.662   1.00   23.97 ? 229  GLN A O   1 
ATOM   361  C CB  . GLN A 1 44  ? -10.996 6.189   2.618   1.00   23.13 ? 229  GLN A CB  1 
ATOM   362  C CG  . GLN A 1 44  ? -10.770 7.515   3.230   1.00   26.11 ? 229  GLN A CG  1 
ATOM   363  C CD  . GLN A 1 44  ? -11.961 8.043   3.943   1.00   30.63 ? 229  GLN A CD  1 
ATOM   364  O OE1 . GLN A 1 44  ? -12.900 8.519   3.319   1.00   36.82 ? 229  GLN A OE1 1 
ATOM   365  N NE2 . GLN A 1 44  ? -11.948 7.942   5.264   1.00   35.64 ? 229  GLN A NE2 1 
ATOM   366  N N   . LEU A 1 45  ? -11.177 2.953   2.454   1.00   20.66 ? 230  LEU A N   1 
ATOM   367  C CA  . LEU A 1 45  ? -11.324 1.950   1.408   1.00   20.60 ? 230  LEU A CA  1 
ATOM   368  C C   . LEU A 1 45  ? -12.602 1.160   1.580   1.00   22.30 ? 230  LEU A C   1 
ATOM   369  O O   . LEU A 1 45  ? -13.199 0.716   0.590   1.00   23.47 ? 230  LEU A O   1 
ATOM   370  C CB  . LEU A 1 45  ? -10.142 0.983   1.424   1.00   18.98 ? 230  LEU A CB  1 
ATOM   371  C CG  . LEU A 1 45  ? -8.803  1.554   0.987   1.00   16.75 ? 230  LEU A CG  1 
ATOM   372  C CD1 . LEU A 1 45  ? -7.679  0.602   1.305   1.00   18.90 ? 230  LEU A CD1 1 
ATOM   373  C CD2 . LEU A 1 45  ? -8.859  1.889   -0.507  1.00   17.97 ? 230  LEU A CD2 1 
ATOM   374  N N   . LYS A 1 46  ? -13.016 0.937   2.807   1.00   24.01 ? 231  LYS A N   1 
ATOM   375  C CA  . LYS A 1 46  ? -14.233 0.126   3.003   1.00   25.52 ? 231  LYS A CA  1 
ATOM   376  C C   . LYS A 1 46  ? -14.049 -1.232  2.313   1.00   24.65 ? 231  LYS A C   1 
ATOM   377  O O   . LYS A 1 46  ? -14.947 -1.753  1.675   1.00   26.01 ? 231  LYS A O   1 
ATOM   378  C CB  . LYS A 1 46  ? -15.500 0.844   2.479   1.00   26.50 ? 231  LYS A CB  1 
ATOM   379  C CG  . LYS A 1 46  ? -15.681 2.277   2.975   1.00   28.96 ? 231  LYS A CG  1 
ATOM   380  C CD  . LYS A 1 46  ? -17.128 2.803   2.824   1.00   32.44 ? 231  LYS A CD  1 
ATOM   381  C CE  . LYS A 1 46  ? -17.585 2.884   1.381   1.00   34.35 ? 231  LYS A CE  1 
ATOM   382  N NZ  . LYS A 1 46  ? -18.738 3.873   1.177   1.00   34.78 ? 231  LYS A NZ  1 
ATOM   383  N N   . MET A 1 47  ? -12.849 -1.801  2.460   1.00   22.61 ? 232  MET A N   1 
ATOM   384  C CA  . MET A 1 47  ? -12.506 -3.168  2.024   1.00   20.82 ? 232  MET A CA  1 
ATOM   385  C C   . MET A 1 47  ? -12.168 -4.003  3.268   1.00   19.24 ? 232  MET A C   1 
ATOM   386  O O   . MET A 1 47  ? -11.613 -3.480  4.202   1.00   19.29 ? 232  MET A O   1 
ATOM   387  C CB  . MET A 1 47  ? -11.241 -3.138  1.155   1.00   20.09 ? 232  MET A CB  1 
ATOM   388  C CG  . MET A 1 47  ? -11.445 -2.548  -0.227  1.00   19.10 ? 232  MET A CG  1 
ATOM   389  S SD  . MET A 1 47  ? -9.909  -2.221  -1.100  1.00   17.95 ? 232  MET A SD  1 
ATOM   390  C CE  . MET A 1 47  ? -9.301  -3.840  -1.342  1.00   17.71 ? 232  MET A CE  1 
ATOM   391  N N   . ASN A 1 48  ? -12.417 -5.301  3.221   1.00   18.91 ? 233  ASN A N   1 
ATOM   392  C CA  . ASN A 1 48  ? -11.934 -6.141  4.318   1.00   18.47 ? 233  ASN A CA  1 
ATOM   393  C C   . ASN A 1 48  ? -10.408 -6.199  4.305   1.00   17.07 ? 233  ASN A C   1 
ATOM   394  O O   . ASN A 1 48  ? -9.748  -5.961  3.291   1.00   16.47 ? 233  ASN A O   1 
ATOM   395  C CB  . ASN A 1 48  ? -12.628 -7.502  4.359   1.00   19.02 ? 233  ASN A CB  1 
ATOM   396  C CG  . ASN A 1 48  ? -12.258 -8.421  3.248   1.00   20.31 ? 233  ASN A CG  1 
ATOM   397  O OD1 . ASN A 1 48  ? -11.107 -8.599  2.936   1.00   21.38 ? 233  ASN A OD1 1 
ATOM   398  N ND2 . ASN A 1 48  ? -13.278 -9.064  2.643   1.00   23.05 ? 233  ASN A ND2 1 
ATOM   399  N N   . LEU A 1 49  ? -9.817  -6.477  5.456   1.00   16.50 ? 234  LEU A N   1 
ATOM   400  C CA  . LEU A 1 49  ? -8.391  -6.414  5.581   1.00   17.29 ? 234  LEU A CA  1 
ATOM   401  C C   . LEU A 1 49  ? -7.690  -7.419  4.693   1.00   16.81 ? 234  LEU A C   1 
ATOM   402  O O   . LEU A 1 49  ? -6.639  -7.122  4.169   1.00   16.01 ? 234  LEU A O   1 
ATOM   403  C CB  . LEU A 1 49  ? -7.985  -6.607  7.050   1.00   18.01 ? 234  LEU A CB  1 
ATOM   404  C CG  . LEU A 1 49  ? -6.501  -6.414  7.364   1.00   20.00 ? 234  LEU A CG  1 
ATOM   405  C CD1 . LEU A 1 49  ? -6.011  -5.031  6.998   1.00   23.03 ? 234  LEU A CD1 1 
ATOM   406  C CD2 . LEU A 1 49  ? -6.224  -6.743  8.854   1.00   21.68 ? 234  LEU A CD2 1 
ATOM   407  N N   . ASP A 1 50  ? -8.266  -8.595  4.521   1.00   16.63 ? 235  ASP A N   1 
ATOM   408  C CA  . ASP A 1 50  ? -7.657  -9.610  3.687   1.00   16.88 ? 235  ASP A CA  1 
ATOM   409  C C   . ASP A 1 50  ? -7.499  -9.095  2.256   1.00   16.75 ? 235  ASP A C   1 
ATOM   410  O O   . ASP A 1 50  ? -6.430  -9.237  1.685   1.00   16.79 ? 235  ASP A O   1 
ATOM   411  C CB  . ASP A 1 50  ? -8.490  -10.901 3.745   1.00   18.06 ? 235  ASP A CB  1 
ATOM   412  C CG  . ASP A 1 50  ? -7.947  -12.015 2.880   1.00   19.61 ? 235  ASP A CG  1 
ATOM   413  O OD1 . ASP A 1 50  ? -6.719  -12.234 2.863   1.00   17.96 ? 235  ASP A OD1 1 
ATOM   414  O OD2 . ASP A 1 50  ? -8.724  -12.728 2.192   1.00   26.01 ? 235  ASP A OD2 1 
ATOM   415  N N   . ASP A 1 51  ? -8.542  -8.479  1.727   1.00   16.95 ? 236  ASP A N   1 
ATOM   416  C CA  . ASP A 1 51  ? -8.492  -7.938  0.352   1.00   17.41 ? 236  ASP A CA  1 
ATOM   417  C C   . ASP A 1 51  ? -7.419  -6.851  0.240   1.00   16.40 ? 236  ASP A C   1 
ATOM   418  O O   . ASP A 1 51  ? -6.705  -6.751  -0.769  1.00   17.05 ? 236  ASP A O   1 
ATOM   419  C CB  . ASP A 1 51  ? -9.846  -7.390  -0.064  1.00   17.87 ? 236  ASP A CB  1 
ATOM   420  C CG  . ASP A 1 51  ? -10.870 -8.475  -0.359  1.00   20.35 ? 236  ASP A CG  1 
ATOM   421  O OD1 . ASP A 1 51  ? -10.505 -9.650  -0.553  1.00   22.70 ? 236  ASP A OD1 1 
ATOM   422  O OD2 . ASP A 1 51  ? -12.071 -8.175  -0.483  1.00   25.33 ? 236  ASP A OD2 1 
ATOM   423  N N   . ILE A 1 52  ? -7.266  -6.035  1.278   1.00   15.82 ? 237  ILE A N   1 
ATOM   424  C CA  . ILE A 1 52  ? -6.256  -4.978  1.272   1.00   15.21 ? 237  ILE A CA  1 
ATOM   425  C C   . ILE A 1 52  ? -4.851  -5.582  1.251   1.00   15.44 ? 237  ILE A C   1 
ATOM   426  O O   . ILE A 1 52  ? -3.968  -5.177  0.499   1.00   15.19 ? 237  ILE A O   1 
ATOM   427  C CB  . ILE A 1 52  ? -6.430  -4.025  2.477   1.00   15.59 ? 237  ILE A CB  1 
ATOM   428  C CG1 . ILE A 1 52  ? -7.802  -3.355  2.422   1.00   15.13 ? 237  ILE A CG1 1 
ATOM   429  C CG2 . ILE A 1 52  ? -5.299  -3.000  2.540   1.00   14.80 ? 237  ILE A CG2 1 
ATOM   430  C CD1 . ILE A 1 52  ? -8.123  -2.532  3.652   1.00   15.55 ? 237  ILE A CD1 1 
ATOM   431  N N   . VAL A 1 53  ? -4.647  -6.580  2.116   1.00   15.60 ? 238  VAL A N   1 
ATOM   432  C CA  . VAL A 1 53  ? -3.377  -7.238  2.231   1.00   16.64 ? 238  VAL A CA  1 
ATOM   433  C C   . VAL A 1 53  ? -2.982  -7.955  0.937   1.00   16.42 ? 238  VAL A C   1 
ATOM   434  O O   . VAL A 1 53  ? -1.847  -7.865  0.481   1.00   16.28 ? 238  VAL A O   1 
ATOM   435  C CB  . VAL A 1 53  ? -3.405  -8.240  3.450   1.00   16.71 ? 238  VAL A CB  1 
ATOM   436  C CG1 . VAL A 1 53  ? -2.204  -9.174  3.414   1.00   17.72 ? 238  VAL A CG1 1 
ATOM   437  C CG2 . VAL A 1 53  ? -3.444  -7.458  4.773   1.00   17.99 ? 238  VAL A CG2 1 
ATOM   438  N N   . LYS A 1 54  ? -3.951  -8.625  0.332   1.00   17.03 ? 239  LYS A N   1 
ATOM   439  C CA  . LYS A 1 54  ? -3.698  -9.332  -0.925  1.00   18.00 ? 239  LYS A CA  1 
ATOM   440  C C   . LYS A 1 54  ? -3.257  -8.359  -2.025  1.00   18.20 ? 239  LYS A C   1 
ATOM   441  O O   . LYS A 1 54  ? -2.320  -8.641  -2.798  1.00   18.89 ? 239  LYS A O   1 
ATOM   442  C CB  . LYS A 1 54  ? -4.930  -10.098 -1.341  1.00   19.32 ? 239  LYS A CB  1 
ATOM   443  C CG  . LYS A 1 54  ? -5.330  -11.291 -0.470  1.00   23.88 ? 239  LYS A CG  1 
ATOM   444  C CD  . LYS A 1 54  ? -4.561  -12.486 -0.784  1.00   25.47 ? 239  LYS A CD  1 
ATOM   445  C CE  . LYS A 1 54  ? -5.229  -13.735 -0.165  1.00   24.30 ? 239  LYS A CE  1 
ATOM   446  N NZ  . LYS A 1 54  ? -5.063  -13.801 1.352   1.00   22.36 ? 239  LYS A NZ  1 
ATOM   447  N N   . GLU A 1 55  ? -3.869  -7.177  -2.073  1.00   17.83 ? 240  GLU A N   1 
ATOM   448  C CA  . GLU A 1 55  ? -3.481  -6.219  -3.096  1.00   17.56 ? 240  GLU A CA  1 
ATOM   449  C C   . GLU A 1 55  ? -2.129  -5.579  -2.752  1.00   17.34 ? 240  GLU A C   1 
ATOM   450  O O   . GLU A 1 55  ? -1.323  -5.318  -3.608  1.00   17.48 ? 240  GLU A O   1 
ATOM   451  C CB  . GLU A 1 55  ? -4.566  -5.151  -3.271  1.00   17.75 ? 240  GLU A CB  1 
ATOM   452  C CG  . GLU A 1 55  ? -4.358  -4.251  -4.500  1.00   17.08 ? 240  GLU A CG  1 
ATOM   453  C CD  . GLU A 1 55  ? -4.285  -5.059  -5.795  1.00   19.44 ? 240  GLU A CD  1 
ATOM   454  O OE1 . GLU A 1 55  ? -5.289  -5.703  -6.138  1.00   21.36 ? 240  GLU A OE1 1 
ATOM   455  O OE2 . GLU A 1 55  ? -3.192  -5.086  -6.424  1.00   20.48 ? 240  GLU A OE2 1 
ATOM   456  N N   . ALA A 1 56  ? -1.853  -5.332  -1.476  1.00   16.74 ? 241  ALA A N   1 
ATOM   457  C CA  . ALA A 1 56  ? -0.600  -4.750  -1.058  1.00   17.17 ? 241  ALA A CA  1 
ATOM   458  C C   . ALA A 1 56  ? 0.625   -5.567  -1.471  1.00   18.54 ? 241  ALA A C   1 
ATOM   459  O O   . ALA A 1 56  ? 1.644   -4.998  -1.801  1.00   18.93 ? 241  ALA A O   1 
ATOM   460  C CB  . ALA A 1 56  ? -0.636  -4.570  0.471   1.00   17.23 ? 241  ALA A CB  1 
ATOM   461  N N   . LYS A 1 57  ? 0.509   -6.888  -1.364  1.00   19.96 ? 242  LYS A N   1 
ATOM   462  C CA  . LYS A 1 57  ? 1.578   -7.808  -1.734  1.00   22.46 ? 242  LYS A CA  1 
ATOM   463  C C   . LYS A 1 57  ? 2.013   -7.683  -3.173  1.00   23.14 ? 242  LYS A C   1 
ATOM   464  O O   . LYS A 1 57  ? 3.086   -8.174  -3.534  1.00   24.54 ? 242  LYS A O   1 
ATOM   465  C CB  . LYS A 1 57  ? 1.098   -9.262  -1.565  1.00   23.65 ? 242  LYS A CB  1 
ATOM   466  C CG  . LYS A 1 57  ? 1.024   -9.720  -0.209  1.00   25.81 ? 242  LYS A CG  1 
ATOM   467  C CD  . LYS A 1 57  ? 0.861   -11.261 -0.115  1.00   28.40 ? 242  LYS A CD  1 
ATOM   468  C CE  . LYS A 1 57  ? -0.279  -11.853 -0.888  1.00   28.17 ? 242  LYS A CE  1 
ATOM   469  N NZ  . LYS A 1 57  ? -0.582  -13.282 -0.408  1.00   26.20 ? 242  LYS A NZ  1 
ATOM   470  N N   . ASN A 1 58  ? 1.136   -7.136  -4.010  1.00   22.78 ? 243  ASN A N   1 
ATOM   471  C CA  . ASN A 1 58  ? 1.432   -6.889  -5.426  1.00   24.29 ? 243  ASN A CA  1 
ATOM   472  C C   . ASN A 1 58  ? 2.353   -5.723  -5.689  1.00   24.01 ? 243  ASN A C   1 
ATOM   473  O O   . ASN A 1 58  ? 2.897   -5.610  -6.804  1.00   26.65 ? 243  ASN A O   1 
ATOM   474  C CB  . ASN A 1 58  ? 0.148   -6.654  -6.239  1.00   24.14 ? 243  ASN A CB  1 
ATOM   475  C CG  . ASN A 1 58  ? -0.693  -7.887  -6.381  1.00   25.14 ? 243  ASN A CG  1 
ATOM   476  O OD1 . ASN A 1 58  ? -0.182  -9.024  -6.335  1.00   27.63 ? 243  ASN A OD1 1 
ATOM   477  N ND2 . ASN A 1 58  ? -1.991  -7.694  -6.541  1.00   22.65 ? 243  ASN A ND2 1 
ATOM   478  N N   . VAL A 1 59  ? 2.520   -4.820  -4.728  1.00   23.35 ? 244  VAL A N   1 
ATOM   479  C CA  . VAL A 1 59  ? 3.367   -3.651  -4.896  1.00   24.15 ? 244  VAL A CA  1 
ATOM   480  C C   . VAL A 1 59  ? 4.807   -4.204  -4.862  1.00   25.98 ? 244  VAL A C   1 
ATOM   481  O O   . VAL A 1 59  ? 5.180   -4.856  -3.880  1.00   25.57 ? 244  VAL A O   1 
ATOM   482  C CB  . VAL A 1 59  ? 3.119   -2.596  -3.804  1.00   23.59 ? 244  VAL A CB  1 
ATOM   483  C CG1 . VAL A 1 59  ? 4.083   -1.445  -3.888  1.00   24.75 ? 244  VAL A CG1 1 
ATOM   484  C CG2 . VAL A 1 59  ? 1.690   -2.063  -3.922  1.00   21.59 ? 244  VAL A CG2 1 
ATOM   485  N N   A PRO A 1 60  ? 5.637   -3.780  -5.826  0.20   26.38 ? 245  PRO A N   1 
ATOM   486  N N   B PRO A 1 60  ? 5.571   -4.062  -5.944  0.60   27.36 ? 245  PRO A N   1 
ATOM   487  N N   C PRO A 1 60  ? 5.572   -4.050  -5.945  0.20   26.34 ? 245  PRO A N   1 
ATOM   488  C CA  A PRO A 1 60  ? 7.021   -4.260  -5.942  0.20   26.82 ? 245  PRO A CA  1 
ATOM   489  C CA  B PRO A 1 60  ? 6.873   -4.740  -5.996  0.60   27.62 ? 245  PRO A CA  1 
ATOM   490  C CA  C PRO A 1 60  ? 6.926   -4.620  -5.995  0.20   26.74 ? 245  PRO A CA  1 
ATOM   491  C C   A PRO A 1 60  ? 7.762   -4.131  -4.641  0.20   26.96 ? 245  PRO A C   1 
ATOM   492  C C   B PRO A 1 60  ? 7.787   -4.235  -4.871  0.60   27.23 ? 245  PRO A C   1 
ATOM   493  C C   C PRO A 1 60  ? 7.799   -4.194  -4.816  0.20   26.91 ? 245  PRO A C   1 
ATOM   494  O O   A PRO A 1 60  ? 7.673   -3.074  -4.010  0.20   26.92 ? 245  PRO A O   1 
ATOM   495  O O   B PRO A 1 60  ? 7.840   -3.056  -4.615  0.60   27.32 ? 245  PRO A O   1 
ATOM   496  O O   C PRO A 1 60  ? 7.852   -3.018  -4.481  0.20   27.11 ? 245  PRO A O   1 
ATOM   497  C CB  A PRO A 1 60  ? 7.658   -3.303  -6.960  0.20   26.67 ? 245  PRO A CB  1 
ATOM   498  C CB  B PRO A 1 60  ? 7.413   -4.399  -7.394  0.60   27.78 ? 245  PRO A CB  1 
ATOM   499  C CB  C PRO A 1 60  ? 7.482   -4.070  -7.309  0.20   26.71 ? 245  PRO A CB  1 
ATOM   500  C CG  A PRO A 1 60  ? 6.552   -2.688  -7.694  0.20   26.79 ? 245  PRO A CG  1 
ATOM   501  C CG  B PRO A 1 60  ? 6.600   -3.243  -7.880  0.60   28.13 ? 245  PRO A CG  1 
ATOM   502  C CG  C PRO A 1 60  ? 6.280   -3.885  -8.149  0.20   26.05 ? 245  PRO A CG  1 
ATOM   503  C CD  A PRO A 1 60  ? 5.319   -2.777  -6.857  0.20   26.52 ? 245  PRO A CD  1 
ATOM   504  C CD  B PRO A 1 60  ? 5.293   -3.271  -7.155  0.60   28.01 ? 245  PRO A CD  1 
ATOM   505  C CD  C PRO A 1 60  ? 5.228   -3.370  -7.208  0.20   26.55 ? 245  PRO A CD  1 
ATOM   506  N N   . GLY A 1 61  ? 8.465   -5.166  -4.193  1.00   27.50 ? 246  GLY A N   1 
ATOM   507  C CA  . GLY A 1 61  ? 9.299   -4.931  -3.028  1.00   27.07 ? 246  GLY A CA  1 
ATOM   508  C C   . GLY A 1 61  ? 8.619   -5.133  -1.674  1.00   26.06 ? 246  GLY A C   1 
ATOM   509  O O   . GLY A 1 61  ? 9.275   -5.327  -0.646  1.00   27.10 ? 246  GLY A O   1 
ATOM   510  N N   . VAL A 1 62  ? 7.283   -5.048  -1.639  1.00   24.41 ? 247  VAL A N   1 
ATOM   511  C CA  . VAL A 1 62  ? 6.574   -5.094  -0.365  1.00   22.70 ? 247  VAL A CA  1 
ATOM   512  C C   . VAL A 1 62  ? 6.622   -6.487  0.288   1.00   21.70 ? 247  VAL A C   1 
ATOM   513  O O   . VAL A 1 62  ? 6.801   -6.588  1.488   1.00   20.74 ? 247  VAL A O   1 
ATOM   514  C CB  . VAL A 1 62  ? 5.093   -4.602  -0.535  1.00   22.63 ? 247  VAL A CB  1 
ATOM   515  C CG1 . VAL A 1 62  ? 4.241   -4.868  0.719   1.00   22.37 ? 247  VAL A CG1 1 
ATOM   516  C CG2 . VAL A 1 62  ? 5.114   -3.133  -0.905  1.00   25.29 ? 247  VAL A CG2 1 
ATOM   517  N N   . THR A 1 63  ? 6.519   -7.528  -0.505  1.00   22.34 ? 248  THR A N   1 
ATOM   518  C CA  . THR A 1 63  ? 6.633   -8.887  0.021   1.00   22.24 ? 248  THR A CA  1 
ATOM   519  C C   . THR A 1 63  ? 8.007   -9.111  0.647   1.00   23.01 ? 248  THR A C   1 
ATOM   520  O O   . THR A 1 63  ? 8.101   -9.674  1.734   1.00   22.33 ? 248  THR A O   1 
ATOM   521  C CB  . THR A 1 63  ? 6.323   -9.881  -1.122  1.00   23.10 ? 248  THR A CB  1 
ATOM   522  O OG1 . THR A 1 63  ? 4.935   -9.764  -1.519  1.00   23.48 ? 248  THR A OG1 1 
ATOM   523  C CG2 . THR A 1 63  ? 6.498   -11.350 -0.687  1.00   23.96 ? 248  THR A CG2 1 
ATOM   524  N N   . ARG A 1 64  ? 9.065   -8.679  -0.035  1.00   23.01 ? 249  ARG A N   1 
ATOM   525  C CA  . ARG A 1 64  ? 10.435  -8.823  0.495   1.00   23.70 ? 249  ARG A CA  1 
ATOM   526  C C   . ARG A 1 64  ? 10.620  -8.068  1.799   1.00   23.71 ? 249  ARG A C   1 
ATOM   527  O O   . ARG A 1 64  ? 11.142  -8.605  2.783   1.00   23.31 ? 249  ARG A O   1 
ATOM   528  C CB  . ARG A 1 64  ? 11.438  -8.337  -0.567  1.00   25.16 ? 249  ARG A CB  1 
ATOM   529  C CG  . ARG A 1 64  ? 12.905  -8.248  -0.138  1.00   28.49 ? 249  ARG A CG  1 
ATOM   530  C CD  . ARG A 1 64  ? 13.813  -7.668  -1.217  1.00   33.01 ? 249  ARG A CD  1 
ATOM   531  N NE  . ARG A 1 64  ? 13.354  -6.602  -1.728  0.0000 33.24 ? 249  ARG A NE  1 
ATOM   532  C CZ  . ARG A 1 64  ? 13.363  -5.444  -1.073  0.0000 34.54 ? 249  ARG A CZ  1 
ATOM   533  N NH1 . ARG A 1 64  ? 13.898  -5.331  0.143   0.0000 34.11 ? 249  ARG A NH1 1 
ATOM   534  N NH2 . ARG A 1 64  ? 12.834  -4.376  -1.648  0.0000 34.86 ? 249  ARG A NH2 1 
ATOM   535  N N   . LEU A 1 65  ? 10.134  -6.829  1.844   1.00   21.98 ? 250  LEU A N   1 
ATOM   536  C CA  . LEU A 1 65  ? 10.274  -6.025  3.036   1.00   22.42 ? 250  LEU A CA  1 
ATOM   537  C C   . LEU A 1 65  ? 9.531   -6.693  4.191   1.00   22.13 ? 250  LEU A C   1 
ATOM   538  O O   . LEU A 1 65  ? 10.048  -6.782  5.286   1.00   22.65 ? 250  LEU A O   1 
ATOM   539  C CB  . LEU A 1 65  ? 9.728   -4.608  2.785   1.00   22.34 ? 250  LEU A CB  1 
ATOM   540  C CG  . LEU A 1 65  ? 10.606  -3.757  1.851   1.00   22.65 ? 250  LEU A CG  1 
ATOM   541  C CD1 . LEU A 1 65  ? 9.787   -2.572  1.388   1.00   25.15 ? 250  LEU A CD1 1 
ATOM   542  C CD2 . LEU A 1 65  ? 11.844  -3.301  2.564   1.00   24.39 ? 250  LEU A CD2 1 
ATOM   543  N N   . ALA A 1 66  ? 8.307   -7.143  3.934   1.00   22.03 ? 251  ALA A N   1 
ATOM   544  C CA  . ALA A 1 66  ? 7.500   -7.776  4.967   1.00   22.42 ? 251  ALA A CA  1 
ATOM   545  C C   . ALA A 1 66  ? 8.133   -9.080  5.438   1.00   23.75 ? 251  ALA A C   1 
ATOM   546  O O   . ALA A 1 66  ? 8.128   -9.387  6.626   1.00   24.21 ? 251  ALA A O   1 
ATOM   547  C CB  . ALA A 1 66  ? 6.075   -8.035  4.459   1.00   22.10 ? 251  ALA A CB  1 
ATOM   548  N N   . HIS A 1 67  ? 8.691   -9.837  4.502   1.00   24.08 ? 252  HIS A N   1 
ATOM   549  C CA  . HIS A 1 67  ? 9.361   -11.093 4.846   1.00   26.07 ? 252  HIS A CA  1 
ATOM   550  C C   . HIS A 1 67  ? 10.493  -10.810 5.819   1.00   26.74 ? 252  HIS A C   1 
ATOM   551  O O   . HIS A 1 67  ? 10.688  -11.543 6.793   1.00   27.75 ? 252  HIS A O   1 
ATOM   552  C CB  . HIS A 1 67  ? 9.895   -11.743 3.581   1.00   26.06 ? 252  HIS A CB  1 
ATOM   553  C CG  . HIS A 1 67  ? 10.757  -12.938 3.826   1.00   29.21 ? 252  HIS A CG  1 
ATOM   554  N ND1 . HIS A 1 67  ? 10.271  -14.226 3.770   1.00   33.55 ? 252  HIS A ND1 1 
ATOM   555  C CD2 . HIS A 1 67  ? 12.076  -13.038 4.114   1.00   33.85 ? 252  HIS A CD2 1 
ATOM   556  C CE1 . HIS A 1 67  ? 11.260  -15.072 4.010   1.00   34.65 ? 252  HIS A CE1 1 
ATOM   557  N NE2 . HIS A 1 67  ? 12.364  -14.377 4.227   1.00   35.43 ? 252  HIS A NE2 1 
ATOM   558  N N   . ASP A 1 68  ? 11.227  -9.733  5.565   1.00   26.93 ? 253  ASP A N   1 
ATOM   559  C CA  . ASP A 1 68  ? 12.350  -9.323  6.408   1.00   28.23 ? 253  ASP A CA  1 
ATOM   560  C C   . ASP A 1 68  ? 11.966  -8.600  7.713   1.00   28.08 ? 253  ASP A C   1 
ATOM   561  O O   . ASP A 1 68  ? 12.844  -8.286  8.524   1.00   29.88 ? 253  ASP A O   1 
ATOM   562  C CB  . ASP A 1 68  ? 13.305  -8.413  5.620   1.00   29.01 ? 253  ASP A CB  1 
ATOM   563  C CG  . ASP A 1 68  ? 13.974  -9.106  4.429   1.00   31.16 ? 253  ASP A CG  1 
ATOM   564  O OD1 . ASP A 1 68  ? 14.014  -10.356 4.358   1.00   34.24 ? 253  ASP A OD1 1 
ATOM   565  O OD2 . ASP A 1 68  ? 14.481  -8.455  3.493   1.00   36.32 ? 253  ASP A OD2 1 
ATOM   566  N N   . GLY A 1 69  ? 10.682  -8.297  7.913   1.00   27.42 ? 254  GLY A N   1 
ATOM   567  C CA  . GLY A 1 69  ? 10.240  -7.547  9.077   1.00   27.41 ? 254  GLY A CA  1 
ATOM   568  C C   . GLY A 1 69  ? 10.554  -6.056  9.018   1.00   26.96 ? 254  GLY A C   1 
ATOM   569  O O   . GLY A 1 69  ? 10.617  -5.373  10.051  1.00   27.59 ? 254  GLY A O   1 
ATOM   570  N N   . SER A 1 70  ? 10.743  -5.538  7.807   1.00   26.15 ? 255  SER A N   1 
ATOM   571  C CA  . SER A 1 70  ? 11.045  -4.133  7.580   1.00   25.53 ? 255  SER A CA  1 
ATOM   572  C C   . SER A 1 70  ? 9.765   -3.337  7.326   1.00   24.84 ? 255  SER A C   1 
ATOM   573  O O   . SER A 1 70  ? 8.747   -3.891  6.931   1.00   23.73 ? 255  SER A O   1 
ATOM   574  C CB  . SER A 1 70  ? 11.942  -3.980  6.359   1.00   26.32 ? 255  SER A CB  1 
ATOM   575  O OG  . SER A 1 70  ? 13.173  -4.654  6.566   1.00   29.99 ? 255  SER A OG  1 
ATOM   576  N N   . LYS A 1 71  ? 9.847   -2.037  7.532   1.00   23.98 ? 256  LYS A N   1 
ATOM   577  C CA  . LYS A 1 71  ? 8.727   -1.142  7.276   1.00   23.52 ? 256  LYS A CA  1 
ATOM   578  C C   . LYS A 1 71  ? 8.382   -1.105  5.790   1.00   22.28 ? 256  LYS A C   1 
ATOM   579  O O   . LYS A 1 71  ? 9.254   -0.985  4.938   1.00   21.92 ? 256  LYS A O   1 
ATOM   580  C CB  . LYS A 1 71  ? 9.067   0.267   7.749   1.00   24.52 ? 256  LYS A CB  1 
ATOM   581  C CG  . LYS A 1 71  ? 9.154   0.396   9.271   1.00   28.71 ? 256  LYS A CG  1 
ATOM   582  C CD  . LYS A 1 71  ? 9.340   1.820   9.714   1.00   33.63 ? 256  LYS A CD  1 
ATOM   583  C CE  . LYS A 1 71  ? 9.414   1.890   11.242  1.00   37.32 ? 256  LYS A CE  1 
ATOM   584  N NZ  . LYS A 1 71  ? 8.962   3.205   11.776  1.00   39.80 ? 256  LYS A NZ  1 
ATOM   585  N N   . ILE A 1 72  ? 7.087   -1.223  5.493   1.00   19.87 ? 257  ILE A N   1 
ATOM   586  C CA  . ILE A 1 72  ? 6.594   -1.118  4.132   1.00   19.35 ? 257  ILE A CA  1 
ATOM   587  C C   . ILE A 1 72  ? 6.176   0.312   3.796   1.00   18.47 ? 257  ILE A C   1 
ATOM   588  O O   . ILE A 1 72  ? 5.844   1.093   4.678   1.00   19.14 ? 257  ILE A O   1 
ATOM   589  C CB  . ILE A 1 72  ? 5.472   -2.142  3.846   1.00   19.33 ? 257  ILE A CB  1 
ATOM   590  C CG1 . ILE A 1 72  ? 4.158   -1.788  4.552   1.00   19.92 ? 257  ILE A CG1 1 
ATOM   591  C CG2 . ILE A 1 72  ? 5.928   -3.516  4.196   1.00   19.79 ? 257  ILE A CG2 1 
ATOM   592  C CD1 . ILE A 1 72  ? 3.040   -2.788  4.264   1.00   21.81 ? 257  ILE A CD1 1 
ATOM   593  N N   . PRO A 1 73  ? 6.213   0.664   2.514   1.00   18.80 ? 258  PRO A N   1 
ATOM   594  C CA  . PRO A 1 73  ? 5.813   1.999   2.071   1.00   18.08 ? 258  PRO A CA  1 
ATOM   595  C C   . PRO A 1 73  ? 4.304   2.187   2.070   1.00   17.86 ? 258  PRO A C   1 
ATOM   596  O O   . PRO A 1 73  ? 3.637   1.962   1.078   1.00   17.61 ? 258  PRO A O   1 
ATOM   597  C CB  . PRO A 1 73  ? 6.396   2.084   0.660   1.00   18.32 ? 258  PRO A CB  1 
ATOM   598  C CG  . PRO A 1 73  ? 6.508   0.708   0.197   1.00   19.09 ? 258  PRO A CG  1 
ATOM   599  C CD  . PRO A 1 73  ? 6.765   -0.152  1.416   1.00   19.53 ? 258  PRO A CD  1 
ATOM   600  N N   . LEU A 1 74  ? 3.770   2.621   3.205   1.00   17.29 ? 259  LEU A N   1 
ATOM   601  C CA  . LEU A 1 74  ? 2.334   2.615   3.416   1.00   17.26 ? 259  LEU A CA  1 
ATOM   602  C C   . LEU A 1 74  ? 1.573   3.573   2.534   1.00   16.63 ? 259  LEU A C   1 
ATOM   603  O O   . LEU A 1 74  ? 0.507   3.257   2.024   1.00   16.43 ? 259  LEU A O   1 
ATOM   604  C CB  . LEU A 1 74  ? 1.997   2.896   4.886   1.00   17.41 ? 259  LEU A CB  1 
ATOM   605  C CG  . LEU A 1 74  ? 2.378   1.734   5.805   1.00   18.23 ? 259  LEU A CG  1 
ATOM   606  C CD1 . LEU A 1 74  ? 2.363   2.247   7.238   1.00   22.58 ? 259  LEU A CD1 1 
ATOM   607  C CD2 . LEU A 1 74  ? 1.418   0.605   5.624   1.00   20.32 ? 259  LEU A CD2 1 
ATOM   608  N N   . ARG A 1 75  ? 2.093   4.772   2.332   1.00   17.73 ? 260  ARG A N   1 
ATOM   609  C CA  . ARG A 1 75  ? 1.393   5.708   1.447   1.00   17.97 ? 260  ARG A CA  1 
ATOM   610  C C   . ARG A 1 75  ? 1.293   5.153   0.014   1.00   17.13 ? 260  ARG A C   1 
ATOM   611  O O   . ARG A 1 75  ? 0.267   5.293   -0.644  1.00   17.17 ? 260  ARG A O   1 
ATOM   612  C CB  . ARG A 1 75  ? 2.067   7.083   1.389   1.00   19.50 ? 260  ARG A CB  1 
ATOM   613  C CG  . ARG A 1 75  ? 1.265   7.934   0.413   1.00   23.87 ? 260  ARG A CG  1 
ATOM   614  C CD  . ARG A 1 75  ? 1.642   9.284   0.238   1.00   27.86 ? 260  ARG A CD  1 
ATOM   615  N NE  . ARG A 1 75  ? 3.020   9.417   -0.205  1.00   26.04 ? 260  ARG A NE  1 
ATOM   616  C CZ  . ARG A 1 75  ? 3.550   10.591  -0.406  1.00   25.48 ? 260  ARG A CZ  1 
ATOM   617  N NH1 . ARG A 1 75  ? 2.801   11.662  -0.281  1.00   26.92 ? 260  ARG A NH1 1 
ATOM   618  N NH2 . ARG A 1 75  ? 4.816   10.697  -0.739  1.00   24.47 ? 260  ARG A NH2 1 
ATOM   619  N N   . CYS A 1 76  ? 2.387   4.582   -0.459  1.00   16.52 ? 261  CYS A N   1 
ATOM   620  C CA  . CYS A 1 76  ? 2.404   3.954   -1.774  1.00   16.55 ? 261  CYS A CA  1 
ATOM   621  C C   . CYS A 1 76  ? 1.395   2.811   -1.875  1.00   16.39 ? 261  CYS A C   1 
ATOM   622  O O   . CYS A 1 76  ? 0.617   2.745   -2.791  1.00   16.49 ? 261  CYS A O   1 
ATOM   623  C CB  . CYS A 1 76  ? 3.804   3.427   -2.041  1.00   16.85 ? 261  CYS A CB  1 
ATOM   624  S SG  . CYS A 1 76  ? 3.986   2.627   -3.618  1.00   20.33 ? 261  CYS A SG  1 
ATOM   625  N N   . VAL A 1 77  ? 1.402   1.922   -0.885  1.00   16.12 ? 262  VAL A N   1 
ATOM   626  C CA  . VAL A 1 77  ? 0.457   0.821   -0.835  1.00   15.74 ? 262  VAL A CA  1 
ATOM   627  C C   . VAL A 1 77  ? -0.990  1.338   -0.850  1.00   15.05 ? 262  VAL A C   1 
ATOM   628  O O   . VAL A 1 77  ? -1.831  0.853   -1.578  1.00   15.07 ? 262  VAL A O   1 
ATOM   629  C CB  . VAL A 1 77  ? 0.699   -0.054  0.403   1.00   16.22 ? 262  VAL A CB  1 
ATOM   630  C CG1 . VAL A 1 77  ? -0.450  -0.993  0.649   1.00   16.89 ? 262  VAL A CG1 1 
ATOM   631  C CG2 . VAL A 1 77  ? 2.018   -0.849  0.235   1.00   17.34 ? 262  VAL A CG2 1 
ATOM   632  N N   . LEU A 1 78  ? -1.279  2.328   -0.008  1.00   15.13 ? 263  LEU A N   1 
ATOM   633  C CA  . LEU A 1 78  ? -2.618  2.878   0.040   1.00   15.20 ? 263  LEU A CA  1 
ATOM   634  C C   . LEU A 1 78  ? -3.030  3.447   -1.314  1.00   14.98 ? 263  LEU A C   1 
ATOM   635  O O   . LEU A 1 78  ? -4.160  3.235   -1.783  1.00   14.89 ? 263  LEU A O   1 
ATOM   636  C CB  . LEU A 1 78  ? -2.692  3.953   1.120   1.00   15.20 ? 263  LEU A CB  1 
ATOM   637  C CG  . LEU A 1 78  ? -4.026  4.696   1.231   1.00   14.88 ? 263  LEU A CG  1 
ATOM   638  C CD1 . LEU A 1 78  ? -5.199  3.779   1.416   1.00   15.26 ? 263  LEU A CD1 1 
ATOM   639  C CD2 . LEU A 1 78  ? -3.956  5.726   2.339   1.00   16.24 ? 263  LEU A CD2 1 
ATOM   640  N N   . GLY A 1 79  ? -2.132  4.205   -1.912  1.00   15.63 ? 264  GLY A N   1 
ATOM   641  C CA  . GLY A 1 79  ? -2.396  4.781   -3.217  1.00   15.10 ? 264  GLY A CA  1 
ATOM   642  C C   . GLY A 1 79  ? -2.733  3.730   -4.254  1.00   14.83 ? 264  GLY A C   1 
ATOM   643  O O   . GLY A 1 79  ? -3.665  3.881   -5.060  1.00   15.17 ? 264  GLY A O   1 
ATOM   644  N N   . TRP A 1 80  ? -1.967  2.652   -4.229  1.00   15.29 ? 265  TRP A N   1 
ATOM   645  C CA  . TRP A 1 80  ? -2.182  1.551   -5.164  1.00   14.87 ? 265  TRP A CA  1 
ATOM   646  C C   . TRP A 1 80  ? -3.501  0.822   -4.936  1.00   14.90 ? 265  TRP A C   1 
ATOM   647  O O   . TRP A 1 80  ? -4.285  0.590   -5.856  1.00   15.97 ? 265  TRP A O   1 
ATOM   648  C CB  . TRP A 1 80  ? -1.011  0.567   -5.126  1.00   15.69 ? 265  TRP A CB  1 
ATOM   649  C CG  . TRP A 1 80  ? -1.141  -0.587  -6.038  1.00   15.01 ? 265  TRP A CG  1 
ATOM   650  C CD1 . TRP A 1 80  ? -1.483  -1.852  -5.715  1.00   15.89 ? 265  TRP A CD1 1 
ATOM   651  C CD2 . TRP A 1 80  ? -0.972  -0.560  -7.454  1.00   14.77 ? 265  TRP A CD2 1 
ATOM   652  N NE1 . TRP A 1 80  ? -1.520  -2.642  -6.851  1.00   17.82 ? 265  TRP A NE1 1 
ATOM   653  C CE2 . TRP A 1 80  ? -1.172  -1.868  -7.924  1.00   15.97 ? 265  TRP A CE2 1 
ATOM   654  C CE3 . TRP A 1 80  ? -0.601  0.427   -8.358  1.00   16.97 ? 265  TRP A CE3 1 
ATOM   655  C CZ2 . TRP A 1 80  ? -1.065  -2.187  -9.281  1.00   18.01 ? 265  TRP A CZ2 1 
ATOM   656  C CZ3 . TRP A 1 80  ? -0.479  0.079   -9.734  1.00   16.61 ? 265  TRP A CZ3 1 
ATOM   657  C CH2 . TRP A 1 80  ? -0.705  -1.223  -10.138 1.00   17.67 ? 265  TRP A CH2 1 
ATOM   658  N N   . VAL A 1 81  ? -3.759  0.459   -3.693  1.00   14.96 ? 266  VAL A N   1 
ATOM   659  C CA  . VAL A 1 81  ? -4.958  -0.263  -3.380  1.00   15.50 ? 266  VAL A CA  1 
ATOM   660  C C   . VAL A 1 81  ? -6.178  0.632   -3.646  1.00   13.99 ? 266  VAL A C   1 
ATOM   661  O O   . VAL A 1 81  ? -7.183  0.158   -4.158  1.00   15.55 ? 266  VAL A O   1 
ATOM   662  C CB  . VAL A 1 81  ? -4.946  -0.760  -1.929  1.00   15.39 ? 266  VAL A CB  1 
ATOM   663  C CG1 . VAL A 1 81  ? -6.228  -1.466  -1.561  1.00   17.24 ? 266  VAL A CG1 1 
ATOM   664  C CG2 . VAL A 1 81  ? -3.747  -1.711  -1.677  1.00   15.47 ? 266  VAL A CG2 1 
ATOM   665  N N   . ALA A 1 82  ? -6.083  1.918   -3.321  1.00   14.60 ? 267  ALA A N   1 
ATOM   666  C CA  . ALA A 1 82  ? -7.189  2.843   -3.578  1.00   14.78 ? 267  ALA A CA  1 
ATOM   667  C C   . ALA A 1 82  ? -7.406  3.014   -5.075  1.00   14.63 ? 267  ALA A C   1 
ATOM   668  O O   . ALA A 1 82  ? -8.521  3.049   -5.555  1.00   15.46 ? 267  ALA A O   1 
ATOM   669  C CB  . ALA A 1 82  ? -6.963  4.183   -2.892  1.00   15.13 ? 267  ALA A CB  1 
ATOM   670  N N   . LEU A 1 83  ? -6.319  3.099   -5.834  1.00   14.96 ? 268  LEU A N   1 
ATOM   671  C CA  . LEU A 1 83  ? -6.449  3.222   -7.273  1.00   15.15 ? 268  LEU A CA  1 
ATOM   672  C C   . LEU A 1 83  ? -7.146  1.984   -7.836  1.00   15.81 ? 268  LEU A C   1 
ATOM   673  O O   . LEU A 1 83  ? -7.961  2.103   -8.729  1.00   16.61 ? 268  LEU A O   1 
ATOM   674  C CB  . LEU A 1 83  ? -5.078  3.414   -7.906  1.00   15.71 ? 268  LEU A CB  1 
ATOM   675  C CG  . LEU A 1 83  ? -5.062  3.546   -9.431  1.00   15.78 ? 268  LEU A CG  1 
ATOM   676  C CD1 . LEU A 1 83  ? -5.799  4.789   -9.844  1.00   16.53 ? 268  LEU A CD1 1 
ATOM   677  C CD2 . LEU A 1 83  ? -3.617  3.600   -9.884  1.00   16.21 ? 268  LEU A CD2 1 
ATOM   678  N N   . ALA A 1 84  ? -6.800  0.807   -7.340  1.00   16.16 ? 269  ALA A N   1 
ATOM   679  C CA  . ALA A 1 84  ? -7.429  -0.426  -7.836  1.00   17.03 ? 269  ALA A CA  1 
ATOM   680  C C   . ALA A 1 84  ? -8.882  -0.566  -7.441  1.00   18.01 ? 269  ALA A C   1 
ATOM   681  O O   . ALA A 1 84  ? -9.624  -1.273  -8.105  1.00   19.16 ? 269  ALA A O   1 
ATOM   682  C CB  . ALA A 1 84  ? -6.659  -1.667  -7.394  1.00   17.85 ? 269  ALA A CB  1 
ATOM   683  N N   . ASN A 1 85  ? -9.303  0.087   -6.356  1.00   16.43 ? 270  ASN A N   1 
ATOM   684  C CA  . ASN A 1 85  ? -10.598 -0.218  -5.742  1.00   16.67 ? 270  ASN A CA  1 
ATOM   685  C C   . ASN A 1 85  ? -11.622 0.907   -5.529  1.00   16.70 ? 270  ASN A C   1 
ATOM   686  O O   . ASN A 1 85  ? -12.821 0.657   -5.597  1.00   19.44 ? 270  ASN A O   1 
ATOM   687  C CB  . ASN A 1 85  ? -10.338 -0.887  -4.399  1.00   17.07 ? 270  ASN A CB  1 
ATOM   688  C CG  . ASN A 1 85  ? -9.811  -2.290  -4.548  1.00   16.95 ? 270  ASN A CG  1 
ATOM   689  O OD1 . ASN A 1 85  ? -10.598 -3.233  -4.755  1.00   19.65 ? 270  ASN A OD1 1 
ATOM   690  N ND2 . ASN A 1 85  ? -8.510  -2.457  -4.467  1.00   16.06 ? 270  ASN A ND2 1 
ATOM   691  N N   . SER A 1 86  ? -11.172 2.116   -5.232  1.00   16.48 ? 271  SER A N   1 
ATOM   692  C CA  . SER A 1 86  ? -12.037 3.185   -4.702  1.00   16.53 ? 271  SER A CA  1 
ATOM   693  C C   . SER A 1 86  ? -12.406 4.226   -5.757  1.00   17.02 ? 271  SER A C   1 
ATOM   694  O O   . SER A 1 86  ? -11.552 4.960   -6.229  1.00   16.68 ? 271  SER A O   1 
ATOM   695  C CB  . SER A 1 86  ? -11.354 3.871   -3.519  1.00   16.83 ? 271  SER A CB  1 
ATOM   696  O OG  . SER A 1 86  ? -12.089 5.003   -3.082  1.00   18.55 ? 271  SER A OG  1 
ATOM   697  N N   . LYS A 1 87  ? -13.667 4.273   -6.160  1.00   17.16 ? 272  LYS A N   1 
ATOM   698  C CA  . LYS A 1 87  ? -14.125 5.281   -7.116  1.00   17.18 ? 272  LYS A CA  1 
ATOM   699  C C   . LYS A 1 87  ? -13.934 6.717   -6.618  1.00   17.27 ? 272  LYS A C   1 
ATOM   700  O O   . LYS A 1 87  ? -13.511 7.581   -7.356  1.00   17.82 ? 272  LYS A O   1 
ATOM   701  C CB  . LYS A 1 87  ? -15.577 5.035   -7.538  1.00   18.47 ? 272  LYS A CB  1 
ATOM   702  C CG  . LYS A 1 87  ? -16.081 6.017   -8.581  1.00   18.02 ? 272  LYS A CG  1 
ATOM   703  C CD  . LYS A 1 87  ? -15.326 5.915   -9.917  1.00   20.71 ? 272  LYS A CD  1 
ATOM   704  C CE  . LYS A 1 87  ? -15.486 4.591   -10.585 1.00   23.32 ? 272  LYS A CE  1 
ATOM   705  N NZ  . LYS A 1 87  ? -14.893 4.603   -11.986 1.00   24.64 ? 272  LYS A NZ  1 
ATOM   706  N N   . LYS A 1 88  ? -14.213 6.982   -5.348  1.00   17.74 ? 273  LYS A N   1 
ATOM   707  C CA  . LYS A 1 88  ? -13.989 8.322   -4.817  1.00   17.79 ? 273  LYS A CA  1 
ATOM   708  C C   . LYS A 1 88  ? -12.523 8.742   -4.988  1.00   16.94 ? 273  LYS A C   1 
ATOM   709  O O   . LYS A 1 88  ? -12.229 9.851   -5.425  1.00   16.86 ? 273  LYS A O   1 
ATOM   710  C CB  . LYS A 1 88  ? -14.377 8.407   -3.332  1.00   18.85 ? 273  LYS A CB  1 
ATOM   711  C CG  . LYS A 1 88  ? -14.141 9.727   -2.676  1.00   20.14 ? 273  LYS A CG  1 
ATOM   712  C CD  . LYS A 1 88  ? -14.767 9.804   -1.282  1.00   25.31 ? 273  LYS A CD  1 
ATOM   713  C CE  . LYS A 1 88  ? -13.952 9.104   -0.268  1.00   29.40 ? 273  LYS A CE  1 
ATOM   714  N NZ  . LYS A 1 88  ? -14.397 9.484   1.129   1.00   29.10 ? 273  LYS A NZ  1 
ATOM   715  N N   . PHE A 1 89  ? -11.595 7.827   -4.690  1.00   16.08 ? 274  PHE A N   1 
ATOM   716  C CA  . PHE A 1 89  ? -10.169 8.095   -4.856  1.00   16.09 ? 274  PHE A CA  1 
ATOM   717  C C   . PHE A 1 89  ? -9.840  8.408   -6.336  1.00   16.44 ? 274  PHE A C   1 
ATOM   718  O O   . PHE A 1 89  ? -9.103  9.341   -6.634  1.00   16.69 ? 274  PHE A O   1 
ATOM   719  C CB  . PHE A 1 89  ? -9.340  6.904   -4.350  1.00   16.10 ? 274  PHE A CB  1 
ATOM   720  C CG  . PHE A 1 89  ? -7.866  7.126   -4.390  1.00   15.91 ? 274  PHE A CG  1 
ATOM   721  C CD1 . PHE A 1 89  ? -7.181  7.705   -3.314  1.00   15.33 ? 274  PHE A CD1 1 
ATOM   722  C CD2 . PHE A 1 89  ? -7.135  6.725   -5.498  1.00   16.23 ? 274  PHE A CD2 1 
ATOM   723  C CE1 . PHE A 1 89  ? -5.816  7.877   -3.329  1.00   15.46 ? 274  PHE A CE1 1 
ATOM   724  C CE2 . PHE A 1 89  ? -5.754  6.902   -5.498  1.00   17.03 ? 274  PHE A CE2 1 
ATOM   725  C CZ  . PHE A 1 89  ? -5.111  7.472   -4.441  1.00   15.91 ? 274  PHE A CZ  1 
ATOM   726  N N   . GLN A 1 90  ? -10.358 7.583   -7.241  1.00   16.65 ? 275  GLN A N   1 
ATOM   727  C CA  . GLN A 1 90  ? -10.155 7.795   -8.658  1.00   17.10 ? 275  GLN A CA  1 
ATOM   728  C C   . GLN A 1 90  ? -10.569 9.209   -9.062  1.00   17.15 ? 275  GLN A C   1 
ATOM   729  O O   . GLN A 1 90  ? -9.880  9.856   -9.840  1.00   17.37 ? 275  GLN A O   1 
ATOM   730  C CB  . GLN A 1 90  ? -10.962 6.813   -9.469  1.00   17.09 ? 275  GLN A CB  1 
ATOM   731  C CG  . GLN A 1 90  ? -10.796 7.000   -10.986 1.00   17.54 ? 275  GLN A CG  1 
ATOM   732  C CD  . GLN A 1 90  ? -11.786 6.200   -11.808 1.00   17.67 ? 275  GLN A CD  1 
ATOM   733  O OE1 . GLN A 1 90  ? -12.112 5.048   -11.507 1.00   19.20 ? 275  GLN A OE1 1 
ATOM   734  N NE2 . GLN A 1 90  ? -12.274 6.825   -12.881 1.00   19.07 ? 275  GLN A NE2 1 
ATOM   735  N N   . LEU A 1 91  ? -11.696 9.676   -8.551  1.00   17.81 ? 276  LEU A N   1 
ATOM   736  C CA  . LEU A 1 91  ? -12.220 10.967  -8.972  1.00   18.05 ? 276  LEU A CA  1 
ATOM   737  C C   . LEU A 1 91  ? -11.462 12.112  -8.375  1.00   17.98 ? 276  LEU A C   1 
ATOM   738  O O   . LEU A 1 91  ? -11.430 13.204  -8.964  1.00   18.93 ? 276  LEU A O   1 
ATOM   739  C CB  . LEU A 1 91  ? -13.720 11.075  -8.673  1.00   18.35 ? 276  LEU A CB  1 
ATOM   740  C CG  . LEU A 1 91  ? -14.644 10.067  -9.352  1.00   19.69 ? 276  LEU A CG  1 
ATOM   741  C CD1 . LEU A 1 91  ? -16.105 10.402  -9.123  1.00   20.41 ? 276  LEU A CD1 1 
ATOM   742  C CD2 . LEU A 1 91  ? -14.382 9.934   -10.832 1.00   22.93 ? 276  LEU A CD2 1 
ATOM   743  N N   . LEU A 1 92  ? -10.858 11.894  -7.210  1.00   17.64 ? 277  LEU A N   1 
ATOM   744  C CA  . LEU A 1 92  ? -10.063 12.912  -6.548  1.00   17.68 ? 277  LEU A CA  1 
ATOM   745  C C   . LEU A 1 92  ? -8.649  13.061  -7.097  1.00   17.42 ? 277  LEU A C   1 
ATOM   746  O O   . LEU A 1 92  ? -8.058  14.143  -7.039  1.00   19.02 ? 277  LEU A O   1 
ATOM   747  C CB  . LEU A 1 92  ? -9.974  12.627  -5.052  1.00   18.25 ? 277  LEU A CB  1 
ATOM   748  C CG  . LEU A 1 92  ? -11.260 12.842  -4.266  1.00   19.85 ? 277  LEU A CG  1 
ATOM   749  C CD1 . LEU A 1 92  ? -11.138 12.214  -2.894  1.00   21.73 ? 277  LEU A CD1 1 
ATOM   750  C CD2 . LEU A 1 92  ? -11.521 14.338  -4.179  1.00   22.09 ? 277  LEU A CD2 1 
ATOM   751  N N   . VAL A 1 93  ? -8.076  11.958  -7.574  1.00   16.97 ? 278  VAL A N   1 
ATOM   752  C CA  . VAL A 1 93  ? -6.626  11.885  -7.811  1.00   16.72 ? 278  VAL A CA  1 
ATOM   753  C C   . VAL A 1 93  ? -6.258  12.247  -9.257  1.00   15.89 ? 278  VAL A C   1 
ATOM   754  O O   . VAL A 1 93  ? -7.047  12.061  -10.188 1.00   17.72 ? 278  VAL A O   1 
ATOM   755  C CB  . VAL A 1 93  ? -6.113  10.455  -7.486  1.00   16.29 ? 278  VAL A CB  1 
ATOM   756  C CG1 . VAL A 1 93  ? -6.441  9.438   -8.613  1.00   16.02 ? 278  VAL A CG1 1 
ATOM   757  C CG2 . VAL A 1 93  ? -4.651  10.436  -7.111  1.00   17.65 ? 278  VAL A CG2 1 
ATOM   758  N N   . GLU A 1 94  ? -5.049  12.787  -9.399  1.00   17.05 ? 279  GLU A N   1 
ATOM   759  C CA  . GLU A 1 94  ? -4.411  12.957  -10.705 1.00   17.19 ? 279  GLU A CA  1 
ATOM   760  C C   . GLU A 1 94  ? -3.440  11.797  -10.901 1.00   16.82 ? 279  GLU A C   1 
ATOM   761  O O   . GLU A 1 94  ? -2.464  11.662  -10.206 1.00   17.07 ? 279  GLU A O   1 
ATOM   762  C CB  . GLU A 1 94  ? -3.717  14.301  -10.849 1.00   18.42 ? 279  GLU A CB  1 
ATOM   763  C CG  . GLU A 1 94  ? -3.109  14.429  -12.217 1.00   20.41 ? 279  GLU A CG  1 
ATOM   764  C CD  . GLU A 1 94  ? -2.676  15.826  -12.594 1.00   23.58 ? 279  GLU A CD  1 
ATOM   765  O OE1 . GLU A 1 94  ? -3.192  16.806  -12.030 1.00   24.28 ? 279  GLU A OE1 1 
ATOM   766  O OE2 . GLU A 1 94  ? -1.824  15.922  -13.505 1.00   22.16 ? 279  GLU A OE2 1 
ATOM   767  N N   . ALA A 1 95  ? -3.785  10.924  -11.838 1.00   16.96 ? 280  ALA A N   1 
ATOM   768  C CA  . ALA A 1 95  ? -3.071  9.683   -12.047 1.00   17.55 ? 280  ALA A CA  1 
ATOM   769  C C   . ALA A 1 95  ? -1.603  9.841   -12.390 1.00   17.26 ? 280  ALA A C   1 
ATOM   770  O O   . ALA A 1 95  ? -0.774  9.123   -11.866 1.00   16.99 ? 280  ALA A O   1 
ATOM   771  C CB  . ALA A 1 95  ? -3.737  8.911   -13.153 1.00   17.38 ? 280  ALA A CB  1 
ATOM   772  N N   . ASP A 1 96  ? -1.262  10.773  -13.273 1.00   18.54 ? 281  ASP A N   1 
ATOM   773  C CA  . ASP A 1 96  ? 0.140   10.909  -13.649 1.00   18.35 ? 281  ASP A CA  1 
ATOM   774  C C   . ASP A 1 96  ? 1.002   11.323  -12.460 1.00   18.96 ? 281  ASP A C   1 
ATOM   775  O O   . ASP A 1 96  ? 2.111   10.829  -12.290 1.00   20.04 ? 281  ASP A O   1 
ATOM   776  C CB  . ASP A 1 96  ? 0.340   11.868  -14.833 1.00   19.06 ? 281  ASP A CB  1 
ATOM   777  C CG  . ASP A 1 96  ? 0.075   13.332  -14.477 1.00   20.75 ? 281  ASP A CG  1 
ATOM   778  O OD1 . ASP A 1 96  ? -1.105  13.721  -14.436 1.00   24.57 ? 281  ASP A OD1 1 
ATOM   779  O OD2 . ASP A 1 96  ? 0.995   14.146  -14.250 1.00   26.12 ? 281  ASP A OD2 1 
ATOM   780  N N   . LYS A 1 97  ? 0.478   12.209  -11.607 1.00   17.93 ? 282  LYS A N   1 
ATOM   781  C CA  . LYS A 1 97  ? 1.200   12.614  -10.412 1.00   18.31 ? 282  LYS A CA  1 
ATOM   782  C C   . LYS A 1 97  ? 1.238   11.487  -9.370  1.00   17.45 ? 282  LYS A C   1 
ATOM   783  O O   . LYS A 1 97  ? 2.240   11.311  -8.668  1.00   18.02 ? 282  LYS A O   1 
ATOM   784  C CB  . LYS A 1 97  ? 0.528   13.861  -9.807  1.00   18.55 ? 282  LYS A CB  1 
ATOM   785  C CG  . LYS A 1 97  ? 0.681   15.093  -10.662 1.00   21.63 ? 282  LYS A CG  1 
ATOM   786  C CD  . LYS A 1 97  ? -0.047  16.286  -10.041 1.00   26.27 ? 282  LYS A CD  1 
ATOM   787  C CE  . LYS A 1 97  ? 0.261   17.571  -10.789 1.00   29.49 ? 282  LYS A CE  1 
ATOM   788  N NZ  . LYS A 1 97  ? 0.071   18.753  -9.919  1.00   31.71 ? 282  LYS A NZ  1 
ATOM   789  N N   . LEU A 1 98  ? 0.157   10.718  -9.261  1.00   16.37 ? 283  LEU A N   1 
ATOM   790  C CA  . LEU A 1 98  ? 0.148   9.534   -8.386  1.00   16.62 ? 283  LEU A CA  1 
ATOM   791  C C   . LEU A 1 98  ? 1.219   8.529   -8.771  1.00   16.90 ? 283  LEU A C   1 
ATOM   792  O O   . LEU A 1 98  ? 1.927   8.039   -7.913  1.00   17.36 ? 283  LEU A O   1 
ATOM   793  C CB  . LEU A 1 98  ? -1.217  8.887   -8.387  1.00   16.56 ? 283  LEU A CB  1 
ATOM   794  C CG  . LEU A 1 98  ? -1.343  7.699   -7.426  1.00   16.72 ? 283  LEU A CG  1 
ATOM   795  C CD1 . LEU A 1 98  ? -1.306  8.145   -5.954  1.00   19.23 ? 283  LEU A CD1 1 
ATOM   796  C CD2 . LEU A 1 98  ? -2.596  6.911   -7.682  1.00   15.65 ? 283  LEU A CD2 1 
ATOM   797  N N   . SER A 1 99  ? 1.376   8.278   -10.071 1.00   16.87 ? 284  SER A N   1 
ATOM   798  C CA  . SER A 1 99  ? 2.434   7.368   -10.552 1.00   17.44 ? 284  SER A CA  1 
ATOM   799  C C   . SER A 1 99  ? 3.790   7.795   -10.029 1.00   17.73 ? 284  SER A C   1 
ATOM   800  O O   . SER A 1 99  ? 4.595   6.989   -9.565  1.00   18.60 ? 284  SER A O   1 
ATOM   801  C CB  . SER A 1 99  ? 2.437   7.368   -12.082 1.00   17.87 ? 284  SER A CB  1 
ATOM   802  O OG  . SER A 1 99  ? 3.504   6.501   -12.538 1.00   18.24 ? 284  SER A OG  1 
ATOM   803  N N   . LYS A 1 100 ? 4.043   9.097   -10.112 1.00   18.11 ? 285  LYS A N   1 
ATOM   804  C CA  . LYS A 1 100 ? 5.347   9.623   -9.748  1.00   20.05 ? 285  LYS A CA  1 
ATOM   805  C C   . LYS A 1 100 ? 5.569   9.517   -8.249  1.00   20.33 ? 285  LYS A C   1 
ATOM   806  O O   . LYS A 1 100 ? 6.624   9.092   -7.794  1.00   21.75 ? 285  LYS A O   1 
ATOM   807  C CB  . LYS A 1 100 ? 5.513   11.060  -10.221 1.00   20.92 ? 285  LYS A CB  1 
ATOM   808  C CG  . LYS A 1 100 ? 6.892   11.628  -9.859  1.00   26.38 ? 285  LYS A CG  1 
ATOM   809  C CD  . LYS A 1 100 ? 7.102   13.036  -10.383 1.00   31.27 ? 285  LYS A CD  1 
ATOM   810  C CE  . LYS A 1 100 ? 8.478   13.582  -10.031 1.00   35.00 ? 285  LYS A CE  1 
ATOM   811  N NZ  . LYS A 1 100 ? 8.715   13.706  -8.552  1.00   37.54 ? 285  LYS A NZ  1 
ATOM   812  N N   . ILE A 1 101 ? 4.571   9.871   -7.452  1.00   21.21 ? 286  ILE A N   1 
ATOM   813  C CA  . ILE A 1 101 ? 4.707   9.786   -5.999  1.00   22.76 ? 286  ILE A CA  1 
ATOM   814  C C   . ILE A 1 101 ? 4.863   8.367   -5.510  1.00   21.84 ? 286  ILE A C   1 
ATOM   815  O O   . ILE A 1 101 ? 5.683   8.099   -4.649  1.00   22.45 ? 286  ILE A O   1 
ATOM   816  C CB  . ILE A 1 101 ? 3.490   10.456  -5.315  1.00   23.54 ? 286  ILE A CB  1 
ATOM   817  C CG1 . ILE A 1 101 ? 3.584   11.966  -5.514  1.00   26.65 ? 286  ILE A CG1 1 
ATOM   818  C CG2 . ILE A 1 101 ? 3.475   10.121  -3.847  1.00   27.46 ? 286  ILE A CG2 1 
ATOM   819  C CD1 . ILE A 1 101 ? 2.270   12.653  -5.443  1.00   30.66 ? 286  ILE A CD1 1 
ATOM   820  N N   . MET A 1 102 ? 4.082   7.447   -6.062  1.00   21.24 ? 287  MET A N   1 
ATOM   821  C CA  . MET A 1 102 ? 4.202   6.047   -5.689  1.00   21.71 ? 287  MET A CA  1 
ATOM   822  C C   . MET A 1 102 ? 5.589   5.513   -6.021  1.00   22.58 ? 287  MET A C   1 
ATOM   823  O O   . MET A 1 102 ? 6.196   4.819   -5.203  1.00   23.37 ? 287  MET A O   1 
ATOM   824  C CB  . MET A 1 102 ? 3.119   5.200   -6.378  1.00   21.18 ? 287  MET A CB  1 
ATOM   825  C CG  . MET A 1 102 ? 1.701   5.397   -5.777  1.00   22.65 ? 287  MET A CG  1 
ATOM   826  S SD  . MET A 1 102 ? 0.406   4.292   -6.442  1.00   22.66 ? 287  MET A SD  1 
ATOM   827  C CE  . MET A 1 102 ? 0.542   4.594   -8.239  1.00   20.95 ? 287  MET A CE  1 
ATOM   828  N N   . GLN A 1 103 ? 6.088   5.838   -7.210  1.00   23.25 ? 288  GLN A N   1 
ATOM   829  C CA  . GLN A 1 103 ? 7.414   5.400   -7.655  1.00   25.32 ? 288  GLN A CA  1 
ATOM   830  C C   . GLN A 1 103 ? 8.503   5.999   -6.770  1.00   26.13 ? 288  GLN A C   1 
ATOM   831  O O   . GLN A 1 103 ? 9.425   5.290   -6.356  1.00   28.03 ? 288  GLN A O   1 
ATOM   832  C CB  . GLN A 1 103 ? 7.619   5.783   -9.130  1.00   25.85 ? 288  GLN A CB  1 
ATOM   833  C CG  . GLN A 1 103 ? 8.423   4.850   -10.005 1.00   28.09 ? 288  GLN A CG  1 
ATOM   834  C CD  . GLN A 1 103 ? 8.027   3.388   -9.920  1.00   21.73 ? 288  GLN A CD  1 
ATOM   835  O OE1 . GLN A 1 103 ? 8.720   2.632   -9.238  1.00   25.04 ? 288  GLN A OE1 1 
ATOM   836  N NE2 . GLN A 1 103 ? 6.959   2.971   -10.650 1.00   18.98 ? 288  GLN A NE2 1 
ATOM   837  N N   . ASP A 1 104 ? 8.404   7.285   -6.459  1.00   25.96 ? 289  ASP A N   1 
ATOM   838  C CA  . ASP A 1 104 ? 9.383   7.940   -5.578  1.00   27.57 ? 289  ASP A CA  1 
ATOM   839  C C   . ASP A 1 104 ? 9.428   7.257   -4.212  1.00   27.58 ? 289  ASP A C   1 
ATOM   840  O O   . ASP A 1 104 ? 10.508  6.919   -3.724  1.00   28.78 ? 289  ASP A O   1 
ATOM   841  C CB  . ASP A 1 104 ? 9.086   9.424   -5.419  1.00   28.03 ? 289  ASP A CB  1 
ATOM   842  C CG  . ASP A 1 104 ? 9.437   10.240  -6.669  1.00   30.86 ? 289  ASP A CG  1 
ATOM   843  O OD1 . ASP A 1 104 ? 10.031  9.689   -7.621  1.00   34.70 ? 289  ASP A OD1 1 
ATOM   844  O OD2 . ASP A 1 104 ? 9.147   11.440  -6.759  1.00   34.54 ? 289  ASP A OD2 1 
ATOM   845  N N   . ASP A 1 105 ? 8.269   6.992   -3.621  1.00   26.24 ? 290  ASP A N   1 
ATOM   846  C CA  . ASP A 1 105 ? 8.214   6.322   -2.322  1.00   26.20 ? 290  ASP A CA  1 
ATOM   847  C C   . ASP A 1 105 ? 8.833   4.933   -2.377  1.00   28.08 ? 290  ASP A C   1 
ATOM   848  O O   . ASP A 1 105 ? 9.580   4.537   -1.497  1.00   26.43 ? 290  ASP A O   1 
ATOM   849  C CB  . ASP A 1 105 ? 6.766   6.110   -1.892  1.00   25.10 ? 290  ASP A CB  1 
ATOM   850  C CG  . ASP A 1 105 ? 6.092   7.331   -1.367  1.00   25.03 ? 290  ASP A CG  1 
ATOM   851  O OD1 . ASP A 1 105 ? 6.639   8.461   -1.371  1.00   24.38 ? 290  ASP A OD1 1 
ATOM   852  O OD2 . ASP A 1 105 ? 4.934   7.222   -0.943  1.00   25.20 ? 290  ASP A OD2 1 
ATOM   853  N N   . LEU A 1 106 ? 8.453   4.188   -3.406  1.00   30.54 ? 291  LEU A N   1 
ATOM   854  C CA  . LEU A 1 106 ? 8.747   2.763   -3.513  1.00   33.60 ? 291  LEU A CA  1 
ATOM   855  C C   . LEU A 1 106 ? 10.204  2.540   -3.823  1.00   35.47 ? 291  LEU A C   1 
ATOM   856  O O   . LEU A 1 106 ? 10.824  1.634   -3.282  1.00   36.35 ? 291  LEU A O   1 
ATOM   857  C CB  . LEU A 1 106 ? 7.927   2.146   -4.644  1.00   32.86 ? 291  LEU A CB  1 
ATOM   858  C CG  . LEU A 1 106 ? 7.300   0.770   -4.524  1.00   36.22 ? 291  LEU A CG  1 
ATOM   859  C CD1 . LEU A 1 106 ? 7.452   0.061   -5.865  1.00   35.01 ? 291  LEU A CD1 1 
ATOM   860  C CD2 . LEU A 1 106 ? 7.797   -0.126  -3.377  1.00   36.41 ? 291  LEU A CD2 1 
ATOM   861  N N   . ASN A 1 107 ? 10.747  3.351   -4.722  1.00   38.04 ? 292  ASN A N   1 
ATOM   862  C CA  . ASN A 1 107 ? 12.166  3.294   -5.025  1.00   39.33 ? 292  ASN A CA  1 
ATOM   863  C C   . ASN A 1 107 ? 12.941  3.572   -3.737  1.00   40.92 ? 292  ASN A C   1 
ATOM   864  O O   . ASN A 1 107 ? 13.945  2.919   -3.449  1.00   40.30 ? 292  ASN A O   1 
ATOM   865  C CB  . ASN A 1 107 ? 12.522  4.294   -6.143  1.00   39.55 ? 292  ASN A CB  1 
ATOM   866  C CG  . ASN A 1 107 ? 11.840  3.959   -7.489  1.00   40.26 ? 292  ASN A CG  1 
ATOM   867  O OD1 . ASN A 1 107 ? 11.354  2.841   -7.710  1.00   38.81 ? 292  ASN A OD1 1 
ATOM   868  N ND2 . ASN A 1 107 ? 11.800  4.939   -8.383  1.00   42.34 ? 292  ASN A ND2 1 
ATOM   869  N N   . ARG A 1 108 ? 12.419  4.503   -2.943  1.00   42.27 ? 293  ARG A N   1 
ATOM   870  C CA  . ARG A 1 108 ? 13.055  4.972   -1.707  1.00   43.63 ? 293  ARG A CA  1 
ATOM   871  C C   . ARG A 1 108 ? 12.870  4.040   -0.483  1.00   44.00 ? 293  ARG A C   1 
ATOM   872  O O   . ARG A 1 108 ? 13.375  4.333   0.605   1.00   45.09 ? 293  ARG A O   1 
ATOM   873  C CB  . ARG A 1 108 ? 12.479  6.349   -1.371  1.00   44.08 ? 293  ARG A CB  1 
ATOM   874  C CG  . ARG A 1 108 ? 13.290  7.202   -0.421  1.00   46.78 ? 293  ARG A CG  1 
ATOM   875  C CD  . ARG A 1 108 ? 12.487  7.845   0.724   1.00   48.87 ? 293  ARG A CD  1 
ATOM   876  N NE  . ARG A 1 108 ? 11.124  8.228   0.348   1.00   49.96 ? 293  ARG A NE  1 
ATOM   877  C CZ  . ARG A 1 108 ? 10.120  8.399   1.213   1.00   51.09 ? 293  ARG A CZ  1 
ATOM   878  N NH1 . ARG A 1 108 ? 10.294  8.244   2.526   1.00   52.10 ? 293  ARG A NH1 1 
ATOM   879  N NH2 . ARG A 1 108 ? 8.920   8.731   0.764   1.00   51.58 ? 293  ARG A NH2 1 
ATOM   880  N N   . TYR A 1 109 ? 12.113  2.959   -0.647  1.00   43.85 ? 294  TYR A N   1 
ATOM   881  C CA  . TYR A 1 109 ? 11.985  1.921   0.384   1.00   43.52 ? 294  TYR A CA  1 
ATOM   882  C C   . TYR A 1 109 ? 12.673  0.624   -0.043  1.00   45.18 ? 294  TYR A C   1 
ATOM   883  O O   . TYR A 1 109 ? 13.118  -0.143  0.803   1.00   45.27 ? 294  TYR A O   1 
ATOM   884  C CB  . TYR A 1 109 ? 10.515  1.606   0.661   1.00   42.60 ? 294  TYR A CB  1 
ATOM   885  C CG  . TYR A 1 109 ? 9.878   2.404   1.775   1.00   37.85 ? 294  TYR A CG  1 
ATOM   886  C CD1 . TYR A 1 109 ? 9.572   3.747   1.602   1.00   34.05 ? 294  TYR A CD1 1 
ATOM   887  C CD2 . TYR A 1 109 ? 9.558   1.809   2.991   1.00   35.14 ? 294  TYR A CD2 1 
ATOM   888  C CE1 . TYR A 1 109 ? 8.964   4.482   2.604   1.00   31.97 ? 294  TYR A CE1 1 
ATOM   889  C CE2 . TYR A 1 109 ? 8.953   2.538   4.002   1.00   33.18 ? 294  TYR A CE2 1 
ATOM   890  C CZ  . TYR A 1 109 ? 8.653   3.869   3.800   1.00   32.43 ? 294  TYR A CZ  1 
ATOM   891  O OH  . TYR A 1 109 ? 8.054   4.606   4.788   1.00   33.51 ? 294  TYR A OH  1 
ATOM   892  N N   . THR A 1 110 ? 12.732  0.360   -1.345  1.00   46.85 ? 295  THR A N   1 
ATOM   893  C CA  . THR A 1 110 ? 13.360  -0.862  -1.849  1.00   48.25 ? 295  THR A CA  1 
ATOM   894  C C   . THR A 1 110 ? 14.778  -0.543  -2.323  1.00   49.64 ? 295  THR A C   1 
ATOM   895  O O   . THR A 1 110 ? 15.310  -1.208  -3.225  1.00   50.18 ? 295  THR A O   1 
ATOM   896  C CB  . THR A 1 110 ? 12.505  -1.499  -2.979  1.00   48.34 ? 295  THR A CB  1 
ATOM   897  O OG1 . THR A 1 110 ? 12.420  -0.618  -4.110  1.00   48.16 ? 295  THR A OG1 1 
ATOM   898  C CG2 . THR A 1 110 ? 11.047  -1.685  -2.536  1.00   48.31 ? 295  THR A CG2 1 
ATOM   899  N N   . SER A 1 111 ? 15.377  0.458   -1.668  1.00   51.00 ? 296  SER A N   1 
ATOM   900  C CA  . SER A 1 111 ? 16.681  1.039   -2.018  1.00   51.99 ? 296  SER A CA  1 
ATOM   901  C C   . SER A 1 111 ? 16.908  2.485   -2.480  1.00   52.29 ? 296  SER A C   1 
ATOM   902  O O   . SER A 1 111 ? 16.616  2.839   -3.627  1.00   53.34 ? 296  SER A O   1 
ATOM   903  C CB  . SER A 1 111 ? 17.858  0.057   -2.170  1.00   52.24 ? 296  SER A CB  1 
ATOM   904  O OG  . SER A 1 111 ? 17.890  -0.859  -1.090  1.00   52.73 ? 296  SER A OG  1 
HETATM 905  C C1  . GOL B 2 .   ? -9.629  20.249  -6.897  1.00   37.27 ? 1297 GOL A C1  1 
HETATM 906  O O1  . GOL B 2 .   ? -9.191  19.748  -5.658  1.00   41.05 ? 1297 GOL A O1  1 
HETATM 907  C C2  . GOL B 2 .   ? -9.390  19.260  -8.031  1.00   34.49 ? 1297 GOL A C2  1 
HETATM 908  O O2  . GOL B 2 .   ? -10.591 19.194  -8.765  1.00   33.66 ? 1297 GOL A O2  1 
HETATM 909  C C3  . GOL B 2 .   ? -8.848  17.957  -7.449  1.00   36.71 ? 1297 GOL A C3  1 
HETATM 910  O O3  . GOL B 2 .   ? -9.368  16.692  -7.794  1.00   37.21 ? 1297 GOL A O3  1 
HETATM 911  C C1  A GOL C 2 .   ? -16.373 2.540   -3.953  0.50   28.89 ? 1298 GOL A C1  1 
HETATM 912  C C1  B GOL C 2 .   ? -15.514 5.218   -2.452  0.50   37.14 ? 1298 GOL A C1  1 
HETATM 913  O O1  A GOL C 2 .   ? -15.690 2.548   -5.184  0.50   25.76 ? 1298 GOL A O1  1 
HETATM 914  O O1  B GOL C 2 .   ? -16.131 5.672   -1.272  0.50   36.98 ? 1298 GOL A O1  1 
HETATM 915  C C2  A GOL C 2 .   ? -15.949 3.673   -3.019  0.50   25.74 ? 1298 GOL A C2  1 
HETATM 916  C C2  B GOL C 2 .   ? -15.543 3.697   -2.525  0.50   36.71 ? 1298 GOL A C2  1 
HETATM 917  O O2  A GOL C 2 .   ? -15.869 4.946   -3.667  0.50   20.71 ? 1298 GOL A O2  1 
HETATM 918  O O2  B GOL C 2 .   ? -14.328 3.195   -1.993  0.50   37.70 ? 1298 GOL A O2  1 
HETATM 919  C C3  A GOL C 2 .   ? -14.695 3.205   -2.287  0.50   28.89 ? 1298 GOL A C3  1 
HETATM 920  C C3  B GOL C 2 .   ? -15.662 3.357   -3.995  0.50   36.99 ? 1298 GOL A C3  1 
HETATM 921  O O3  A GOL C 2 .   ? -13.984 4.235   -1.648  0.50   28.15 ? 1298 GOL A O3  1 
HETATM 922  O O3  B GOL C 2 .   ? -15.393 2.002   -4.280  0.50   38.21 ? 1298 GOL A O3  1 
HETATM 923  C C1  . GOL D 2 .   ? 7.798   -15.913 12.520  1.00   47.51 ? 1300 GOL A C1  1 
HETATM 924  O O1  . GOL D 2 .   ? 6.824   -16.717 13.135  1.00   48.12 ? 1300 GOL A O1  1 
HETATM 925  C C2  . GOL D 2 .   ? 7.565   -15.879 11.031  1.00   45.82 ? 1300 GOL A C2  1 
HETATM 926  O O2  . GOL D 2 .   ? 6.183   -15.961 10.787  1.00   42.13 ? 1300 GOL A O2  1 
HETATM 927  C C3  . GOL D 2 .   ? 8.282   -17.049 10.389  1.00   47.35 ? 1300 GOL A C3  1 
HETATM 928  O O3  . GOL D 2 .   ? 7.776   -18.238 10.936  1.00   50.16 ? 1300 GOL A O3  1 
HETATM 929  C C1  . GOL E 2 .   ? -2.127  14.304  -18.423 1.00   53.21 ? 1301 GOL A C1  1 
HETATM 930  O O1  . GOL E 2 .   ? -1.640  13.874  -19.682 1.00   52.19 ? 1301 GOL A O1  1 
HETATM 931  C C2  . GOL E 2 .   ? -1.064  15.051  -17.616 1.00   53.97 ? 1301 GOL A C2  1 
HETATM 932  O O2  . GOL E 2 .   ? -0.772  16.294  -18.210 1.00   54.68 ? 1301 GOL A O2  1 
HETATM 933  C C3  . GOL E 2 .   ? 0.218   14.235  -17.473 1.00   53.68 ? 1301 GOL A C3  1 
HETATM 934  O O3  . GOL E 2 .   ? 0.953   14.198  -18.668 1.00   56.80 ? 1301 GOL A O3  1 
HETATM 935  C C1  . GOL F 2 .   ? 9.174   -10.192 -3.958  0.50   33.41 ? 1302 GOL A C1  1 
HETATM 936  O O1  . GOL F 2 .   ? 8.396   -10.923 -4.875  0.50   35.81 ? 1302 GOL A O1  1 
HETATM 937  C C2  . GOL F 2 .   ? 9.155   -8.699  -4.239  0.50   31.76 ? 1302 GOL A C2  1 
HETATM 938  O O2  . GOL F 2 .   ? 8.993   -8.030  -3.013  0.50   26.40 ? 1302 GOL A O2  1 
HETATM 939  C C3  . GOL F 2 .   ? 8.078   -8.316  -5.262  0.50   32.24 ? 1302 GOL A C3  1 
HETATM 940  O O3  . GOL F 2 .   ? 8.699   -8.007  -6.497  0.50   34.10 ? 1302 GOL A O3  1 
HETATM 941  O O   . HOH G 3 .   ? 7.607   -14.349 -2.583  1.00   42.22 ? 2001 HOH A O   1 
HETATM 942  O O   . HOH G 3 .   ? 12.164  -32.120 8.369   1.00   18.18 ? 2002 HOH A O   1 
HETATM 943  O O   . HOH G 3 .   ? 15.759  -23.682 5.780   1.00   33.05 ? 2003 HOH A O   1 
HETATM 944  O O   . HOH G 3 .   ? 16.846  -25.814 2.848   1.00   41.50 ? 2004 HOH A O   1 
HETATM 945  O O   . HOH G 3 .   ? 13.503  -22.070 6.380   1.00   35.55 ? 2005 HOH A O   1 
HETATM 946  O O   . HOH G 3 .   ? 2.672   -25.561 3.306   1.00   48.36 ? 2006 HOH A O   1 
HETATM 947  O O   . HOH G 3 .   ? 8.700   -17.869 -0.820  1.00   38.51 ? 2007 HOH A O   1 
HETATM 948  O O   . HOH G 3 .   ? 5.855   -17.500 -0.511  1.00   27.14 ? 2008 HOH A O   1 
HETATM 949  O O   . HOH G 3 .   ? 3.865   -24.219 -0.263  1.00   33.41 ? 2009 HOH A O   1 
HETATM 950  O O   . HOH G 3 .   ? 7.864   -26.461 6.860   1.00   30.34 ? 2010 HOH A O   1 
HETATM 951  O O   . HOH G 3 .   ? 7.881   -18.320 7.154   1.00   36.16 ? 2011 HOH A O   1 
HETATM 952  O O   . HOH G 3 .   ? 3.840   -13.618 -0.166  1.00   28.63 ? 2012 HOH A O   1 
HETATM 953  O O   . HOH G 3 .   ? -1.228  -15.043 7.955   1.00   18.89 ? 2013 HOH A O   1 
HETATM 954  O O   . HOH G 3 .   ? 7.229   -12.649 10.621  1.00   32.53 ? 2014 HOH A O   1 
HETATM 955  O O   . HOH G 3 .   ? 8.790   -13.786 7.249   1.00   39.17 ? 2015 HOH A O   1 
HETATM 956  O O   . HOH G 3 .   ? 9.660   -15.955 8.037   1.00   45.13 ? 2016 HOH A O   1 
HETATM 957  O O   . HOH G 3 .   ? 4.546   -12.843 10.396  1.00   22.13 ? 2017 HOH A O   1 
HETATM 958  O O   . HOH G 3 .   ? 6.899   -5.289  12.297  1.00   36.65 ? 2018 HOH A O   1 
HETATM 959  O O   . HOH G 3 .   ? 8.069   -10.437 9.381   1.00   33.37 ? 2019 HOH A O   1 
HETATM 960  O O   . HOH G 3 .   ? 5.698   -3.464  13.589  1.00   20.21 ? 2020 HOH A O   1 
HETATM 961  O O   . HOH G 3 .   ? 4.793   0.576   9.170   1.00   24.70 ? 2021 HOH A O   1 
HETATM 962  O O   . HOH G 3 .   ? -5.226  1.904   13.552  1.00   22.46 ? 2022 HOH A O   1 
HETATM 963  O O   . HOH G 3 .   ? 2.368   0.896   10.494  1.00   19.84 ? 2023 HOH A O   1 
HETATM 964  O O   . HOH G 3 .   ? 1.792   -0.374  17.310  1.00   31.80 ? 2024 HOH A O   1 
HETATM 965  O O   . HOH G 3 .   ? -1.749  5.826   12.900  1.00   29.95 ? 2025 HOH A O   1 
HETATM 966  O O   . HOH G 3 .   ? -2.164  2.508   15.818  1.00   34.87 ? 2026 HOH A O   1 
HETATM 967  O O   . HOH G 3 .   ? 5.599   -1.507  11.909  1.00   47.68 ? 2027 HOH A O   1 
HETATM 968  O O   . HOH G 3 .   ? 0.936   4.953   12.713  1.00   32.99 ? 2028 HOH A O   1 
HETATM 969  O O   . HOH G 3 .   ? 3.273   4.858   9.965   1.00   35.82 ? 2029 HOH A O   1 
HETATM 970  O O   . HOH G 3 .   ? -7.822  2.562   12.381  1.00   24.92 ? 2030 HOH A O   1 
HETATM 971  O O   . HOH G 3 .   ? -10.535 6.069   11.440  1.00   41.83 ? 2031 HOH A O   1 
HETATM 972  O O   . HOH G 3 .   ? -6.837  9.990   11.334  1.00   43.94 ? 2032 HOH A O   1 
HETATM 973  O O   . HOH G 3 .   ? -4.250  4.428   12.744  1.00   22.14 ? 2033 HOH A O   1 
HETATM 974  O O   . HOH G 3 .   ? -4.040  5.137   6.490   1.00   17.60 ? 2034 HOH A O   1 
HETATM 975  O O   . HOH G 3 .   ? -0.677  11.702  9.061   1.00   38.41 ? 2035 HOH A O   1 
HETATM 976  O O   . HOH G 3 .   ? -3.236  11.247  10.599  1.00   29.11 ? 2036 HOH A O   1 
HETATM 977  O O   . HOH G 3 .   ? 1.106   11.590  6.040   1.00   36.58 ? 2037 HOH A O   1 
HETATM 978  O O   . HOH G 3 .   ? 3.650   5.849   7.528   1.00   30.15 ? 2038 HOH A O   1 
HETATM 979  O O   . HOH G 3 .   ? 1.711   11.762  3.268   1.00   22.95 ? 2039 HOH A O   1 
HETATM 980  O O   . HOH G 3 .   ? 1.007   13.826  -2.580  1.00   41.47 ? 2040 HOH A O   1 
HETATM 981  O O   . HOH G 3 .   ? -1.749  18.016  -7.501  1.00   33.98 ? 2041 HOH A O   1 
HETATM 982  O O   . HOH G 3 .   ? -7.763  19.990  -13.452 1.00   33.55 ? 2042 HOH A O   1 
HETATM 983  O O   . HOH G 3 .   ? -10.855 15.995  -14.535 1.00   22.71 ? 2043 HOH A O   1 
HETATM 984  O O   . HOH G 3 .   ? -4.414  21.478  -1.493  1.00   35.05 ? 2044 HOH A O   1 
HETATM 985  O O   . HOH G 3 .   ? -7.965  19.035  -2.210  1.00   50.31 ? 2045 HOH A O   1 
HETATM 986  O O   . HOH G 3 .   ? -10.643 12.644  0.582   1.00   41.15 ? 2046 HOH A O   1 
HETATM 987  O O   . HOH G 3 .   ? -8.809  16.018  1.898   1.00   29.09 ? 2047 HOH A O   1 
HETATM 988  O O   . HOH G 3 .   ? -10.825 7.947   9.504   1.00   40.58 ? 2048 HOH A O   1 
HETATM 989  O O   . HOH G 3 .   ? -11.134 0.043   5.079   1.00   22.46 ? 2049 HOH A O   1 
HETATM 990  O O   . HOH G 3 .   ? -12.874 0.540   6.893   1.00   27.36 ? 2050 HOH A O   1 
HETATM 991  O O   . HOH G 3 .   ? -10.202 0.861   11.721  1.00   25.43 ? 2051 HOH A O   1 
HETATM 992  O O   . HOH G 3 .   ? -12.867 1.057   -1.794  1.00   27.64 ? 2052 HOH A O   1 
HETATM 993  O O   . HOH G 3 .   ? -11.442 -12.362 2.936   1.00   33.44 ? 2053 HOH A O   1 
HETATM 994  O O   . HOH G 3 .   ? -4.767  -11.468 4.663   1.00   20.71 ? 2054 HOH A O   1 
HETATM 995  O O   . HOH G 3 .   ? -8.325  -15.233 1.435   1.00   32.36 ? 2055 HOH A O   1 
HETATM 996  O O   . HOH G 3 .   ? -12.610 -11.129 0.740   1.00   32.67 ? 2056 HOH A O   1 
HETATM 997  O O   . HOH G 3 .   ? -7.773  -7.448  -3.158  1.00   26.09 ? 2057 HOH A O   1 
HETATM 998  O O   . HOH G 3 .   ? -8.824  -11.653 -0.526  1.00   38.84 ? 2058 HOH A O   1 
HETATM 999  O O   . HOH G 3 .   ? -14.141 -9.491  -1.339  1.00   42.87 ? 2059 HOH A O   1 
HETATM 1000 O O   . HOH G 3 .   ? -13.408 -6.123  0.714   1.00   28.34 ? 2060 HOH A O   1 
HETATM 1001 O O   . HOH G 3 .   ? -1.962  -10.905 -4.199  1.00   29.69 ? 2061 HOH A O   1 
HETATM 1002 O O   . HOH G 3 .   ? -7.642  -5.156  -4.889  1.00   22.15 ? 2062 HOH A O   1 
HETATM 1003 O O   . HOH G 3 .   ? -5.540  -8.588  -5.137  1.00   36.75 ? 2063 HOH A O   1 
HETATM 1004 O O   . HOH G 3 .   ? 5.694   -7.493  -3.377  1.00   26.13 ? 2064 HOH A O   1 
HETATM 1005 O O   . HOH G 3 .   ? 4.194   -9.687  -5.590  1.00   37.52 ? 2065 HOH A O   1 
HETATM 1006 O O   . HOH G 3 .   ? 4.264   -7.885  -7.807  1.00   38.09 ? 2066 HOH A O   1 
HETATM 1007 O O   . HOH G 3 .   ? 3.518   -12.076 -2.508  1.00   32.31 ? 2067 HOH A O   1 
HETATM 1008 O O   . HOH G 3 .   ? 6.162   -14.896 0.188   1.00   31.50 ? 2068 HOH A O   1 
HETATM 1009 O O   . HOH G 3 .   ? 8.682   -14.299 1.370   1.00   34.17 ? 2069 HOH A O   1 
HETATM 1010 O O   . HOH G 3 .   ? 11.145  -6.930  12.846  1.00   45.93 ? 2070 HOH A O   1 
HETATM 1011 O O   . HOH G 3 .   ? -2.437  8.416   12.852  1.00   46.94 ? 2071 HOH A O   1 
HETATM 1012 O O   . HOH G 3 .   ? 14.684  -5.308  4.304   1.00   42.90 ? 2072 HOH A O   1 
HETATM 1013 O O   . HOH G 3 .   ? 11.821  -0.192  5.158   1.00   29.58 ? 2073 HOH A O   1 
HETATM 1014 O O   . HOH G 3 .   ? 12.622  -1.123  8.414   1.00   36.80 ? 2074 HOH A O   1 
HETATM 1015 O O   . HOH G 3 .   ? 5.489   2.918   12.149  1.00   56.12 ? 2075 HOH A O   1 
HETATM 1016 O O   . HOH G 3 .   ? 3.731   10.044  5.982   1.00   44.91 ? 2076 HOH A O   1 
HETATM 1017 O O   . HOH G 3 .   ? 4.951   8.266   7.445   1.00   49.10 ? 2077 HOH A O   1 
HETATM 1018 O O   . HOH G 3 .   ? 3.909   10.318  3.255   1.00   40.60 ? 2078 HOH A O   1 
HETATM 1019 O O   . HOH G 3 .   ? 6.066   2.069   7.204   1.00   28.36 ? 2079 HOH A O   1 
HETATM 1020 O O   . HOH G 3 .   ? -9.912  18.371  -13.282 1.00   31.16 ? 2080 HOH A O   1 
HETATM 1021 O O   . HOH G 3 .   ? 4.633   5.799   3.502   1.00   25.71 ? 2081 HOH A O   1 
HETATM 1022 O O   . HOH G 3 .   ? 3.900   13.910  1.436   1.00   44.15 ? 2082 HOH A O   1 
HETATM 1023 O O   . HOH G 3 .   ? -11.285 15.203  0.449   1.00   35.28 ? 2083 HOH A O   1 
HETATM 1024 O O   . HOH G 3 .   ? -9.936  15.767  4.484   1.00   38.29 ? 2084 HOH A O   1 
HETATM 1025 O O   . HOH G 3 .   ? -14.958 -13.218 3.203   1.00   49.13 ? 2085 HOH A O   1 
HETATM 1026 O O   . HOH G 3 .   ? -9.857  3.966   -8.224  1.00   20.31 ? 2086 HOH A O   1 
HETATM 1027 O O   . HOH G 3 .   ? 1.825   -12.020 -4.500  1.00   45.04 ? 2087 HOH A O   1 
HETATM 1028 O O   . HOH G 3 .   ? -14.006 1.361   -8.612  1.00   25.83 ? 2088 HOH A O   1 
HETATM 1029 O O   . HOH G 3 .   ? -14.093 -1.076  -2.829  1.00   37.05 ? 2089 HOH A O   1 
HETATM 1030 O O   . HOH G 3 .   ? -13.184 -3.210  -3.989  1.00   39.05 ? 2090 HOH A O   1 
HETATM 1031 O O   . HOH G 3 .   ? -13.400 -1.313  -7.846  1.00   40.81 ? 2091 HOH A O   1 
HETATM 1032 O O   . HOH G 3 .   ? -9.673  -5.578  -6.939  1.00   36.03 ? 2092 HOH A O   1 
HETATM 1033 O O   . HOH G 3 .   ? -16.168 6.881   -13.232 1.00   40.14 ? 2093 HOH A O   1 
HETATM 1034 O O   . HOH G 3 .   ? 10.191  -12.411 0.106   1.00   37.89 ? 2094 HOH A O   1 
HETATM 1035 O O   . HOH G 3 .   ? -12.861 11.692  1.733   1.00   45.36 ? 2095 HOH A O   1 
HETATM 1036 O O   . HOH G 3 .   ? -12.308 3.382   -9.267  1.00   19.36 ? 2096 HOH A O   1 
HETATM 1037 O O   . HOH G 3 .   ? 5.076   8.256   3.812   1.00   48.04 ? 2097 HOH A O   1 
HETATM 1038 O O   . HOH G 3 .   ? -1.008  6.693   -14.074 1.00   23.28 ? 2098 HOH A O   1 
HETATM 1039 O O   . HOH G 3 .   ? -3.184  12.061  -15.176 1.00   19.94 ? 2099 HOH A O   1 
HETATM 1040 O O   . HOH G 3 .   ? 1.287   16.741  -14.145 1.00   36.01 ? 2100 HOH A O   1 
HETATM 1041 O O   . HOH G 3 .   ? 3.731   13.740  -8.461  1.00   35.79 ? 2101 HOH A O   1 
HETATM 1042 O O   . HOH G 3 .   ? 8.158   7.896   -11.930 1.00   27.54 ? 2102 HOH A O   1 
HETATM 1043 O O   . HOH G 3 .   ? 5.647   8.010   -12.862 1.00   21.66 ? 2103 HOH A O   1 
HETATM 1044 O O   . HOH G 3 .   ? 2.406   2.321   -10.143 1.00   17.94 ? 2104 HOH A O   1 
HETATM 1045 O O   . HOH G 3 .   ? 9.123   0.012   -9.093  1.00   25.50 ? 2105 HOH A O   1 
HETATM 1046 O O   . HOH G 3 .   ? 4.348   3.889   -11.297 1.00   19.08 ? 2106 HOH A O   1 
HETATM 1047 O O   . HOH G 3 .   ? 8.872   9.997   -1.933  1.00   43.76 ? 2107 HOH A O   1 
HETATM 1048 O O   . HOH G 3 .   ? 4.978   5.076   0.807   1.00   21.11 ? 2108 HOH A O   1 
HETATM 1049 O O   . HOH G 3 .   ? 11.111  0.146   -7.085  1.00   26.02 ? 2109 HOH A O   1 
HETATM 1050 O O   . HOH G 3 .   ? 11.601  4.901   -11.040 1.00   42.09 ? 2110 HOH A O   1 
HETATM 1051 O O   . HOH G 3 .   ? 5.233   4.291   5.639   1.00   30.68 ? 2111 HOH A O   1 
HETATM 1052 O O   . HOH G 3 .   ? 13.915  -0.418  -6.301  1.00   33.51 ? 2112 HOH A O   1 
HETATM 1053 O O   A HOH G 3 .   ? -9.531  17.421  -3.359  0.40   23.96 ? 2113 HOH A O   1 
HETATM 1054 O O   . HOH G 3 .   ? -10.881 15.997  -8.919  1.00   24.65 ? 2114 HOH A O   1 
HETATM 1055 O O   A HOH G 3 .   ? -11.531 18.389  -11.102 0.60   31.75 ? 2115 HOH A O   1 
HETATM 1056 O O   . HOH G 3 .   ? -18.623 4.183   -5.830  1.00   44.09 ? 2116 HOH A O   1 
HETATM 1057 O O   . HOH G 3 .   ? 4.872   -17.927 13.270  1.00   27.63 ? 2117 HOH A O   1 
HETATM 1058 O O   . HOH G 3 .   ? 9.576   -12.334 -2.340  1.00   46.17 ? 2118 HOH A O   1 
HETATM 1059 O O   . HOH G 3 .   ? 5.725   -13.213 -3.942  1.00   42.99 ? 2119 HOH A O   1 
# 
